data_2DR0
#
_entry.id   2DR0
#
_cell.length_a   55.419
_cell.length_b   179.954
_cell.length_c   201.087
_cell.angle_alpha   90.00
_cell.angle_beta   90.00
_cell.angle_gamma   90.00
#
_symmetry.space_group_name_H-M   'P 21 21 21'
#
loop_
_entity.id
_entity.type
_entity.pdbx_description
1 polymer 'Liver carboxylesterase 1'
2 non-polymer 2-acetamido-2-deoxy-beta-D-glucopyranose
3 non-polymer 'N-acetyl-alpha-neuraminic acid'
4 non-polymer 'SULFATE ION'
5 non-polymer 'TAUROCHOLIC ACID'
6 water water
#
_entity_poly.entity_id   1
_entity_poly.type   'polypeptide(L)'
_entity_poly.pdbx_seq_one_letter_code
;HPSSPPVVDTVHGKVLGKFVSLEGFAQPVAIFLGIPFAKPPLGPLRFTPPQPAEPWSFVKNATSYPPMCTQDPKAGQLLS
ELFTNRKENIPLKLSEDCLYLNIYTPADLTKKNRLPVMVWIHGGGLMVGAASTYDGLALAAHENVVVVTIQYRLGIWGFF
STGDEHSRGNWGHLDQVAALRWVQDNIASFGGNPGSVTIFGESAGGESVSVLVLSPLAKNLFHRAISESGVALTSVLVKK
GDVKPLAEQIAITAGCKTTTSAVMVHCLRQKTEEELLETTLKMKFLSLDLQGDPRESQPLLGTVIDGMLLLKTPEELQAE
RNFHTVPYMVGINKQEFGWLIPMLMSYPLSEGQLDQKTAMSLLWKSYPLVCIAKELIPEATEKYLGGTDDTVKKKDLFLD
LIADVMFGVPSVIVARNHRDAGAPTYMYEFQYRPSFSSDMKPKTVIGDHGDELFSVFGAPFLKEGASEEEIRLSKMVMKF
WANFARNGNPNGEGLPHWPEYNQKEGYLQIGANTQAAQKLKDKEVAFWTNLFAKKAVEKPPQ
;
_entity_poly.pdbx_strand_id   A,B,C
#
# COMPACT_ATOMS: atom_id res chain seq x y z
N SER A 3 -40.04 -17.99 15.00
CA SER A 3 -40.40 -17.40 13.67
C SER A 3 -39.25 -17.59 12.67
N SER A 4 -38.53 -16.49 12.40
CA SER A 4 -37.37 -16.45 11.52
C SER A 4 -36.48 -15.31 12.00
N PRO A 5 -35.17 -15.56 12.14
CA PRO A 5 -34.24 -14.51 12.59
C PRO A 5 -34.47 -13.25 11.77
N PRO A 6 -34.29 -12.07 12.39
CA PRO A 6 -34.48 -10.81 11.69
C PRO A 6 -33.40 -10.55 10.64
N VAL A 7 -33.81 -10.21 9.43
CA VAL A 7 -32.86 -9.90 8.39
C VAL A 7 -33.17 -8.52 7.83
N VAL A 8 -32.21 -7.63 7.92
CA VAL A 8 -32.40 -6.28 7.43
C VAL A 8 -31.44 -6.02 6.30
N ASP A 9 -31.81 -5.11 5.42
CA ASP A 9 -30.96 -4.76 4.29
C ASP A 9 -30.27 -3.43 4.51
N THR A 10 -28.96 -3.40 4.32
CA THR A 10 -28.22 -2.16 4.48
C THR A 10 -27.54 -1.83 3.16
N VAL A 11 -26.99 -0.63 3.06
CA VAL A 11 -26.33 -0.22 1.82
C VAL A 11 -25.19 -1.14 1.41
N HIS A 12 -24.53 -1.77 2.39
CA HIS A 12 -23.42 -2.66 2.09
C HIS A 12 -23.77 -4.14 2.06
N GLY A 13 -25.03 -4.48 2.26
CA GLY A 13 -25.42 -5.89 2.24
C GLY A 13 -26.40 -6.27 3.34
N LYS A 14 -26.95 -7.48 3.26
CA LYS A 14 -27.91 -7.95 4.25
C LYS A 14 -27.30 -8.35 5.58
N VAL A 15 -28.00 -8.05 6.66
CA VAL A 15 -27.54 -8.37 8.01
C VAL A 15 -28.55 -9.22 8.74
N LEU A 16 -28.07 -10.29 9.37
CA LEU A 16 -28.92 -11.21 10.10
C LEU A 16 -28.74 -11.02 11.61
N GLY A 17 -29.82 -10.77 12.33
CA GLY A 17 -29.71 -10.58 13.77
C GLY A 17 -30.38 -11.68 14.58
N LYS A 18 -30.79 -11.35 15.80
CA LYS A 18 -31.46 -12.30 16.68
C LYS A 18 -32.54 -11.59 17.49
N PHE A 19 -33.64 -12.27 17.78
CA PHE A 19 -34.72 -11.67 18.56
C PHE A 19 -34.49 -11.94 20.01
N VAL A 20 -34.71 -10.93 20.85
CA VAL A 20 -34.54 -11.06 22.29
C VAL A 20 -35.73 -10.41 22.96
N SER A 21 -36.43 -11.15 23.80
CA SER A 21 -37.57 -10.60 24.50
C SER A 21 -37.25 -10.22 25.93
N LEU A 22 -37.78 -9.07 26.36
CA LEU A 22 -37.56 -8.61 27.72
C LEU A 22 -38.83 -8.93 28.50
N GLU A 23 -38.67 -9.28 29.77
CA GLU A 23 -39.80 -9.62 30.64
C GLU A 23 -40.93 -8.59 30.53
N GLY A 24 -42.14 -9.07 30.24
CA GLY A 24 -43.29 -8.19 30.16
C GLY A 24 -43.39 -7.22 28.99
N PHE A 25 -42.95 -7.65 27.81
CA PHE A 25 -43.00 -6.83 26.61
C PHE A 25 -43.35 -7.70 25.43
N ALA A 26 -44.48 -7.42 24.79
CA ALA A 26 -44.93 -8.19 23.64
C ALA A 26 -43.91 -8.22 22.49
N GLN A 27 -43.73 -7.09 21.82
CA GLN A 27 -42.78 -6.97 20.72
C GLN A 27 -41.34 -7.20 21.16
N PRO A 28 -40.72 -8.29 20.70
CA PRO A 28 -39.33 -8.60 21.05
C PRO A 28 -38.38 -7.66 20.31
N VAL A 29 -37.24 -7.37 20.92
CA VAL A 29 -36.27 -6.48 20.32
C VAL A 29 -35.35 -7.23 19.37
N ALA A 30 -35.10 -6.63 18.20
CA ALA A 30 -34.19 -7.20 17.21
C ALA A 30 -32.79 -6.70 17.56
N ILE A 31 -31.84 -7.61 17.75
CA ILE A 31 -30.48 -7.22 18.12
C ILE A 31 -29.42 -7.65 17.10
N PHE A 32 -28.62 -6.69 16.66
CA PHE A 32 -27.58 -6.98 15.70
C PHE A 32 -26.25 -6.62 16.32
N LEU A 33 -25.36 -7.61 16.41
CA LEU A 33 -24.05 -7.40 17.03
C LEU A 33 -22.91 -7.49 16.05
N GLY A 34 -22.07 -6.47 16.08
CA GLY A 34 -20.91 -6.48 15.20
C GLY A 34 -21.09 -6.06 13.77
N ILE A 35 -21.86 -5.01 13.53
CA ILE A 35 -22.01 -4.55 12.18
C ILE A 35 -20.84 -3.62 11.91
N PRO A 36 -20.07 -3.87 10.83
CA PRO A 36 -18.92 -3.02 10.49
C PRO A 36 -19.35 -1.71 9.86
N PHE A 37 -18.76 -0.59 10.27
CA PHE A 37 -19.14 0.68 9.69
C PHE A 37 -17.98 1.35 9.02
N ALA A 38 -16.87 0.63 8.94
CA ALA A 38 -15.65 1.12 8.33
C ALA A 38 -14.77 -0.06 7.98
N LYS A 39 -13.76 0.18 7.15
CA LYS A 39 -12.83 -0.88 6.75
C LYS A 39 -11.83 -1.09 7.87
N PRO A 40 -11.52 -2.36 8.21
CA PRO A 40 -10.56 -2.64 9.28
C PRO A 40 -9.31 -1.80 9.07
N PRO A 41 -9.03 -0.87 10.01
CA PRO A 41 -7.88 0.04 9.98
C PRO A 41 -6.56 -0.67 10.19
N LEU A 42 -6.34 -1.73 9.42
CA LEU A 42 -5.11 -2.51 9.50
C LEU A 42 -4.04 -2.05 8.49
N GLY A 43 -2.82 -2.56 8.69
CA GLY A 43 -1.72 -2.22 7.81
C GLY A 43 -1.54 -0.73 7.60
N PRO A 44 -1.41 -0.31 6.35
CA PRO A 44 -1.22 1.08 5.95
C PRO A 44 -2.37 2.01 6.33
N LEU A 45 -3.49 1.44 6.78
CA LEU A 45 -4.61 2.26 7.17
C LEU A 45 -4.50 2.73 8.61
N ARG A 46 -3.44 2.33 9.30
CA ARG A 46 -3.26 2.74 10.67
C ARG A 46 -2.86 4.19 10.71
N PHE A 47 -3.43 4.94 11.65
CA PHE A 47 -3.13 6.36 11.77
C PHE A 47 -3.61 7.12 10.56
N THR A 48 -4.75 6.70 10.02
CA THR A 48 -5.31 7.38 8.87
C THR A 48 -6.81 7.41 9.11
N PRO A 49 -7.53 8.33 8.47
CA PRO A 49 -8.98 8.43 8.64
C PRO A 49 -9.65 7.13 8.27
N PRO A 50 -10.73 6.78 8.96
CA PRO A 50 -11.45 5.54 8.67
C PRO A 50 -12.06 5.55 7.29
N GLN A 51 -12.03 4.40 6.61
CA GLN A 51 -12.59 4.30 5.27
C GLN A 51 -13.88 3.50 5.19
N PRO A 52 -14.68 3.73 4.14
CA PRO A 52 -15.94 3.03 3.95
C PRO A 52 -15.69 1.53 3.93
N ALA A 53 -16.65 0.74 4.39
CA ALA A 53 -16.49 -0.71 4.42
C ALA A 53 -16.81 -1.42 3.10
N GLU A 54 -16.17 -2.56 2.88
CA GLU A 54 -16.42 -3.32 1.66
C GLU A 54 -17.77 -4.01 1.78
N PRO A 55 -18.63 -3.87 0.77
CA PRO A 55 -19.96 -4.46 0.71
C PRO A 55 -19.88 -5.97 0.59
N TRP A 56 -20.78 -6.69 1.27
CA TRP A 56 -20.76 -8.15 1.22
C TRP A 56 -21.78 -8.76 0.29
N SER A 57 -21.40 -9.91 -0.28
CA SER A 57 -22.21 -10.62 -1.25
C SER A 57 -23.46 -11.36 -0.80
N PHE A 58 -23.49 -11.90 0.42
CA PHE A 58 -24.70 -12.59 0.82
C PHE A 58 -25.35 -12.02 2.08
N VAL A 59 -25.50 -12.83 3.11
CA VAL A 59 -26.09 -12.36 4.34
C VAL A 59 -25.08 -12.47 5.45
N LYS A 60 -24.74 -11.33 6.04
CA LYS A 60 -23.77 -11.29 7.12
C LYS A 60 -24.47 -11.51 8.43
N ASN A 61 -24.01 -12.47 9.21
CA ASN A 61 -24.62 -12.73 10.51
C ASN A 61 -24.04 -11.82 11.56
N ALA A 62 -24.87 -10.92 12.08
CA ALA A 62 -24.43 -10.02 13.14
C ALA A 62 -24.91 -10.66 14.44
N THR A 63 -24.20 -11.70 14.86
CA THR A 63 -24.62 -12.42 16.05
C THR A 63 -23.54 -12.69 17.07
N SER A 64 -22.38 -12.06 16.94
CA SER A 64 -21.29 -12.27 17.87
C SER A 64 -20.76 -10.94 18.27
N TYR A 65 -20.45 -10.78 19.55
CA TYR A 65 -19.92 -9.50 20.02
C TYR A 65 -18.60 -9.20 19.34
N PRO A 66 -18.46 -8.00 18.77
CA PRO A 66 -17.23 -7.62 18.10
C PRO A 66 -16.13 -7.44 19.13
N PRO A 67 -14.85 -7.54 18.70
CA PRO A 67 -13.69 -7.39 19.59
C PRO A 67 -13.58 -5.94 20.05
N MET A 68 -12.90 -5.70 21.16
CA MET A 68 -12.76 -4.31 21.58
C MET A 68 -11.43 -3.82 21.03
N CYS A 69 -11.31 -2.54 20.71
CA CYS A 69 -10.06 -2.07 20.16
C CYS A 69 -8.90 -2.39 21.09
N THR A 70 -7.71 -2.55 20.54
CA THR A 70 -6.57 -2.90 21.36
C THR A 70 -6.41 -1.96 22.52
N GLN A 71 -6.19 -2.53 23.70
CA GLN A 71 -6.05 -1.75 24.91
C GLN A 71 -5.56 -2.65 26.01
N ASP A 72 -5.22 -2.04 27.13
CA ASP A 72 -4.75 -2.80 28.27
C ASP A 72 -5.85 -3.80 28.63
N PRO A 73 -5.64 -5.08 28.35
CA PRO A 73 -6.65 -6.09 28.65
C PRO A 73 -7.15 -6.13 30.09
N LYS A 74 -6.26 -5.99 31.07
CA LYS A 74 -6.71 -6.00 32.46
C LYS A 74 -7.61 -4.79 32.69
N ALA A 75 -7.04 -3.61 32.53
CA ALA A 75 -7.77 -2.37 32.69
C ALA A 75 -9.15 -2.43 32.01
N GLY A 76 -9.16 -2.83 30.76
CA GLY A 76 -10.41 -2.93 30.01
C GLY A 76 -11.44 -3.82 30.65
N GLN A 77 -11.10 -5.08 30.87
CA GLN A 77 -12.03 -6.03 31.46
C GLN A 77 -12.51 -5.54 32.80
N LEU A 78 -11.63 -4.90 33.56
CA LEU A 78 -12.03 -4.38 34.86
C LEU A 78 -13.11 -3.30 34.73
N LEU A 79 -12.86 -2.31 33.89
CA LEU A 79 -13.85 -1.24 33.69
C LEU A 79 -15.15 -1.81 33.13
N SER A 80 -15.05 -2.75 32.18
CA SER A 80 -16.24 -3.37 31.60
C SER A 80 -17.14 -3.95 32.71
N GLU A 81 -16.54 -4.53 33.75
CA GLU A 81 -17.29 -5.12 34.85
C GLU A 81 -17.93 -4.03 35.71
N LEU A 82 -17.16 -3.03 36.10
CA LEU A 82 -17.65 -1.93 36.94
C LEU A 82 -18.71 -1.02 36.32
N PHE A 83 -18.89 -1.07 35.00
CA PHE A 83 -19.86 -0.21 34.30
C PHE A 83 -21.01 -0.98 33.65
N THR A 84 -20.75 -2.22 33.23
CA THR A 84 -21.74 -3.03 32.56
C THR A 84 -23.10 -3.00 33.25
N ASN A 85 -24.15 -2.88 32.44
CA ASN A 85 -25.51 -2.83 32.94
C ASN A 85 -26.20 -4.18 32.86
N ARG A 86 -25.53 -5.18 32.29
CA ARG A 86 -26.10 -6.53 32.17
C ARG A 86 -25.69 -7.38 33.37
N LYS A 87 -26.42 -8.47 33.61
CA LYS A 87 -26.12 -9.31 34.76
C LYS A 87 -24.76 -10.01 34.67
N GLU A 88 -24.45 -10.64 33.55
CA GLU A 88 -23.16 -11.31 33.40
C GLU A 88 -22.25 -10.53 32.46
N ASN A 89 -21.07 -10.14 32.94
CA ASN A 89 -20.16 -9.39 32.10
C ASN A 89 -19.64 -10.30 31.00
N ILE A 90 -19.69 -9.80 29.77
CA ILE A 90 -19.22 -10.55 28.61
C ILE A 90 -17.74 -10.33 28.37
N PRO A 91 -16.94 -11.40 28.41
CA PRO A 91 -15.49 -11.31 28.18
C PRO A 91 -15.28 -11.06 26.69
N LEU A 92 -14.42 -10.10 26.36
CA LEU A 92 -14.19 -9.78 24.95
C LEU A 92 -12.79 -10.13 24.42
N LYS A 93 -12.62 -9.96 23.12
CA LYS A 93 -11.36 -10.24 22.46
C LYS A 93 -10.73 -8.90 22.06
N LEU A 94 -9.42 -8.88 21.83
CA LEU A 94 -8.76 -7.65 21.43
C LEU A 94 -8.35 -7.70 19.97
N SER A 95 -8.45 -6.56 19.29
CA SER A 95 -8.05 -6.49 17.90
C SER A 95 -8.07 -5.08 17.33
N GLU A 96 -7.28 -4.85 16.30
CA GLU A 96 -7.24 -3.55 15.66
C GLU A 96 -8.48 -3.44 14.79
N ASP A 97 -9.08 -4.60 14.53
CA ASP A 97 -10.31 -4.68 13.75
C ASP A 97 -11.46 -4.58 14.76
N CYS A 98 -11.85 -3.34 15.06
CA CYS A 98 -12.89 -3.07 16.03
C CYS A 98 -13.87 -2.00 15.62
N LEU A 99 -13.80 -1.52 14.39
CA LEU A 99 -14.75 -0.49 13.97
C LEU A 99 -16.12 -1.09 13.66
N TYR A 100 -16.82 -1.48 14.72
CA TYR A 100 -18.16 -2.07 14.62
C TYR A 100 -19.10 -1.32 15.54
N LEU A 101 -20.39 -1.51 15.34
CA LEU A 101 -21.39 -0.89 16.19
C LEU A 101 -22.46 -1.93 16.45
N ASN A 102 -23.14 -1.83 17.58
CA ASN A 102 -24.20 -2.78 17.92
C ASN A 102 -25.52 -2.05 17.89
N ILE A 103 -26.51 -2.63 17.21
CA ILE A 103 -27.83 -2.01 17.11
C ILE A 103 -28.89 -2.74 17.90
N TYR A 104 -29.76 -1.98 18.56
CA TYR A 104 -30.86 -2.52 19.37
C TYR A 104 -32.15 -1.82 18.97
N THR A 105 -33.03 -2.50 18.25
CA THR A 105 -34.26 -1.87 17.81
C THR A 105 -35.52 -2.57 18.30
N PRO A 106 -36.39 -1.82 18.98
CA PRO A 106 -37.64 -2.35 19.51
C PRO A 106 -38.77 -2.28 18.47
N ALA A 107 -38.43 -1.84 17.27
CA ALA A 107 -39.43 -1.69 16.22
C ALA A 107 -39.84 -2.99 15.58
N ASP A 108 -40.96 -2.96 14.88
CA ASP A 108 -41.45 -4.13 14.17
C ASP A 108 -40.94 -3.95 12.73
N LEU A 109 -39.77 -4.53 12.47
CA LEU A 109 -39.12 -4.46 11.17
C LEU A 109 -40.02 -4.69 9.97
N THR A 110 -41.15 -5.35 10.18
CA THR A 110 -42.11 -5.64 9.12
C THR A 110 -42.97 -4.43 8.81
N LYS A 111 -42.57 -3.27 9.30
CA LYS A 111 -43.33 -2.03 9.08
C LYS A 111 -42.36 -0.91 8.74
N LYS A 112 -42.89 0.29 8.55
CA LYS A 112 -42.04 1.43 8.25
C LYS A 112 -41.93 2.26 9.52
N ASN A 113 -41.23 1.75 10.52
CA ASN A 113 -41.06 2.49 11.76
C ASN A 113 -39.96 3.53 11.64
N ARG A 114 -40.12 4.64 12.34
CA ARG A 114 -39.15 5.69 12.31
C ARG A 114 -38.95 6.24 13.70
N LEU A 115 -38.53 5.37 14.63
CA LEU A 115 -38.29 5.70 16.04
C LEU A 115 -37.02 6.53 16.21
N PRO A 116 -36.95 7.34 17.29
CA PRO A 116 -35.77 8.15 17.52
C PRO A 116 -34.54 7.29 17.78
N VAL A 117 -33.37 7.80 17.43
CA VAL A 117 -32.14 7.06 17.60
C VAL A 117 -31.22 7.65 18.67
N MET A 118 -30.66 6.79 19.49
CA MET A 118 -29.71 7.20 20.51
C MET A 118 -28.42 6.41 20.36
N VAL A 119 -27.37 7.12 19.96
CA VAL A 119 -26.06 6.53 19.75
C VAL A 119 -25.20 6.78 20.99
N TRP A 120 -24.72 5.69 21.61
CA TRP A 120 -23.91 5.78 22.81
C TRP A 120 -22.40 5.64 22.60
N ILE A 121 -21.66 6.62 23.11
CA ILE A 121 -20.22 6.63 23.01
C ILE A 121 -19.59 6.30 24.38
N HIS A 122 -19.18 5.06 24.56
CA HIS A 122 -18.58 4.64 25.81
C HIS A 122 -17.39 5.49 26.21
N GLY A 123 -17.13 5.56 27.51
CA GLY A 123 -15.99 6.32 28.00
C GLY A 123 -14.81 5.37 28.18
N GLY A 124 -13.78 5.84 28.87
CA GLY A 124 -12.60 5.02 29.08
C GLY A 124 -11.34 5.85 28.87
N GLY A 125 -11.46 7.16 29.04
CA GLY A 125 -10.33 8.07 28.88
C GLY A 125 -9.64 8.05 27.53
N LEU A 126 -10.31 7.49 26.52
CA LEU A 126 -9.77 7.37 25.18
C LEU A 126 -8.63 6.37 25.18
N MET A 127 -8.59 5.53 26.21
CA MET A 127 -7.53 4.55 26.34
C MET A 127 -8.06 3.13 26.33
N VAL A 128 -9.24 2.93 26.90
CA VAL A 128 -9.86 1.62 26.98
C VAL A 128 -11.38 1.77 26.92
N GLY A 129 -12.09 0.65 26.79
CA GLY A 129 -13.54 0.70 26.71
C GLY A 129 -14.07 -0.18 25.61
N ALA A 130 -15.39 -0.27 25.47
CA ALA A 130 -15.99 -1.10 24.44
C ALA A 130 -17.47 -0.82 24.34
N ALA A 131 -18.10 -1.12 23.21
CA ALA A 131 -19.52 -0.85 23.07
C ALA A 131 -20.34 -2.02 23.58
N SER A 132 -19.80 -3.22 23.50
CA SER A 132 -20.54 -4.39 23.96
C SER A 132 -20.80 -4.36 25.46
N THR A 133 -20.06 -3.51 26.16
CA THR A 133 -20.24 -3.40 27.60
C THR A 133 -21.67 -2.96 27.96
N TYR A 134 -22.21 -2.05 27.15
CA TYR A 134 -23.55 -1.53 27.37
C TYR A 134 -24.64 -2.26 26.59
N ASP A 135 -25.60 -2.80 27.32
CA ASP A 135 -26.71 -3.52 26.70
C ASP A 135 -27.89 -2.58 26.50
N GLY A 136 -28.28 -2.42 25.24
CA GLY A 136 -29.38 -1.52 24.90
C GLY A 136 -30.78 -2.08 25.08
N LEU A 137 -30.88 -3.39 25.25
CA LEU A 137 -32.17 -4.07 25.43
C LEU A 137 -33.22 -3.31 26.24
N ALA A 138 -32.91 -3.03 27.50
CA ALA A 138 -33.84 -2.32 28.39
C ALA A 138 -34.30 -1.00 27.82
N LEU A 139 -33.38 -0.03 27.70
CA LEU A 139 -33.73 1.28 27.18
C LEU A 139 -34.47 1.18 25.87
N ALA A 140 -34.03 0.28 25.00
CA ALA A 140 -34.68 0.14 23.71
C ALA A 140 -36.17 -0.16 23.89
N ALA A 141 -36.46 -1.17 24.71
CA ALA A 141 -37.81 -1.60 24.95
C ALA A 141 -38.67 -0.63 25.76
N HIS A 142 -38.14 -0.15 26.87
CA HIS A 142 -38.88 0.77 27.74
C HIS A 142 -39.28 2.10 27.13
N GLU A 143 -38.39 2.78 26.41
CA GLU A 143 -38.75 4.08 25.84
C GLU A 143 -38.99 4.07 24.33
N ASN A 144 -39.00 2.88 23.75
CA ASN A 144 -39.23 2.70 22.33
C ASN A 144 -38.36 3.59 21.47
N VAL A 145 -37.06 3.38 21.56
CA VAL A 145 -36.08 4.12 20.78
C VAL A 145 -35.04 3.11 20.31
N VAL A 146 -34.41 3.39 19.17
CA VAL A 146 -33.38 2.52 18.65
C VAL A 146 -32.06 2.95 19.28
N VAL A 147 -31.43 2.02 20.00
CA VAL A 147 -30.18 2.30 20.67
C VAL A 147 -29.02 1.69 19.90
N VAL A 148 -27.98 2.48 19.69
CA VAL A 148 -26.82 2.03 18.95
C VAL A 148 -25.55 2.26 19.78
N THR A 149 -24.72 1.24 19.94
CA THR A 149 -23.51 1.41 20.71
C THR A 149 -22.29 1.31 19.79
N ILE A 150 -21.63 2.44 19.55
CA ILE A 150 -20.48 2.46 18.65
C ILE A 150 -19.15 2.26 19.33
N GLN A 151 -18.15 1.92 18.53
CA GLN A 151 -16.80 1.74 19.01
C GLN A 151 -15.90 2.63 18.17
N TYR A 152 -14.76 3.04 18.73
CA TYR A 152 -13.84 3.90 18.01
C TYR A 152 -12.43 3.55 18.49
N ARG A 153 -11.44 3.83 17.65
CA ARG A 153 -10.05 3.51 17.98
C ARG A 153 -9.59 4.17 19.25
N LEU A 154 -8.82 3.42 20.04
CA LEU A 154 -8.32 3.92 21.31
C LEU A 154 -6.82 4.03 21.39
N GLY A 155 -6.36 4.63 22.48
CA GLY A 155 -4.94 4.80 22.71
C GLY A 155 -4.16 5.32 21.52
N ILE A 156 -2.98 4.74 21.32
CA ILE A 156 -2.11 5.11 20.23
C ILE A 156 -2.84 4.98 18.91
N TRP A 157 -3.42 3.81 18.70
CA TRP A 157 -4.14 3.53 17.46
C TRP A 157 -5.15 4.62 17.05
N GLY A 158 -5.78 5.27 18.03
CA GLY A 158 -6.76 6.28 17.67
C GLY A 158 -6.43 7.71 17.99
N PHE A 159 -5.28 7.98 18.60
CA PHE A 159 -4.94 9.35 18.95
C PHE A 159 -3.50 9.82 18.78
N PHE A 160 -2.67 8.96 18.19
CA PHE A 160 -1.28 9.30 17.94
C PHE A 160 -1.21 10.49 17.01
N SER A 161 -0.40 11.48 17.37
CA SER A 161 -0.27 12.67 16.55
C SER A 161 1.13 13.29 16.54
N THR A 162 1.57 13.76 15.38
CA THR A 162 2.86 14.37 15.24
C THR A 162 2.70 15.87 15.09
N GLY A 163 1.48 16.36 15.23
CA GLY A 163 1.23 17.79 15.11
C GLY A 163 1.29 18.33 13.70
N ASP A 164 1.51 17.47 12.71
CA ASP A 164 1.56 17.93 11.33
C ASP A 164 0.79 16.99 10.42
N GLU A 165 0.76 17.32 9.13
CA GLU A 165 0.02 16.54 8.17
C GLU A 165 0.40 15.07 8.02
N HIS A 166 1.52 14.64 8.60
CA HIS A 166 1.91 13.24 8.47
C HIS A 166 1.12 12.32 9.37
N SER A 167 0.45 12.90 10.34
CA SER A 167 -0.37 12.15 11.27
C SER A 167 -1.10 13.17 12.15
N ARG A 168 -2.05 13.90 11.56
CA ARG A 168 -2.79 14.90 12.31
C ARG A 168 -3.26 14.38 13.65
N GLY A 169 -4.00 13.27 13.62
CA GLY A 169 -4.52 12.69 14.84
C GLY A 169 -6.04 12.69 14.91
N ASN A 170 -6.55 12.35 16.10
CA ASN A 170 -7.99 12.29 16.35
C ASN A 170 -8.66 11.18 15.53
N TRP A 171 -7.89 10.15 15.19
CA TRP A 171 -8.43 9.03 14.44
C TRP A 171 -9.71 8.55 15.11
N GLY A 172 -9.65 8.42 16.42
CA GLY A 172 -10.80 7.97 17.19
C GLY A 172 -12.05 8.80 16.95
N HIS A 173 -11.96 10.12 17.04
CA HIS A 173 -13.12 10.97 16.81
C HIS A 173 -13.62 10.80 15.38
N LEU A 174 -12.69 10.68 14.42
CA LEU A 174 -13.06 10.47 13.02
C LEU A 174 -13.86 9.18 12.92
N ASP A 175 -13.42 8.14 13.61
CA ASP A 175 -14.16 6.88 13.61
C ASP A 175 -15.59 7.17 14.10
N GLN A 176 -15.70 7.95 15.17
CA GLN A 176 -16.99 8.29 15.74
C GLN A 176 -17.84 8.99 14.68
N VAL A 177 -17.28 9.99 14.00
CA VAL A 177 -18.05 10.68 12.97
C VAL A 177 -18.49 9.68 11.92
N ALA A 178 -17.57 8.82 11.50
CA ALA A 178 -17.86 7.80 10.50
C ALA A 178 -19.08 6.97 10.88
N ALA A 179 -19.11 6.47 12.10
CA ALA A 179 -20.24 5.67 12.53
C ALA A 179 -21.51 6.50 12.39
N LEU A 180 -21.42 7.78 12.71
CA LEU A 180 -22.60 8.63 12.61
C LEU A 180 -23.13 8.71 11.19
N ARG A 181 -22.23 8.75 10.22
CA ARG A 181 -22.68 8.83 8.85
C ARG A 181 -23.31 7.50 8.51
N TRP A 182 -22.75 6.41 9.04
CA TRP A 182 -23.31 5.09 8.76
C TRP A 182 -24.76 5.09 9.17
N VAL A 183 -25.02 5.61 10.37
CA VAL A 183 -26.36 5.70 10.91
C VAL A 183 -27.26 6.52 9.99
N GLN A 184 -26.76 7.64 9.48
CA GLN A 184 -27.60 8.46 8.61
C GLN A 184 -27.94 7.68 7.37
N ASP A 185 -26.95 6.97 6.82
CA ASP A 185 -27.17 6.22 5.61
C ASP A 185 -27.85 4.87 5.76
N ASN A 186 -28.00 4.36 6.98
CA ASN A 186 -28.60 3.05 7.15
C ASN A 186 -29.66 2.83 8.21
N ILE A 187 -29.58 3.57 9.30
CA ILE A 187 -30.50 3.37 10.42
C ILE A 187 -31.95 3.20 10.05
N ALA A 188 -32.36 3.75 8.93
CA ALA A 188 -33.74 3.65 8.50
C ALA A 188 -34.18 2.23 8.40
N SER A 189 -33.29 1.33 8.01
CA SER A 189 -33.65 -0.07 7.85
C SER A 189 -33.88 -0.84 9.14
N PHE A 190 -33.72 -0.20 10.27
CA PHE A 190 -33.94 -0.87 11.55
C PHE A 190 -35.05 -0.13 12.30
N GLY A 191 -35.86 0.60 11.55
CA GLY A 191 -36.96 1.33 12.14
C GLY A 191 -36.57 2.63 12.81
N GLY A 192 -35.37 3.09 12.55
CA GLY A 192 -34.94 4.34 13.15
C GLY A 192 -35.23 5.48 12.22
N ASN A 193 -35.25 6.70 12.75
CA ASN A 193 -35.48 7.87 11.93
C ASN A 193 -34.19 8.66 11.84
N PRO A 194 -33.49 8.55 10.70
CA PRO A 194 -32.24 9.27 10.53
C PRO A 194 -32.36 10.75 10.85
N GLY A 195 -33.58 11.25 10.82
CA GLY A 195 -33.79 12.66 11.10
C GLY A 195 -33.77 13.04 12.55
N SER A 196 -33.84 12.07 13.44
CA SER A 196 -33.84 12.38 14.85
C SER A 196 -32.78 11.55 15.58
N VAL A 197 -31.51 11.85 15.32
CA VAL A 197 -30.40 11.15 15.94
C VAL A 197 -29.86 11.92 17.13
N THR A 198 -29.67 11.23 18.26
CA THR A 198 -29.18 11.85 19.49
C THR A 198 -27.91 11.17 19.96
N ILE A 199 -26.85 11.94 20.18
CA ILE A 199 -25.62 11.33 20.66
C ILE A 199 -25.53 11.51 22.15
N PHE A 200 -24.98 10.54 22.84
CA PHE A 200 -24.81 10.63 24.28
C PHE A 200 -23.71 9.71 24.77
N GLY A 201 -22.93 10.16 25.74
CA GLY A 201 -21.85 9.35 26.26
C GLY A 201 -21.46 9.81 27.63
N GLU A 202 -20.53 9.10 28.25
CA GLU A 202 -20.07 9.45 29.59
C GLU A 202 -18.53 9.45 29.67
N SER A 203 -17.98 10.16 30.65
CA SER A 203 -16.52 10.28 30.81
C SER A 203 -15.98 10.72 29.45
N ALA A 204 -14.89 10.12 29.00
CA ALA A 204 -14.31 10.45 27.69
C ALA A 204 -15.39 10.47 26.60
N GLY A 205 -16.32 9.52 26.68
CA GLY A 205 -17.41 9.44 25.71
C GLY A 205 -18.25 10.70 25.77
N GLY A 206 -18.39 11.26 26.96
CA GLY A 206 -19.14 12.49 27.12
C GLY A 206 -18.34 13.64 26.54
N GLU A 207 -17.03 13.57 26.72
CA GLU A 207 -16.11 14.57 26.20
C GLU A 207 -16.21 14.56 24.68
N SER A 208 -16.23 13.36 24.11
CA SER A 208 -16.36 13.19 22.66
C SER A 208 -17.63 13.85 22.17
N VAL A 209 -18.73 13.68 22.90
CA VAL A 209 -19.98 14.32 22.48
C VAL A 209 -19.74 15.81 22.43
N SER A 210 -19.12 16.35 23.47
CA SER A 210 -18.83 17.77 23.53
C SER A 210 -18.00 18.20 22.31
N VAL A 211 -17.06 17.35 21.92
CA VAL A 211 -16.19 17.62 20.77
C VAL A 211 -16.96 17.65 19.44
N LEU A 212 -17.77 16.62 19.18
CA LEU A 212 -18.54 16.53 17.96
C LEU A 212 -19.45 17.74 17.86
N VAL A 213 -19.86 18.28 18.99
CA VAL A 213 -20.73 19.44 18.99
C VAL A 213 -19.98 20.70 18.56
N LEU A 214 -18.66 20.63 18.49
CA LEU A 214 -17.88 21.80 18.10
C LEU A 214 -17.27 21.60 16.72
N SER A 215 -17.29 20.35 16.28
CA SER A 215 -16.70 19.97 15.00
C SER A 215 -17.55 20.22 13.78
N PRO A 216 -16.95 20.84 12.76
CA PRO A 216 -17.58 21.17 11.49
C PRO A 216 -18.01 19.88 10.83
N LEU A 217 -17.20 18.84 11.00
CA LEU A 217 -17.49 17.54 10.40
C LEU A 217 -18.79 16.93 10.86
N ALA A 218 -19.06 17.04 12.16
CA ALA A 218 -20.29 16.49 12.73
C ALA A 218 -21.56 17.15 12.19
N LYS A 219 -21.50 18.45 11.98
CA LYS A 219 -22.64 19.21 11.48
C LYS A 219 -23.60 18.35 10.66
N ASN A 220 -24.84 18.24 11.13
CA ASN A 220 -25.88 17.47 10.44
C ASN A 220 -25.89 15.95 10.60
N LEU A 221 -25.18 15.44 11.60
CA LEU A 221 -25.16 14.01 11.81
C LEU A 221 -25.96 13.67 13.03
N PHE A 222 -26.32 14.68 13.82
CA PHE A 222 -27.13 14.47 14.99
C PHE A 222 -28.02 15.67 15.25
N HIS A 223 -29.02 15.48 16.11
CA HIS A 223 -29.97 16.55 16.39
C HIS A 223 -30.21 16.87 17.85
N ARG A 224 -29.47 16.17 18.72
CA ARG A 224 -29.57 16.37 20.17
C ARG A 224 -28.32 15.74 20.75
N ALA A 225 -27.78 16.33 21.81
CA ALA A 225 -26.57 15.80 22.42
C ALA A 225 -26.61 15.76 23.93
N ILE A 226 -25.91 14.80 24.51
CA ILE A 226 -25.86 14.62 25.96
C ILE A 226 -24.46 14.22 26.43
N SER A 227 -23.92 14.97 27.39
CA SER A 227 -22.62 14.70 27.95
C SER A 227 -22.76 14.35 29.42
N GLU A 228 -22.37 13.13 29.78
CA GLU A 228 -22.46 12.67 31.15
C GLU A 228 -21.09 12.66 31.83
N SER A 229 -20.87 13.58 32.75
CA SER A 229 -19.61 13.66 33.47
C SER A 229 -18.45 13.81 32.52
N GLY A 230 -18.48 14.82 31.66
CA GLY A 230 -17.35 14.99 30.75
C GLY A 230 -17.60 15.93 29.59
N VAL A 231 -16.79 16.96 29.46
CA VAL A 231 -16.93 17.90 28.37
C VAL A 231 -15.60 18.23 27.70
N ALA A 232 -15.66 19.03 26.64
CA ALA A 232 -14.46 19.40 25.90
C ALA A 232 -13.47 20.25 26.69
N LEU A 233 -13.96 21.14 27.56
CA LEU A 233 -13.05 21.98 28.36
C LEU A 233 -12.27 21.13 29.37
N THR A 234 -12.66 19.86 29.51
CA THR A 234 -12.00 18.93 30.43
C THR A 234 -10.58 18.72 29.92
N SER A 235 -9.76 19.70 30.28
CA SER A 235 -8.37 19.78 29.88
C SER A 235 -7.55 18.49 29.76
N VAL A 236 -7.48 17.71 30.80
CA VAL A 236 -6.72 16.47 30.77
C VAL A 236 -6.86 15.70 29.44
N LEU A 237 -8.08 15.65 28.87
CA LEU A 237 -8.32 14.91 27.62
C LEU A 237 -7.97 15.61 26.33
N VAL A 238 -7.79 16.93 26.40
CA VAL A 238 -7.44 17.74 25.23
C VAL A 238 -5.98 18.17 25.30
N LYS A 239 -5.18 17.75 24.33
CA LYS A 239 -3.78 18.12 24.30
C LYS A 239 -3.60 19.45 23.59
N LYS A 240 -3.30 20.50 24.35
CA LYS A 240 -3.09 21.81 23.76
C LYS A 240 -1.57 22.01 23.78
N GLY A 241 -1.05 22.76 22.82
CA GLY A 241 0.39 22.99 22.77
C GLY A 241 1.06 22.08 21.78
N ASP A 242 2.37 22.21 21.63
CA ASP A 242 3.12 21.39 20.69
C ASP A 242 3.16 19.95 21.20
N VAL A 243 2.58 19.02 20.44
CA VAL A 243 2.53 17.62 20.83
C VAL A 243 3.69 16.80 20.31
N LYS A 244 4.43 17.37 19.37
CA LYS A 244 5.55 16.68 18.77
C LYS A 244 6.39 15.90 19.78
N PRO A 245 6.66 16.49 20.95
CA PRO A 245 7.45 15.82 21.99
C PRO A 245 6.90 14.47 22.43
N LEU A 246 5.59 14.39 22.70
CA LEU A 246 5.00 13.14 23.12
C LEU A 246 5.13 12.15 21.97
N ALA A 247 4.97 12.64 20.75
CA ALA A 247 5.09 11.76 19.60
C ALA A 247 6.44 11.08 19.63
N GLU A 248 7.50 11.88 19.74
CA GLU A 248 8.86 11.37 19.76
C GLU A 248 9.09 10.40 20.90
N GLN A 249 8.44 10.67 22.03
CA GLN A 249 8.58 9.82 23.20
C GLN A 249 7.98 8.46 22.89
N ILE A 250 6.75 8.47 22.38
CA ILE A 250 6.07 7.22 22.05
C ILE A 250 6.91 6.48 21.03
N ALA A 251 7.37 7.21 20.03
CA ALA A 251 8.20 6.63 18.97
C ALA A 251 9.38 5.86 19.56
N ILE A 252 10.14 6.53 20.42
CA ILE A 252 11.30 5.93 21.06
C ILE A 252 10.96 4.65 21.82
N THR A 253 9.98 4.74 22.71
CA THR A 253 9.55 3.60 23.53
C THR A 253 9.19 2.43 22.66
N ALA A 254 8.68 2.74 21.47
CA ALA A 254 8.28 1.71 20.53
C ALA A 254 9.45 1.16 19.72
N GLY A 255 10.61 1.76 19.90
CA GLY A 255 11.79 1.32 19.18
C GLY A 255 11.92 1.93 17.80
N CYS A 256 11.51 3.18 17.64
CA CYS A 256 11.59 3.85 16.35
C CYS A 256 12.52 5.03 16.38
N LYS A 257 12.97 5.45 15.20
CA LYS A 257 13.84 6.62 15.11
C LYS A 257 12.91 7.82 15.23
N THR A 258 13.46 9.02 15.13
CA THR A 258 12.62 10.22 15.19
C THR A 258 13.14 11.26 14.20
N THR A 259 13.91 10.79 13.23
CA THR A 259 14.51 11.67 12.24
C THR A 259 13.56 12.73 11.73
N THR A 260 12.33 12.35 11.43
CA THR A 260 11.31 13.29 10.94
C THR A 260 9.94 12.74 11.33
N SER A 261 8.89 13.52 11.11
CA SER A 261 7.55 13.01 11.44
C SER A 261 7.24 11.80 10.57
N ALA A 262 7.35 12.00 9.26
CA ALA A 262 7.09 10.94 8.29
C ALA A 262 7.78 9.65 8.70
N VAL A 263 9.03 9.78 9.14
CA VAL A 263 9.80 8.63 9.56
C VAL A 263 9.18 7.92 10.74
N MET A 264 8.69 8.70 11.72
CA MET A 264 8.06 8.12 12.90
C MET A 264 6.79 7.34 12.53
N VAL A 265 5.87 7.98 11.82
CA VAL A 265 4.63 7.33 11.44
C VAL A 265 4.87 6.05 10.66
N HIS A 266 5.80 6.12 9.71
CA HIS A 266 6.08 4.94 8.90
C HIS A 266 6.55 3.79 9.79
N CYS A 267 7.52 4.10 10.65
CA CYS A 267 8.08 3.09 11.53
C CYS A 267 7.05 2.46 12.43
N LEU A 268 6.12 3.30 12.93
CA LEU A 268 5.07 2.81 13.81
C LEU A 268 4.09 1.96 13.02
N ARG A 269 3.89 2.27 11.74
CA ARG A 269 2.98 1.47 10.93
C ARG A 269 3.52 0.07 10.74
N GLN A 270 4.84 -0.08 10.85
CA GLN A 270 5.46 -1.37 10.69
C GLN A 270 5.20 -2.22 11.92
N LYS A 271 5.40 -1.65 13.10
CA LYS A 271 5.21 -2.38 14.35
C LYS A 271 3.95 -3.25 14.38
N THR A 272 4.02 -4.41 15.04
CA THR A 272 2.85 -5.27 15.15
C THR A 272 1.98 -4.79 16.29
N GLU A 273 0.72 -5.23 16.30
CA GLU A 273 -0.21 -4.84 17.34
C GLU A 273 0.39 -5.17 18.70
N GLU A 274 0.89 -6.39 18.82
CA GLU A 274 1.50 -6.83 20.05
C GLU A 274 2.53 -5.80 20.51
N GLU A 275 3.43 -5.45 19.61
CA GLU A 275 4.46 -4.50 19.96
C GLU A 275 3.88 -3.19 20.48
N LEU A 276 2.97 -2.60 19.72
CA LEU A 276 2.34 -1.36 20.13
C LEU A 276 1.59 -1.50 21.45
N LEU A 277 1.08 -2.69 21.73
CA LEU A 277 0.37 -2.93 22.99
C LEU A 277 1.34 -2.90 24.16
N GLU A 278 2.54 -3.46 23.94
CA GLU A 278 3.56 -3.47 24.97
C GLU A 278 4.00 -2.03 25.21
N THR A 279 4.12 -1.26 24.14
CA THR A 279 4.52 0.12 24.25
C THR A 279 3.46 0.85 25.07
N THR A 280 2.19 0.51 24.82
CA THR A 280 1.08 1.12 25.53
C THR A 280 1.20 0.80 27.01
N LEU A 281 1.61 -0.42 27.31
CA LEU A 281 1.79 -0.81 28.70
C LEU A 281 2.99 -0.05 29.28
N LYS A 282 4.13 -0.11 28.60
CA LYS A 282 5.31 0.58 29.10
C LYS A 282 5.04 2.02 29.45
N MET A 283 4.27 2.71 28.63
CA MET A 283 3.97 4.12 28.86
C MET A 283 3.31 4.35 30.23
N LYS A 284 2.80 3.26 30.82
CA LYS A 284 2.11 3.24 32.11
C LYS A 284 1.07 4.31 31.96
N PHE A 285 0.12 4.09 31.09
CA PHE A 285 -0.73 5.21 30.91
C PHE A 285 -1.67 5.75 32.03
N LEU A 286 -2.63 5.00 32.57
CA LEU A 286 -3.55 5.52 33.63
C LEU A 286 -3.02 5.84 35.05
N SER A 287 -2.10 4.99 35.50
CA SER A 287 -1.49 5.12 36.81
C SER A 287 -0.84 6.48 37.00
N LEU A 288 -1.24 7.15 38.07
CA LEU A 288 -0.72 8.46 38.41
C LEU A 288 0.68 8.41 39.01
N ASP A 289 1.64 9.01 38.31
CA ASP A 289 3.01 9.05 38.77
C ASP A 289 3.10 10.09 39.90
N LEU A 290 3.82 9.72 40.96
CA LEU A 290 3.98 10.60 42.11
C LEU A 290 5.36 11.27 42.14
N GLN A 291 6.40 10.50 41.90
CA GLN A 291 7.77 11.01 41.91
C GLN A 291 8.18 11.68 40.61
N GLY A 292 9.36 12.27 40.60
CA GLY A 292 9.84 12.95 39.41
C GLY A 292 9.16 14.29 39.36
N ASP A 293 9.21 14.96 38.21
CA ASP A 293 8.59 16.27 38.04
C ASP A 293 7.13 16.09 37.59
N PRO A 294 6.17 16.63 38.36
CA PRO A 294 4.73 16.53 38.06
C PRO A 294 4.34 17.06 36.68
N ARG A 295 5.05 18.10 36.22
CA ARG A 295 4.76 18.71 34.92
C ARG A 295 5.24 17.82 33.76
N GLU A 296 6.36 17.14 33.98
CA GLU A 296 6.92 16.23 32.97
C GLU A 296 6.07 14.96 32.82
N SER A 297 5.38 14.57 33.89
CA SER A 297 4.55 13.39 33.86
C SER A 297 3.42 13.54 32.83
N GLN A 298 3.54 12.81 31.73
CA GLN A 298 2.51 12.86 30.69
C GLN A 298 1.52 11.71 30.88
N PRO A 299 0.26 12.06 31.23
CA PRO A 299 -0.86 11.12 31.47
C PRO A 299 -1.50 10.45 30.26
N LEU A 300 -1.52 11.13 29.12
CA LEU A 300 -2.15 10.53 27.96
C LEU A 300 -1.86 11.17 26.61
N LEU A 301 -2.77 10.93 25.67
CA LEU A 301 -2.64 11.45 24.33
C LEU A 301 -4.02 11.47 23.71
N GLY A 302 -4.88 12.39 24.13
CA GLY A 302 -6.20 12.43 23.57
C GLY A 302 -6.41 13.35 22.39
N THR A 303 -7.55 14.03 22.43
CA THR A 303 -7.98 14.96 21.40
C THR A 303 -6.90 15.98 21.16
N VAL A 304 -6.82 16.50 19.94
CA VAL A 304 -5.85 17.56 19.62
C VAL A 304 -6.52 18.50 18.63
N ILE A 305 -5.94 19.66 18.43
CA ILE A 305 -6.51 20.61 17.48
C ILE A 305 -5.92 20.31 16.09
N ASP A 306 -6.46 19.28 15.43
CA ASP A 306 -5.96 18.83 14.14
C ASP A 306 -6.14 19.75 12.95
N GLY A 307 -7.18 20.57 12.96
CA GLY A 307 -7.42 21.45 11.85
C GLY A 307 -8.43 20.84 10.89
N MET A 308 -9.03 19.73 11.30
CA MET A 308 -10.04 19.03 10.51
C MET A 308 -11.26 18.79 11.37
N LEU A 309 -11.10 18.03 12.44
CA LEU A 309 -12.21 17.75 13.34
C LEU A 309 -12.43 19.00 14.13
N LEU A 310 -11.34 19.62 14.58
CA LEU A 310 -11.39 20.85 15.37
C LEU A 310 -10.46 21.88 14.76
N LEU A 311 -10.98 23.07 14.48
CA LEU A 311 -10.17 24.10 13.88
C LEU A 311 -9.42 24.95 14.90
N LYS A 312 -9.81 24.86 16.16
CA LYS A 312 -9.14 25.59 17.26
C LYS A 312 -9.60 25.11 18.63
N THR A 313 -8.85 25.46 19.67
CA THR A 313 -9.18 25.02 21.02
C THR A 313 -10.66 25.17 21.36
N PRO A 314 -11.21 24.27 22.17
CA PRO A 314 -12.63 24.34 22.55
C PRO A 314 -12.96 25.72 23.09
N GLU A 315 -12.08 26.24 23.94
CA GLU A 315 -12.26 27.56 24.56
C GLU A 315 -12.57 28.60 23.49
N GLU A 316 -11.65 28.78 22.56
CA GLU A 316 -11.82 29.74 21.46
C GLU A 316 -13.09 29.47 20.68
N LEU A 317 -13.32 28.20 20.39
CA LEU A 317 -14.48 27.78 19.61
C LEU A 317 -15.82 28.16 20.20
N GLN A 318 -16.01 27.94 21.51
CA GLN A 318 -17.28 28.24 22.16
C GLN A 318 -17.44 29.72 22.44
N ALA A 319 -16.38 30.50 22.23
CA ALA A 319 -16.47 31.93 22.43
C ALA A 319 -17.19 32.52 21.21
N GLU A 320 -17.44 31.67 20.22
CA GLU A 320 -18.13 32.05 18.99
C GLU A 320 -19.50 31.38 18.89
N ARG A 321 -20.44 32.03 18.20
CA ARG A 321 -21.78 31.47 18.02
C ARG A 321 -22.11 31.20 16.55
N ASN A 322 -21.05 31.03 15.74
CA ASN A 322 -21.18 30.77 14.30
C ASN A 322 -21.19 29.25 14.00
N PHE A 323 -22.05 28.51 14.70
CA PHE A 323 -22.14 27.06 14.48
C PHE A 323 -23.57 26.52 14.69
N HIS A 324 -23.84 25.39 14.06
CA HIS A 324 -25.14 24.70 14.16
C HIS A 324 -25.34 24.29 15.63
N THR A 325 -26.27 24.94 16.32
CA THR A 325 -26.53 24.63 17.73
C THR A 325 -27.74 23.73 17.92
N VAL A 326 -27.58 22.73 18.78
CA VAL A 326 -28.66 21.79 19.04
C VAL A 326 -28.89 21.64 20.54
N PRO A 327 -30.04 21.08 20.95
CA PRO A 327 -30.33 20.91 22.39
C PRO A 327 -29.21 20.08 22.98
N TYR A 328 -28.58 20.60 24.03
CA TYR A 328 -27.46 19.92 24.66
C TYR A 328 -27.70 19.73 26.15
N MET A 329 -27.59 18.50 26.64
CA MET A 329 -27.77 18.23 28.05
C MET A 329 -26.40 17.93 28.67
N VAL A 330 -26.02 18.71 29.68
CA VAL A 330 -24.74 18.54 30.36
C VAL A 330 -24.94 18.21 31.83
N GLY A 331 -24.48 17.03 32.26
CA GLY A 331 -24.66 16.68 33.66
C GLY A 331 -23.39 16.20 34.34
N ILE A 332 -23.47 16.09 35.67
CA ILE A 332 -22.37 15.60 36.50
C ILE A 332 -22.94 14.80 37.66
N ASN A 333 -22.08 14.20 38.46
CA ASN A 333 -22.53 13.41 39.59
C ASN A 333 -22.00 14.02 40.88
N LYS A 334 -22.73 13.83 41.97
CA LYS A 334 -22.37 14.39 43.27
C LYS A 334 -20.90 14.29 43.63
N GLN A 335 -20.37 13.07 43.59
CA GLN A 335 -18.97 12.82 43.91
C GLN A 335 -18.24 12.12 42.76
N GLU A 336 -17.80 12.89 41.77
CA GLU A 336 -17.10 12.34 40.62
C GLU A 336 -15.81 11.62 41.06
N PHE A 337 -15.12 12.21 42.01
CA PHE A 337 -13.88 11.64 42.49
C PHE A 337 -14.10 10.86 43.79
N GLY A 338 -15.32 10.39 44.00
CA GLY A 338 -15.64 9.65 45.20
C GLY A 338 -14.83 8.40 45.50
N TRP A 339 -14.68 7.53 44.51
CA TRP A 339 -13.93 6.31 44.73
C TRP A 339 -13.40 5.69 43.43
N LEU A 340 -14.30 5.48 42.48
CA LEU A 340 -13.95 4.85 41.21
C LEU A 340 -12.66 5.33 40.60
N ILE A 341 -12.61 6.60 40.27
CA ILE A 341 -11.42 7.17 39.64
C ILE A 341 -10.15 7.00 40.48
N PRO A 342 -10.10 7.57 41.71
CA PRO A 342 -8.91 7.45 42.55
C PRO A 342 -8.42 6.00 42.65
N MET A 343 -9.33 5.08 42.93
CA MET A 343 -9.00 3.66 43.06
C MET A 343 -8.36 3.10 41.80
N LEU A 344 -8.84 3.53 40.65
CA LEU A 344 -8.32 3.04 39.38
C LEU A 344 -6.95 3.61 38.99
N MET A 345 -6.61 4.79 39.52
CA MET A 345 -5.34 5.40 39.19
C MET A 345 -4.33 5.03 40.26
N SER A 346 -4.79 4.39 41.32
CA SER A 346 -3.94 3.98 42.44
C SER A 346 -3.57 5.22 43.25
N TYR A 347 -4.59 5.97 43.67
CA TYR A 347 -4.38 7.18 44.45
C TYR A 347 -3.92 6.85 45.86
N PRO A 348 -2.88 7.56 46.33
CA PRO A 348 -2.24 7.42 47.65
C PRO A 348 -3.16 7.67 48.86
N LEU A 349 -4.38 8.14 48.61
CA LEU A 349 -5.33 8.43 49.68
C LEU A 349 -5.90 7.20 50.35
N SER A 350 -5.09 6.14 50.48
CA SER A 350 -5.55 4.92 51.12
C SER A 350 -5.40 5.00 52.64
N GLU A 351 -5.37 6.23 53.16
CA GLU A 351 -5.22 6.48 54.59
C GLU A 351 -6.52 6.92 55.23
N GLY A 352 -7.48 7.32 54.40
CA GLY A 352 -8.76 7.76 54.91
C GLY A 352 -8.70 9.08 55.64
N GLN A 353 -7.69 9.90 55.30
CA GLN A 353 -7.50 11.20 55.93
C GLN A 353 -6.30 11.92 55.33
N LEU A 354 -6.29 13.23 55.45
CA LEU A 354 -5.19 14.03 54.92
C LEU A 354 -5.06 15.38 55.63
N ASP A 355 -3.98 16.10 55.34
CA ASP A 355 -3.73 17.40 55.94
C ASP A 355 -3.30 18.44 54.91
N GLN A 356 -3.51 19.71 55.25
CA GLN A 356 -3.16 20.84 54.40
C GLN A 356 -1.80 20.74 53.70
N LYS A 357 -0.81 20.15 54.39
CA LYS A 357 0.52 20.02 53.81
C LYS A 357 0.62 18.86 52.82
N THR A 358 0.11 17.69 53.19
CA THR A 358 0.15 16.54 52.30
C THR A 358 -0.76 16.79 51.10
N ALA A 359 -1.74 17.67 51.27
CA ALA A 359 -2.68 18.00 50.21
C ALA A 359 -2.02 18.74 49.04
N MET A 360 -1.35 19.84 49.34
CA MET A 360 -0.69 20.64 48.31
C MET A 360 0.29 19.77 47.53
N SER A 361 0.94 18.85 48.24
CA SER A 361 1.90 17.94 47.64
C SER A 361 1.18 17.01 46.66
N LEU A 362 0.05 16.46 47.10
CA LEU A 362 -0.76 15.55 46.29
C LEU A 362 -1.35 16.28 45.09
N LEU A 363 -1.89 17.48 45.33
CA LEU A 363 -2.49 18.27 44.27
C LEU A 363 -1.45 18.58 43.19
N TRP A 364 -0.24 18.89 43.63
CA TRP A 364 0.85 19.20 42.70
C TRP A 364 1.21 18.00 41.81
N LYS A 365 1.32 16.82 42.41
CA LYS A 365 1.63 15.60 41.67
C LYS A 365 0.45 15.27 40.76
N SER A 366 -0.68 15.91 41.04
CA SER A 366 -1.90 15.70 40.28
C SER A 366 -1.99 16.69 39.12
N TYR A 367 -0.89 17.41 38.90
CA TYR A 367 -0.80 18.40 37.83
C TYR A 367 -1.27 17.90 36.47
N PRO A 368 -0.93 16.64 36.11
CA PRO A 368 -1.36 16.14 34.81
C PRO A 368 -2.88 15.90 34.73
N LEU A 369 -3.53 15.93 35.89
CA LEU A 369 -4.98 15.72 35.96
C LEU A 369 -5.77 16.97 36.33
N VAL A 370 -5.11 18.00 36.84
CA VAL A 370 -5.78 19.24 37.21
C VAL A 370 -5.15 20.47 36.55
N CYS A 371 -3.89 20.33 36.16
CA CYS A 371 -3.10 21.39 35.53
C CYS A 371 -3.16 22.70 36.32
N ILE A 372 -2.78 22.63 37.59
CA ILE A 372 -2.77 23.81 38.44
C ILE A 372 -1.32 24.21 38.72
N ALA A 373 -1.00 25.49 38.55
CA ALA A 373 0.35 25.98 38.83
C ALA A 373 0.64 25.79 40.32
N LYS A 374 1.90 25.54 40.65
CA LYS A 374 2.28 25.33 42.06
C LYS A 374 2.25 26.61 42.88
N GLU A 375 1.96 27.72 42.22
CA GLU A 375 1.88 29.03 42.88
C GLU A 375 0.46 29.32 43.34
N LEU A 376 -0.49 28.54 42.83
CA LEU A 376 -1.90 28.70 43.19
C LEU A 376 -2.31 27.60 44.16
N ILE A 377 -1.70 26.43 44.02
CA ILE A 377 -2.00 25.26 44.87
C ILE A 377 -2.32 25.63 46.31
N PRO A 378 -1.44 26.42 46.95
CA PRO A 378 -1.68 26.80 48.34
C PRO A 378 -3.03 27.52 48.50
N GLU A 379 -3.27 28.49 47.63
CA GLU A 379 -4.51 29.24 47.67
C GLU A 379 -5.74 28.36 47.42
N ALA A 380 -5.62 27.44 46.47
CA ALA A 380 -6.71 26.52 46.14
C ALA A 380 -6.98 25.58 47.30
N THR A 381 -5.91 25.02 47.84
CA THR A 381 -6.01 24.09 48.97
C THR A 381 -6.67 24.77 50.16
N GLU A 382 -6.40 26.07 50.32
CA GLU A 382 -6.96 26.84 51.42
C GLU A 382 -8.48 26.98 51.34
N LYS A 383 -8.99 27.42 50.20
CA LYS A 383 -10.43 27.60 50.01
C LYS A 383 -11.25 26.34 50.25
N TYR A 384 -10.66 25.17 50.00
CA TYR A 384 -11.39 23.91 50.18
C TYR A 384 -11.13 23.21 51.51
N LEU A 385 -9.88 23.18 51.93
CA LEU A 385 -9.50 22.51 53.17
C LEU A 385 -9.50 23.36 54.43
N GLY A 386 -9.21 24.65 54.30
CA GLY A 386 -9.18 25.53 55.46
C GLY A 386 -10.49 25.58 56.23
N GLY A 387 -11.49 24.85 55.75
CA GLY A 387 -12.79 24.83 56.41
C GLY A 387 -12.78 24.24 57.81
N THR A 388 -12.58 22.92 57.90
CA THR A 388 -12.55 22.24 59.19
C THR A 388 -11.14 21.77 59.52
N ASP A 389 -11.01 21.10 60.67
CA ASP A 389 -9.73 20.59 61.12
C ASP A 389 -9.74 19.05 61.02
N ASP A 390 -10.94 18.50 60.88
CA ASP A 390 -11.13 17.05 60.76
C ASP A 390 -10.34 16.55 59.55
N THR A 391 -9.20 15.91 59.79
CA THR A 391 -8.36 15.38 58.72
C THR A 391 -9.12 14.55 57.71
N VAL A 392 -10.22 13.93 58.16
CA VAL A 392 -11.04 13.12 57.28
C VAL A 392 -11.88 14.01 56.36
N LYS A 393 -12.42 15.09 56.90
CA LYS A 393 -13.21 16.02 56.10
C LYS A 393 -12.35 16.60 54.98
N LYS A 394 -11.08 16.87 55.29
CA LYS A 394 -10.16 17.42 54.32
C LYS A 394 -9.99 16.43 53.16
N LYS A 395 -9.83 15.15 53.48
CA LYS A 395 -9.67 14.14 52.46
C LYS A 395 -10.86 14.19 51.51
N ASP A 396 -12.05 14.34 52.09
CA ASP A 396 -13.27 14.41 51.29
C ASP A 396 -13.36 15.73 50.55
N LEU A 397 -12.92 16.81 51.20
CA LEU A 397 -12.94 18.11 50.57
C LEU A 397 -11.93 18.14 49.42
N PHE A 398 -10.80 17.45 49.62
CA PHE A 398 -9.76 17.39 48.60
C PHE A 398 -10.32 16.74 47.35
N LEU A 399 -11.11 15.67 47.54
CA LEU A 399 -11.71 14.99 46.41
C LEU A 399 -12.63 15.96 45.69
N ASP A 400 -13.55 16.59 46.41
CA ASP A 400 -14.46 17.55 45.79
C ASP A 400 -13.66 18.58 45.00
N LEU A 401 -12.48 18.92 45.50
CA LEU A 401 -11.62 19.90 44.85
C LEU A 401 -11.38 19.46 43.41
N ILE A 402 -10.82 18.26 43.27
CA ILE A 402 -10.53 17.73 41.95
C ILE A 402 -11.79 17.54 41.13
N ALA A 403 -12.84 17.01 41.77
CA ALA A 403 -14.11 16.77 41.11
C ALA A 403 -14.67 18.04 40.48
N ASP A 404 -14.35 19.18 41.07
CA ASP A 404 -14.85 20.44 40.54
C ASP A 404 -14.02 20.94 39.37
N VAL A 405 -12.71 20.70 39.42
CA VAL A 405 -11.86 21.17 38.36
C VAL A 405 -11.99 20.31 37.12
N MET A 406 -12.15 19.01 37.32
CA MET A 406 -12.24 18.11 36.19
C MET A 406 -13.57 18.06 35.47
N PHE A 407 -14.66 18.10 36.22
CA PHE A 407 -16.00 18.04 35.62
C PHE A 407 -16.87 19.20 36.02
N GLY A 408 -16.99 19.38 37.33
CA GLY A 408 -17.82 20.44 37.88
C GLY A 408 -17.87 21.77 37.16
N VAL A 409 -16.78 22.52 37.25
CA VAL A 409 -16.73 23.82 36.62
C VAL A 409 -16.80 23.75 35.09
N PRO A 410 -15.97 22.90 34.45
CA PRO A 410 -15.99 22.77 32.99
C PRO A 410 -17.42 22.61 32.46
N SER A 411 -18.11 21.60 32.99
CA SER A 411 -19.47 21.33 32.61
C SER A 411 -20.33 22.58 32.63
N VAL A 412 -20.40 23.23 33.79
CA VAL A 412 -21.23 24.42 33.91
C VAL A 412 -20.84 25.52 32.94
N ILE A 413 -19.53 25.74 32.78
CA ILE A 413 -19.08 26.77 31.86
C ILE A 413 -19.58 26.39 30.46
N VAL A 414 -19.37 25.13 30.07
CA VAL A 414 -19.83 24.68 28.76
C VAL A 414 -21.32 25.00 28.61
N ALA A 415 -22.10 24.55 29.58
CA ALA A 415 -23.54 24.74 29.59
C ALA A 415 -23.94 26.19 29.42
N ARG A 416 -23.24 27.07 30.11
CA ARG A 416 -23.53 28.49 30.02
C ARG A 416 -23.31 29.01 28.62
N ASN A 417 -22.12 28.74 28.07
CA ASN A 417 -21.77 29.17 26.72
C ASN A 417 -22.83 28.71 25.74
N HIS A 418 -23.19 27.42 25.82
CA HIS A 418 -24.20 26.85 24.94
C HIS A 418 -25.52 27.63 25.07
N ARG A 419 -25.88 27.92 26.31
CA ARG A 419 -27.10 28.67 26.59
C ARG A 419 -26.99 30.02 25.90
N ASP A 420 -25.90 30.73 26.19
CA ASP A 420 -25.64 32.04 25.63
C ASP A 420 -25.55 32.05 24.12
N ALA A 421 -25.13 30.92 23.53
CA ALA A 421 -25.03 30.83 22.08
C ALA A 421 -26.45 30.81 21.54
N GLY A 422 -27.42 30.75 22.45
CA GLY A 422 -28.82 30.74 22.08
C GLY A 422 -29.33 29.38 21.69
N ALA A 423 -29.05 28.38 22.53
CA ALA A 423 -29.48 27.02 22.24
C ALA A 423 -30.02 26.31 23.47
N PRO A 424 -31.07 25.50 23.30
CA PRO A 424 -31.66 24.77 24.42
C PRO A 424 -30.56 24.10 25.21
N THR A 425 -30.49 24.39 26.50
CA THR A 425 -29.47 23.78 27.34
C THR A 425 -30.13 23.23 28.57
N TYR A 426 -29.65 22.10 29.06
CA TYR A 426 -30.23 21.48 30.25
C TYR A 426 -29.13 20.88 31.09
N MET A 427 -29.22 21.04 32.40
CA MET A 427 -28.21 20.45 33.28
C MET A 427 -28.85 19.57 34.34
N TYR A 428 -28.03 18.75 34.99
CA TYR A 428 -28.53 17.89 36.04
C TYR A 428 -27.39 17.45 36.94
N GLU A 429 -27.72 17.01 38.14
CA GLU A 429 -26.73 16.51 39.07
C GLU A 429 -27.30 15.23 39.64
N PHE A 430 -26.70 14.11 39.26
CA PHE A 430 -27.14 12.80 39.71
C PHE A 430 -26.54 12.40 41.04
N GLN A 431 -27.37 12.35 42.07
CA GLN A 431 -26.90 11.97 43.39
C GLN A 431 -27.65 10.75 43.87
N TYR A 432 -27.00 9.60 43.74
CA TYR A 432 -27.60 8.34 44.15
C TYR A 432 -26.50 7.28 44.20
N ARG A 433 -26.69 6.26 45.02
CA ARG A 433 -25.72 5.19 45.12
C ARG A 433 -26.33 3.90 44.62
N PRO A 434 -26.01 3.50 43.39
CA PRO A 434 -26.58 2.26 42.88
C PRO A 434 -26.22 1.03 43.72
N SER A 435 -27.15 0.10 43.82
CA SER A 435 -26.95 -1.12 44.58
C SER A 435 -25.97 -2.04 43.86
N PHE A 436 -25.65 -1.69 42.62
CA PHE A 436 -24.74 -2.49 41.82
C PHE A 436 -23.29 -2.07 42.07
N SER A 437 -23.11 -1.06 42.93
CA SER A 437 -21.78 -0.58 43.24
C SER A 437 -20.89 -1.75 43.65
N SER A 438 -19.58 -1.59 43.45
CA SER A 438 -18.62 -2.64 43.81
C SER A 438 -18.65 -2.80 45.32
N ASP A 439 -18.11 -3.91 45.83
CA ASP A 439 -18.07 -4.14 47.27
C ASP A 439 -17.06 -3.21 47.94
N MET A 440 -15.90 -3.05 47.30
CA MET A 440 -14.84 -2.20 47.81
C MET A 440 -15.17 -0.71 47.82
N LYS A 441 -16.43 -0.38 47.52
CA LYS A 441 -16.90 1.00 47.49
C LYS A 441 -17.67 1.31 48.78
N PRO A 442 -17.18 2.28 49.56
CA PRO A 442 -17.83 2.67 50.83
C PRO A 442 -19.27 3.14 50.64
N LYS A 443 -20.15 2.77 51.56
CA LYS A 443 -21.56 3.14 51.47
C LYS A 443 -21.83 4.62 51.62
N THR A 444 -20.80 5.39 51.93
CA THR A 444 -20.94 6.84 52.10
C THR A 444 -20.68 7.61 50.81
N VAL A 445 -20.29 6.89 49.76
CA VAL A 445 -20.02 7.49 48.47
C VAL A 445 -21.28 7.42 47.62
N ILE A 446 -21.89 8.58 47.41
CA ILE A 446 -23.12 8.69 46.62
C ILE A 446 -22.90 9.58 45.41
N GLY A 447 -23.31 9.10 44.23
CA GLY A 447 -23.13 9.87 43.02
C GLY A 447 -21.68 9.84 42.60
N ASP A 448 -21.11 8.64 42.61
CA ASP A 448 -19.73 8.41 42.21
C ASP A 448 -19.65 8.35 40.68
N HIS A 449 -18.46 8.53 40.12
CA HIS A 449 -18.28 8.51 38.66
C HIS A 449 -18.97 7.31 37.98
N GLY A 450 -19.85 7.59 37.03
CA GLY A 450 -20.53 6.52 36.32
C GLY A 450 -21.76 5.91 36.99
N ASP A 451 -22.07 6.37 38.18
CA ASP A 451 -23.23 5.84 38.85
C ASP A 451 -24.53 5.99 38.06
N GLU A 452 -24.65 7.07 37.29
CA GLU A 452 -25.86 7.28 36.49
C GLU A 452 -26.02 6.21 35.42
N LEU A 453 -24.91 5.66 34.95
CA LEU A 453 -24.98 4.64 33.92
C LEU A 453 -26.02 3.57 34.20
N PHE A 454 -26.19 3.16 35.45
CA PHE A 454 -27.14 2.10 35.78
C PHE A 454 -28.59 2.48 35.62
N SER A 455 -28.91 3.74 35.86
CA SER A 455 -30.29 4.18 35.72
C SER A 455 -30.55 4.39 34.23
N VAL A 456 -29.60 5.00 33.54
CA VAL A 456 -29.74 5.28 32.12
C VAL A 456 -29.90 4.06 31.25
N PHE A 457 -29.13 3.01 31.53
CA PHE A 457 -29.27 1.82 30.72
C PHE A 457 -30.19 0.75 31.26
N GLY A 458 -31.00 1.13 32.25
CA GLY A 458 -31.94 0.19 32.84
C GLY A 458 -31.33 -1.00 33.51
N ALA A 459 -30.33 -0.76 34.35
CA ALA A 459 -29.66 -1.83 35.07
C ALA A 459 -30.64 -2.64 35.92
N PRO A 460 -31.58 -1.95 36.59
CA PRO A 460 -32.55 -2.65 37.43
C PRO A 460 -33.43 -3.69 36.74
N PHE A 461 -33.49 -3.66 35.40
CA PHE A 461 -34.30 -4.60 34.63
C PHE A 461 -33.49 -5.73 34.01
N LEU A 462 -32.19 -5.74 34.24
CA LEU A 462 -31.33 -6.78 33.69
C LEU A 462 -30.56 -7.46 34.80
N LYS A 463 -30.13 -6.69 35.79
CA LYS A 463 -29.40 -7.26 36.91
C LYS A 463 -30.41 -7.75 37.96
N GLU A 464 -29.94 -8.09 39.15
CA GLU A 464 -30.85 -8.57 40.18
C GLU A 464 -30.89 -7.77 41.48
N GLY A 465 -31.98 -7.94 42.21
CA GLY A 465 -32.15 -7.29 43.50
C GLY A 465 -32.19 -5.78 43.53
N ALA A 466 -33.01 -5.17 42.68
CA ALA A 466 -33.09 -3.73 42.69
C ALA A 466 -34.31 -3.34 43.51
N SER A 467 -34.10 -2.48 44.51
CA SER A 467 -35.20 -2.02 45.34
C SER A 467 -36.20 -1.35 44.41
N GLU A 468 -37.47 -1.31 44.81
CA GLU A 468 -38.48 -0.70 43.96
C GLU A 468 -38.06 0.72 43.69
N GLU A 469 -37.41 1.34 44.67
CA GLU A 469 -36.94 2.72 44.57
C GLU A 469 -35.97 2.91 43.42
N GLU A 470 -35.04 1.97 43.30
CA GLU A 470 -34.02 2.01 42.26
C GLU A 470 -34.68 1.78 40.90
N ILE A 471 -35.59 0.81 40.87
CA ILE A 471 -36.32 0.47 39.66
C ILE A 471 -37.07 1.67 39.13
N ARG A 472 -37.67 2.41 40.03
CA ARG A 472 -38.45 3.60 39.67
C ARG A 472 -37.52 4.70 39.22
N LEU A 473 -36.40 4.86 39.91
CA LEU A 473 -35.44 5.88 39.54
C LEU A 473 -35.04 5.66 38.11
N SER A 474 -34.65 4.43 37.80
CA SER A 474 -34.23 4.10 36.45
C SER A 474 -35.29 4.43 35.41
N LYS A 475 -36.53 3.99 35.68
CA LYS A 475 -37.64 4.26 34.76
C LYS A 475 -37.73 5.75 34.45
N MET A 476 -37.58 6.56 35.49
CA MET A 476 -37.65 8.02 35.40
C MET A 476 -36.57 8.60 34.49
N VAL A 477 -35.31 8.23 34.74
CA VAL A 477 -34.19 8.72 33.95
C VAL A 477 -34.33 8.35 32.48
N MET A 478 -34.64 7.09 32.20
CA MET A 478 -34.80 6.68 30.81
C MET A 478 -35.83 7.55 30.10
N LYS A 479 -36.94 7.84 30.78
CA LYS A 479 -38.00 8.68 30.22
C LYS A 479 -37.43 10.05 29.89
N PHE A 480 -36.78 10.68 30.85
CA PHE A 480 -36.19 11.99 30.63
C PHE A 480 -35.28 11.95 29.41
N TRP A 481 -34.35 11.00 29.43
CA TRP A 481 -33.41 10.86 28.32
C TRP A 481 -34.16 10.67 27.00
N ALA A 482 -34.93 9.61 26.90
CA ALA A 482 -35.70 9.35 25.68
C ALA A 482 -36.52 10.57 25.25
N ASN A 483 -37.18 11.22 26.20
CA ASN A 483 -37.98 12.39 25.86
C ASN A 483 -37.13 13.45 25.21
N PHE A 484 -35.95 13.68 25.78
CA PHE A 484 -35.04 14.66 25.21
C PHE A 484 -34.74 14.23 23.78
N ALA A 485 -34.32 12.99 23.60
CA ALA A 485 -34.00 12.46 22.28
C ALA A 485 -35.13 12.70 21.31
N ARG A 486 -36.35 12.73 21.83
CA ARG A 486 -37.53 12.97 21.01
C ARG A 486 -37.73 14.45 20.69
N ASN A 487 -37.96 15.26 21.72
CA ASN A 487 -38.23 16.68 21.53
C ASN A 487 -37.14 17.66 21.87
N GLY A 488 -35.99 17.18 22.31
CA GLY A 488 -34.93 18.10 22.69
C GLY A 488 -35.39 18.79 23.97
N ASN A 489 -36.23 18.10 24.74
CA ASN A 489 -36.77 18.59 26.00
C ASN A 489 -37.16 17.35 26.81
N PRO A 490 -36.53 17.18 27.98
CA PRO A 490 -36.77 16.05 28.86
C PRO A 490 -38.17 15.94 29.44
N ASN A 491 -38.81 17.08 29.66
CA ASN A 491 -40.14 17.11 30.24
C ASN A 491 -41.19 16.23 29.59
N GLY A 492 -42.20 15.90 30.38
CA GLY A 492 -43.29 15.06 29.92
C GLY A 492 -44.18 14.73 31.09
N GLU A 493 -45.37 14.21 30.81
CA GLU A 493 -46.30 13.86 31.88
C GLU A 493 -45.78 12.72 32.70
N GLY A 494 -45.93 12.84 34.02
CA GLY A 494 -45.48 11.80 34.93
C GLY A 494 -44.10 12.04 35.50
N LEU A 495 -43.41 13.05 34.97
CA LEU A 495 -42.06 13.36 35.42
C LEU A 495 -41.96 14.73 36.03
N PRO A 496 -41.18 14.88 37.12
CA PRO A 496 -41.01 16.17 37.78
C PRO A 496 -40.70 17.20 36.71
N HIS A 497 -40.86 18.47 37.01
CA HIS A 497 -40.55 19.47 36.00
C HIS A 497 -39.07 19.74 35.97
N TRP A 498 -38.50 19.71 34.77
CA TRP A 498 -37.09 19.97 34.60
C TRP A 498 -36.96 21.34 33.95
N PRO A 499 -36.45 22.33 34.69
CA PRO A 499 -36.28 23.68 34.19
C PRO A 499 -35.15 23.73 33.19
N GLU A 500 -35.32 24.52 32.15
CA GLU A 500 -34.27 24.64 31.15
C GLU A 500 -33.16 25.50 31.74
N TYR A 501 -31.93 25.20 31.39
CA TYR A 501 -30.81 25.98 31.89
C TYR A 501 -30.75 27.29 31.13
N ASN A 502 -31.38 28.32 31.68
CA ASN A 502 -31.41 29.65 31.08
C ASN A 502 -30.68 30.61 32.01
N GLN A 503 -31.11 31.86 32.04
CA GLN A 503 -30.48 32.86 32.88
C GLN A 503 -30.57 32.59 34.38
N LYS A 504 -31.64 31.94 34.82
CA LYS A 504 -31.82 31.61 36.24
C LYS A 504 -30.92 30.43 36.60
N GLU A 505 -30.41 29.77 35.56
CA GLU A 505 -29.53 28.62 35.73
C GLU A 505 -30.18 27.53 36.53
N GLY A 506 -31.31 27.05 36.06
CA GLY A 506 -32.00 25.98 36.75
C GLY A 506 -31.52 24.64 36.23
N TYR A 507 -31.41 23.67 37.12
CA TYR A 507 -30.98 22.33 36.74
C TYR A 507 -31.76 21.32 37.56
N LEU A 508 -31.72 20.06 37.15
CA LEU A 508 -32.47 19.04 37.86
C LEU A 508 -31.59 18.18 38.75
N GLN A 509 -32.01 17.96 39.98
CA GLN A 509 -31.26 17.11 40.88
C GLN A 509 -31.89 15.75 40.83
N ILE A 510 -31.20 14.79 40.23
CA ILE A 510 -31.77 13.46 40.15
C ILE A 510 -31.29 12.56 41.28
N GLY A 511 -32.21 11.78 41.82
CA GLY A 511 -31.87 10.88 42.90
C GLY A 511 -33.11 10.40 43.63
N ALA A 512 -32.96 9.99 44.89
CA ALA A 512 -34.10 9.53 45.67
C ALA A 512 -35.20 10.60 45.61
N ASN A 513 -34.82 11.85 45.87
CA ASN A 513 -35.78 12.95 45.81
C ASN A 513 -35.41 13.83 44.63
N THR A 514 -36.05 13.61 43.49
CA THR A 514 -35.73 14.38 42.31
C THR A 514 -36.54 15.67 42.22
N GLN A 515 -35.85 16.80 42.37
CA GLN A 515 -36.51 18.11 42.29
C GLN A 515 -35.55 19.14 41.70
N ALA A 516 -36.10 20.20 41.13
CA ALA A 516 -35.30 21.24 40.51
C ALA A 516 -34.43 22.02 41.51
N ALA A 517 -33.54 22.87 40.99
CA ALA A 517 -32.64 23.69 41.80
C ALA A 517 -32.06 24.80 40.93
N GLN A 518 -31.10 25.56 41.45
CA GLN A 518 -30.50 26.64 40.66
C GLN A 518 -29.03 26.90 40.91
N LYS A 519 -28.42 27.65 39.98
CA LYS A 519 -27.01 28.02 40.04
C LYS A 519 -26.10 26.88 40.50
N LEU A 520 -26.02 25.81 39.70
CA LEU A 520 -25.19 24.68 40.04
C LEU A 520 -23.72 25.10 40.02
N LYS A 521 -22.98 24.71 41.05
CA LYS A 521 -21.55 25.02 41.17
C LYS A 521 -21.22 26.47 40.84
N ASP A 522 -22.17 27.37 41.06
CA ASP A 522 -21.96 28.77 40.76
C ASP A 522 -20.80 29.39 41.53
N LYS A 523 -20.77 29.16 42.83
CA LYS A 523 -19.70 29.71 43.67
C LYS A 523 -18.34 29.23 43.15
N GLU A 524 -18.21 27.92 42.95
CA GLU A 524 -16.98 27.32 42.47
C GLU A 524 -16.50 27.92 41.14
N VAL A 525 -17.34 27.87 40.12
CA VAL A 525 -16.97 28.42 38.82
C VAL A 525 -16.36 29.79 39.01
N ALA A 526 -17.14 30.67 39.62
CA ALA A 526 -16.70 32.04 39.87
C ALA A 526 -15.30 32.07 40.48
N PHE A 527 -15.10 31.28 41.53
CA PHE A 527 -13.83 31.19 42.21
C PHE A 527 -12.70 30.77 41.27
N TRP A 528 -12.70 29.50 40.90
CA TRP A 528 -11.67 28.96 40.03
C TRP A 528 -11.34 29.83 38.84
N THR A 529 -12.35 30.47 38.26
CA THR A 529 -12.09 31.33 37.11
C THR A 529 -11.03 32.38 37.42
N ASN A 530 -11.13 33.00 38.60
CA ASN A 530 -10.19 34.03 39.01
C ASN A 530 -8.82 33.43 39.37
N LEU A 531 -8.84 32.37 40.18
CA LEU A 531 -7.61 31.72 40.57
C LEU A 531 -6.81 31.32 39.33
N PHE A 532 -7.51 31.08 38.23
CA PHE A 532 -6.86 30.70 36.98
C PHE A 532 -6.41 31.92 36.19
N ALA A 533 -7.01 33.07 36.46
CA ALA A 533 -6.63 34.31 35.78
C ALA A 533 -5.32 34.82 36.40
N LYS A 534 -4.72 33.95 37.23
CA LYS A 534 -3.46 34.25 37.92
C LYS A 534 -3.50 35.64 38.55
N SER B 3 15.21 -12.50 -41.61
CA SER B 3 13.99 -11.71 -41.43
C SER B 3 14.01 -10.92 -40.13
N SER B 4 13.20 -9.87 -40.07
CA SER B 4 13.15 -9.06 -38.88
C SER B 4 12.16 -9.69 -37.90
N PRO B 5 12.56 -9.81 -36.62
CA PRO B 5 11.68 -10.40 -35.62
C PRO B 5 10.32 -9.71 -35.69
N PRO B 6 9.24 -10.45 -35.42
CA PRO B 6 7.88 -9.89 -35.47
C PRO B 6 7.62 -8.91 -34.34
N VAL B 7 7.12 -7.73 -34.68
CA VAL B 7 6.80 -6.74 -33.68
C VAL B 7 5.36 -6.32 -33.84
N VAL B 8 4.57 -6.53 -32.79
CA VAL B 8 3.16 -6.20 -32.81
C VAL B 8 2.89 -5.13 -31.79
N ASP B 9 1.86 -4.32 -32.06
CA ASP B 9 1.50 -3.24 -31.17
C ASP B 9 0.27 -3.61 -30.36
N THR B 10 0.36 -3.45 -29.05
CA THR B 10 -0.78 -3.75 -28.18
C THR B 10 -1.16 -2.50 -27.42
N VAL B 11 -2.32 -2.53 -26.76
CA VAL B 11 -2.79 -1.38 -26.03
C VAL B 11 -1.81 -0.86 -24.97
N HIS B 12 -1.00 -1.76 -24.42
CA HIS B 12 -0.04 -1.37 -23.39
C HIS B 12 1.37 -1.19 -23.90
N GLY B 13 1.58 -1.34 -25.20
CA GLY B 13 2.92 -1.18 -25.74
C GLY B 13 3.32 -2.21 -26.79
N LYS B 14 4.45 -1.99 -27.45
CA LYS B 14 4.92 -2.90 -28.48
C LYS B 14 5.54 -4.18 -27.92
N VAL B 15 5.28 -5.29 -28.62
CA VAL B 15 5.78 -6.60 -28.22
C VAL B 15 6.60 -7.23 -29.34
N LEU B 16 7.77 -7.73 -28.98
CA LEU B 16 8.69 -8.35 -29.93
C LEU B 16 8.68 -9.87 -29.75
N GLY B 17 8.43 -10.59 -30.84
CA GLY B 17 8.37 -12.05 -30.76
C GLY B 17 9.49 -12.72 -31.54
N LYS B 18 9.24 -13.97 -31.94
CA LYS B 18 10.21 -14.74 -32.75
C LYS B 18 9.47 -15.62 -33.75
N PHE B 19 10.04 -15.79 -34.94
CA PHE B 19 9.43 -16.62 -35.98
C PHE B 19 9.89 -18.06 -35.83
N VAL B 20 8.95 -18.99 -35.91
CA VAL B 20 9.27 -20.41 -35.79
C VAL B 20 8.57 -21.14 -36.92
N SER B 21 9.32 -21.88 -37.71
CA SER B 21 8.73 -22.62 -38.82
C SER B 21 8.57 -24.08 -38.49
N LEU B 22 7.44 -24.64 -38.91
CA LEU B 22 7.15 -26.04 -38.68
C LEU B 22 7.41 -26.77 -39.99
N GLU B 23 7.92 -27.99 -39.89
CA GLU B 23 8.23 -28.79 -41.07
C GLU B 23 7.09 -28.78 -42.09
N GLY B 24 7.41 -28.43 -43.34
CA GLY B 24 6.40 -28.43 -44.40
C GLY B 24 5.31 -27.38 -44.36
N PHE B 25 5.65 -26.17 -43.95
CA PHE B 25 4.69 -25.06 -43.90
C PHE B 25 5.40 -23.77 -44.31
N ALA B 26 4.91 -23.15 -45.38
CA ALA B 26 5.51 -21.91 -45.89
C ALA B 26 5.52 -20.79 -44.83
N GLN B 27 4.34 -20.26 -44.54
CA GLN B 27 4.21 -19.19 -43.56
C GLN B 27 4.64 -19.62 -42.16
N PRO B 28 5.73 -19.04 -41.64
CA PRO B 28 6.20 -19.39 -40.30
C PRO B 28 5.27 -18.77 -39.25
N VAL B 29 5.20 -19.42 -38.08
CA VAL B 29 4.35 -18.93 -37.01
C VAL B 29 5.08 -17.88 -36.15
N ALA B 30 4.38 -16.81 -35.81
CA ALA B 30 4.95 -15.77 -34.95
C ALA B 30 4.62 -16.21 -33.52
N ILE B 31 5.63 -16.30 -32.67
CA ILE B 31 5.43 -16.73 -31.29
C ILE B 31 5.85 -15.68 -30.26
N PHE B 32 4.93 -15.35 -29.36
CA PHE B 32 5.23 -14.39 -28.31
C PHE B 32 5.09 -15.09 -26.97
N LEU B 33 6.16 -15.10 -26.19
CA LEU B 33 6.16 -15.74 -24.90
C LEU B 33 6.26 -14.76 -23.71
N GLY B 34 5.33 -14.91 -22.76
CA GLY B 34 5.37 -14.06 -21.59
C GLY B 34 4.78 -12.66 -21.69
N ILE B 35 3.64 -12.53 -22.35
CA ILE B 35 3.03 -11.22 -22.43
C ILE B 35 2.20 -11.09 -21.18
N PRO B 36 2.41 -10.01 -20.41
CA PRO B 36 1.66 -9.78 -19.18
C PRO B 36 0.25 -9.30 -19.48
N PHE B 37 -0.75 -9.82 -18.77
CA PHE B 37 -2.11 -9.37 -19.01
C PHE B 37 -2.71 -8.78 -17.77
N ALA B 38 -1.88 -8.64 -16.74
CA ALA B 38 -2.31 -8.09 -15.46
C ALA B 38 -1.09 -7.62 -14.69
N LYS B 39 -1.31 -6.82 -13.65
CA LYS B 39 -0.22 -6.33 -12.84
C LYS B 39 0.20 -7.45 -11.87
N PRO B 40 1.52 -7.67 -11.70
CA PRO B 40 2.02 -8.71 -10.79
C PRO B 40 1.30 -8.61 -9.47
N PRO B 41 0.51 -9.65 -9.11
CA PRO B 41 -0.28 -9.74 -7.87
C PRO B 41 0.58 -9.88 -6.61
N LEU B 42 1.57 -9.01 -6.50
CA LEU B 42 2.47 -9.01 -5.35
C LEU B 42 2.02 -8.09 -4.22
N GLY B 43 2.65 -8.26 -3.07
CA GLY B 43 2.33 -7.44 -1.92
C GLY B 43 0.85 -7.38 -1.58
N PRO B 44 0.31 -6.16 -1.39
CA PRO B 44 -1.09 -5.95 -1.05
C PRO B 44 -2.07 -6.42 -2.10
N LEU B 45 -1.58 -6.78 -3.28
CA LEU B 45 -2.47 -7.24 -4.32
C LEU B 45 -2.79 -8.73 -4.21
N ARG B 46 -2.18 -9.36 -3.23
CA ARG B 46 -2.42 -10.79 -3.01
C ARG B 46 -3.82 -10.99 -2.47
N PHE B 47 -4.52 -11.99 -2.98
CA PHE B 47 -5.88 -12.26 -2.53
C PHE B 47 -6.82 -11.13 -2.93
N THR B 48 -6.56 -10.53 -4.09
CA THR B 48 -7.41 -9.45 -4.57
C THR B 48 -7.57 -9.68 -6.05
N PRO B 49 -8.61 -9.14 -6.66
CA PRO B 49 -8.85 -9.31 -8.09
C PRO B 49 -7.66 -8.79 -8.87
N PRO B 50 -7.36 -9.41 -10.01
CA PRO B 50 -6.23 -8.98 -10.82
C PRO B 50 -6.47 -7.58 -11.38
N GLN B 51 -5.40 -6.80 -11.47
CA GLN B 51 -5.50 -5.46 -12.01
C GLN B 51 -4.86 -5.26 -13.37
N PRO B 52 -5.27 -4.23 -14.11
CA PRO B 52 -4.72 -3.94 -15.43
C PRO B 52 -3.22 -3.76 -15.32
N ALA B 53 -2.49 -4.13 -16.36
CA ALA B 53 -1.04 -4.01 -16.37
C ALA B 53 -0.52 -2.62 -16.73
N GLU B 54 0.66 -2.28 -16.22
CA GLU B 54 1.28 -1.00 -16.49
C GLU B 54 1.84 -1.02 -17.91
N PRO B 55 1.50 0.00 -18.72
CA PRO B 55 1.94 0.14 -20.10
C PRO B 55 3.43 0.42 -20.17
N TRP B 56 4.11 -0.17 -21.16
CA TRP B 56 5.54 0.04 -21.28
C TRP B 56 5.94 1.06 -22.34
N SER B 57 7.07 1.71 -22.07
CA SER B 57 7.59 2.77 -22.92
C SER B 57 8.23 2.42 -24.23
N PHE B 58 8.90 1.29 -24.34
CA PHE B 58 9.50 0.96 -25.64
C PHE B 58 9.01 -0.33 -26.27
N VAL B 59 9.93 -1.25 -26.54
CA VAL B 59 9.52 -2.52 -27.11
C VAL B 59 9.85 -3.64 -26.13
N LYS B 60 8.81 -4.35 -25.70
CA LYS B 60 8.97 -5.45 -24.76
C LYS B 60 9.24 -6.73 -25.52
N ASN B 61 10.33 -7.40 -25.18
CA ASN B 61 10.67 -8.65 -25.86
C ASN B 61 9.94 -9.80 -25.23
N ALA B 62 9.02 -10.42 -25.96
CA ALA B 62 8.29 -11.57 -25.42
C ALA B 62 9.01 -12.78 -26.00
N THR B 63 10.15 -13.11 -25.41
CA THR B 63 10.96 -14.20 -25.92
C THR B 63 11.45 -15.19 -24.88
N SER B 64 10.92 -15.13 -23.67
CA SER B 64 11.36 -16.05 -22.63
C SER B 64 10.13 -16.61 -21.96
N TYR B 65 10.14 -17.90 -21.67
CA TYR B 65 8.99 -18.52 -21.04
C TYR B 65 8.74 -17.89 -19.68
N PRO B 66 7.49 -17.46 -19.41
CA PRO B 66 7.17 -16.85 -18.13
C PRO B 66 7.24 -17.89 -17.04
N PRO B 67 7.42 -17.47 -15.78
CA PRO B 67 7.48 -18.40 -14.64
C PRO B 67 6.12 -19.03 -14.42
N MET B 68 6.06 -20.15 -13.72
CA MET B 68 4.76 -20.73 -13.45
C MET B 68 4.37 -20.24 -12.06
N CYS B 69 3.07 -20.03 -11.81
CA CYS B 69 2.66 -19.57 -10.49
C CYS B 69 3.20 -20.48 -9.41
N THR B 70 3.41 -19.93 -8.23
CA THR B 70 3.96 -20.73 -7.14
C THR B 70 3.16 -22.02 -6.92
N GLN B 71 3.88 -23.13 -6.82
CA GLN B 71 3.26 -24.41 -6.64
C GLN B 71 4.31 -25.44 -6.25
N ASP B 72 3.86 -26.63 -5.88
CA ASP B 72 4.77 -27.70 -5.50
C ASP B 72 5.72 -27.92 -6.68
N PRO B 73 6.97 -27.45 -6.57
CA PRO B 73 7.87 -27.65 -7.70
C PRO B 73 7.98 -29.08 -8.23
N LYS B 74 8.10 -30.06 -7.36
CA LYS B 74 8.19 -31.43 -7.84
C LYS B 74 6.94 -31.78 -8.61
N ALA B 75 5.82 -31.78 -7.93
CA ALA B 75 4.53 -32.07 -8.55
C ALA B 75 4.36 -31.37 -9.91
N GLY B 76 4.65 -30.07 -9.93
CA GLY B 76 4.52 -29.31 -11.16
C GLY B 76 5.38 -29.81 -12.30
N GLN B 77 6.68 -29.90 -12.07
CA GLN B 77 7.60 -30.37 -13.11
C GLN B 77 7.19 -31.75 -13.61
N LEU B 78 6.74 -32.60 -12.68
CA LEU B 78 6.31 -33.94 -13.03
C LEU B 78 5.13 -33.91 -13.98
N LEU B 79 4.09 -33.16 -13.63
CA LEU B 79 2.92 -33.07 -14.50
C LEU B 79 3.29 -32.44 -15.85
N SER B 80 4.11 -31.39 -15.82
CA SER B 80 4.55 -30.73 -17.05
C SER B 80 5.14 -31.75 -18.03
N GLU B 81 5.90 -32.72 -17.51
CA GLU B 81 6.51 -33.76 -18.34
C GLU B 81 5.47 -34.73 -18.91
N LEU B 82 4.60 -35.24 -18.03
CA LEU B 82 3.56 -36.18 -18.42
C LEU B 82 2.49 -35.65 -19.37
N PHE B 83 2.38 -34.33 -19.52
CA PHE B 83 1.36 -33.71 -20.38
C PHE B 83 1.93 -32.96 -21.59
N THR B 84 3.13 -32.44 -21.43
CA THR B 84 3.77 -31.67 -22.50
C THR B 84 3.67 -32.33 -23.89
N ASN B 85 3.35 -31.52 -24.90
CA ASN B 85 3.21 -32.01 -26.26
C ASN B 85 4.48 -31.78 -27.08
N ARG B 86 5.46 -31.10 -26.49
CA ARG B 86 6.73 -30.81 -27.18
C ARG B 86 7.73 -31.92 -26.89
N LYS B 87 8.75 -32.05 -27.73
CA LYS B 87 9.74 -33.10 -27.54
C LYS B 87 10.56 -32.97 -26.26
N GLU B 88 11.10 -31.78 -25.98
CA GLU B 88 11.87 -31.59 -24.78
C GLU B 88 11.09 -30.76 -23.77
N ASN B 89 10.88 -31.29 -22.56
CA ASN B 89 10.15 -30.53 -21.56
C ASN B 89 10.98 -29.33 -21.09
N ILE B 90 10.35 -28.17 -21.08
CA ILE B 90 11.00 -26.94 -20.64
C ILE B 90 10.90 -26.76 -19.14
N PRO B 91 12.06 -26.68 -18.46
CA PRO B 91 12.08 -26.49 -17.01
C PRO B 91 11.69 -25.02 -16.74
N LEU B 92 10.81 -24.79 -15.78
CA LEU B 92 10.38 -23.44 -15.50
C LEU B 92 10.81 -22.91 -14.15
N LYS B 93 10.49 -21.64 -13.91
CA LYS B 93 10.83 -20.95 -12.67
C LYS B 93 9.52 -20.70 -11.91
N LEU B 94 9.61 -20.53 -10.58
CA LEU B 94 8.42 -20.27 -9.77
C LEU B 94 8.36 -18.83 -9.34
N SER B 95 7.16 -18.27 -9.29
CA SER B 95 6.99 -16.89 -8.87
C SER B 95 5.54 -16.49 -8.75
N GLU B 96 5.27 -15.48 -7.93
CA GLU B 96 3.91 -14.99 -7.75
C GLU B 96 3.59 -14.13 -8.96
N ASP B 97 4.64 -13.74 -9.66
CA ASP B 97 4.53 -12.92 -10.86
C ASP B 97 4.39 -13.90 -12.03
N CYS B 98 3.16 -14.33 -12.29
CA CYS B 98 2.91 -15.31 -13.32
C CYS B 98 1.70 -15.01 -14.18
N LEU B 99 1.12 -13.84 -14.04
CA LEU B 99 -0.05 -13.55 -14.86
C LEU B 99 0.38 -13.19 -16.27
N TYR B 100 0.83 -14.19 -17.01
CA TYR B 100 1.24 -14.01 -18.39
C TYR B 100 0.49 -14.98 -19.30
N LEU B 101 0.52 -14.71 -20.60
CA LEU B 101 -0.11 -15.61 -21.55
C LEU B 101 0.85 -15.74 -22.74
N ASN B 102 0.82 -16.87 -23.42
CA ASN B 102 1.66 -17.11 -24.57
C ASN B 102 0.80 -17.13 -25.82
N ILE B 103 1.20 -16.38 -26.84
CA ILE B 103 0.44 -16.33 -28.09
C ILE B 103 1.16 -17.03 -29.24
N TYR B 104 0.39 -17.76 -30.04
CA TYR B 104 0.89 -18.48 -31.20
C TYR B 104 0.00 -18.13 -32.41
N THR B 105 0.52 -17.32 -33.34
CA THR B 105 -0.28 -16.93 -34.48
C THR B 105 0.33 -17.32 -35.83
N PRO B 106 -0.44 -18.07 -36.63
CA PRO B 106 0.01 -18.52 -37.94
C PRO B 106 -0.30 -17.50 -39.02
N ALA B 107 -0.83 -16.37 -38.61
CA ALA B 107 -1.17 -15.32 -39.56
C ALA B 107 0.01 -14.54 -40.07
N ASP B 108 -0.23 -13.82 -41.17
CA ASP B 108 0.79 -12.98 -41.78
C ASP B 108 0.53 -11.58 -41.22
N LEU B 109 1.20 -11.27 -40.12
CA LEU B 109 1.05 -10.01 -39.42
C LEU B 109 1.07 -8.77 -40.33
N THR B 110 1.64 -8.91 -41.52
CA THR B 110 1.71 -7.80 -42.47
C THR B 110 0.40 -7.60 -43.20
N LYS B 111 -0.65 -8.23 -42.70
CA LYS B 111 -1.98 -8.14 -43.32
C LYS B 111 -3.02 -7.94 -42.22
N LYS B 112 -4.28 -7.86 -42.61
CA LYS B 112 -5.34 -7.70 -41.63
C LYS B 112 -6.02 -9.05 -41.47
N ASN B 113 -5.33 -10.01 -40.86
CA ASN B 113 -5.92 -11.32 -40.66
C ASN B 113 -6.85 -11.32 -39.45
N ARG B 114 -7.89 -12.14 -39.53
CA ARG B 114 -8.85 -12.25 -38.44
C ARG B 114 -9.22 -13.71 -38.20
N LEU B 115 -8.20 -14.54 -37.95
CA LEU B 115 -8.36 -15.97 -37.69
C LEU B 115 -9.06 -16.25 -36.35
N PRO B 116 -9.71 -17.42 -36.23
CA PRO B 116 -10.38 -17.76 -34.98
C PRO B 116 -9.36 -17.94 -33.85
N VAL B 117 -9.79 -17.64 -32.62
CA VAL B 117 -8.90 -17.76 -31.47
C VAL B 117 -9.29 -18.88 -30.53
N MET B 118 -8.28 -19.60 -30.06
CA MET B 118 -8.49 -20.69 -29.13
C MET B 118 -7.59 -20.49 -27.92
N VAL B 119 -8.22 -20.18 -26.80
CA VAL B 119 -7.53 -19.93 -25.54
C VAL B 119 -7.54 -21.20 -24.71
N TRP B 120 -6.35 -21.67 -24.34
CA TRP B 120 -6.23 -22.89 -23.55
C TRP B 120 -5.97 -22.68 -22.07
N ILE B 121 -6.79 -23.33 -21.24
CA ILE B 121 -6.68 -23.23 -19.79
C ILE B 121 -6.14 -24.55 -19.25
N HIS B 122 -4.86 -24.59 -18.94
CA HIS B 122 -4.24 -25.81 -18.43
C HIS B 122 -4.91 -26.33 -17.17
N GLY B 123 -4.77 -27.62 -16.94
CA GLY B 123 -5.35 -28.24 -15.76
C GLY B 123 -4.31 -28.30 -14.68
N GLY B 124 -4.58 -29.09 -13.64
CA GLY B 124 -3.65 -29.24 -12.52
C GLY B 124 -4.34 -29.14 -11.17
N GLY B 125 -5.65 -29.44 -11.15
CA GLY B 125 -6.44 -29.39 -9.93
C GLY B 125 -6.48 -28.05 -9.23
N LEU B 126 -6.11 -27.00 -9.95
CA LEU B 126 -6.09 -25.64 -9.39
C LEU B 126 -5.00 -25.59 -8.33
N MET B 127 -4.06 -26.51 -8.43
CA MET B 127 -2.98 -26.57 -7.47
C MET B 127 -1.61 -26.40 -8.14
N VAL B 128 -1.49 -26.88 -9.37
CA VAL B 128 -0.25 -26.79 -10.11
C VAL B 128 -0.55 -26.72 -11.60
N GLY B 129 0.48 -26.47 -12.41
CA GLY B 129 0.26 -26.38 -13.84
C GLY B 129 0.96 -25.18 -14.42
N ALA B 130 0.89 -24.99 -15.74
CA ALA B 130 1.54 -23.85 -16.40
C ALA B 130 1.09 -23.77 -17.84
N ALA B 131 1.20 -22.60 -18.45
CA ALA B 131 0.79 -22.48 -19.86
C ALA B 131 1.92 -22.84 -20.81
N SER B 132 3.17 -22.64 -20.38
CA SER B 132 4.31 -22.97 -21.24
C SER B 132 4.42 -24.47 -21.54
N THR B 133 3.73 -25.27 -20.75
CA THR B 133 3.74 -26.72 -20.94
C THR B 133 3.18 -27.09 -22.31
N TYR B 134 2.16 -26.37 -22.75
CA TYR B 134 1.52 -26.65 -24.04
C TYR B 134 2.05 -25.78 -25.16
N ASP B 135 2.58 -26.43 -26.20
CA ASP B 135 3.10 -25.71 -27.35
C ASP B 135 2.02 -25.61 -28.43
N GLY B 136 1.67 -24.36 -28.76
CA GLY B 136 0.64 -24.14 -29.76
C GLY B 136 1.08 -24.22 -31.21
N LEU B 137 2.39 -24.24 -31.45
CA LEU B 137 2.93 -24.31 -32.81
C LEU B 137 2.18 -25.19 -33.81
N ALA B 138 2.07 -26.49 -33.52
CA ALA B 138 1.38 -27.42 -34.39
C ALA B 138 -0.05 -26.99 -34.70
N LEU B 139 -0.93 -27.01 -33.69
CA LEU B 139 -2.33 -26.63 -33.89
C LEU B 139 -2.46 -25.31 -34.60
N ALA B 140 -1.62 -24.34 -34.22
CA ALA B 140 -1.68 -23.03 -34.84
C ALA B 140 -1.49 -23.14 -36.36
N ALA B 141 -0.45 -23.88 -36.76
CA ALA B 141 -0.12 -24.06 -38.16
C ALA B 141 -1.09 -24.95 -38.92
N HIS B 142 -1.38 -26.12 -38.36
CA HIS B 142 -2.27 -27.07 -39.03
C HIS B 142 -3.71 -26.60 -39.29
N GLU B 143 -4.36 -25.96 -38.33
CA GLU B 143 -5.73 -25.53 -38.56
C GLU B 143 -5.92 -24.02 -38.76
N ASN B 144 -4.81 -23.32 -38.89
CA ASN B 144 -4.81 -21.88 -39.10
C ASN B 144 -5.71 -21.12 -38.13
N VAL B 145 -5.35 -21.22 -36.85
CA VAL B 145 -6.06 -20.56 -35.77
C VAL B 145 -5.01 -19.99 -34.82
N VAL B 146 -5.34 -18.88 -34.16
CA VAL B 146 -4.43 -18.28 -33.20
C VAL B 146 -4.64 -18.97 -31.85
N VAL B 147 -3.58 -19.61 -31.36
CA VAL B 147 -3.65 -20.32 -30.09
C VAL B 147 -3.03 -19.48 -28.98
N VAL B 148 -3.72 -19.38 -27.86
CA VAL B 148 -3.24 -18.60 -26.72
C VAL B 148 -3.26 -19.49 -25.47
N THR B 149 -2.15 -19.54 -24.75
CA THR B 149 -2.11 -20.35 -23.53
C THR B 149 -1.97 -19.44 -22.32
N ILE B 150 -3.04 -19.34 -21.53
CA ILE B 150 -3.07 -18.46 -20.37
C ILE B 150 -2.66 -19.14 -19.06
N GLN B 151 -2.29 -18.31 -18.10
CA GLN B 151 -1.91 -18.76 -16.78
C GLN B 151 -2.79 -18.03 -15.76
N TYR B 152 -3.03 -18.65 -14.62
CA TYR B 152 -3.86 -18.05 -13.59
C TYR B 152 -3.33 -18.51 -12.24
N ARG B 153 -3.58 -17.70 -11.21
CA ARG B 153 -3.08 -18.01 -9.87
C ARG B 153 -3.54 -19.36 -9.38
N LEU B 154 -2.64 -20.05 -8.70
CA LEU B 154 -2.95 -21.38 -8.19
C LEU B 154 -2.89 -21.51 -6.68
N GLY B 155 -3.32 -22.66 -6.20
CA GLY B 155 -3.32 -22.93 -4.78
C GLY B 155 -3.88 -21.81 -3.93
N ILE B 156 -3.21 -21.58 -2.80
CA ILE B 156 -3.61 -20.54 -1.86
C ILE B 156 -3.71 -19.21 -2.56
N TRP B 157 -2.63 -18.86 -3.27
CA TRP B 157 -2.56 -17.60 -3.99
C TRP B 157 -3.79 -17.28 -4.85
N GLY B 158 -4.39 -18.29 -5.45
CA GLY B 158 -5.53 -18.05 -6.32
C GLY B 158 -6.90 -18.54 -5.86
N PHE B 159 -6.97 -19.19 -4.70
CA PHE B 159 -8.25 -19.69 -4.24
C PHE B 159 -8.56 -19.58 -2.75
N PHE B 160 -7.70 -18.89 -2.01
CA PHE B 160 -7.92 -18.72 -0.57
C PHE B 160 -9.18 -17.92 -0.36
N SER B 161 -10.05 -18.40 0.52
CA SER B 161 -11.31 -17.73 0.79
C SER B 161 -11.74 -17.79 2.24
N THR B 162 -12.32 -16.69 2.72
CA THR B 162 -12.81 -16.63 4.09
C THR B 162 -14.33 -16.65 4.09
N GLY B 163 -14.91 -16.80 2.91
CA GLY B 163 -16.36 -16.85 2.80
C GLY B 163 -17.05 -15.52 2.97
N ASP B 164 -16.28 -14.45 3.14
CA ASP B 164 -16.88 -13.13 3.28
C ASP B 164 -16.13 -12.13 2.44
N GLU B 165 -16.58 -10.87 2.49
CA GLU B 165 -15.98 -9.82 1.67
C GLU B 165 -14.51 -9.53 1.91
N HIS B 166 -13.92 -10.06 2.96
CA HIS B 166 -12.51 -9.78 3.23
C HIS B 166 -11.58 -10.57 2.32
N SER B 167 -12.13 -11.59 1.67
CA SER B 167 -11.38 -12.43 0.76
C SER B 167 -12.37 -13.40 0.12
N ARG B 168 -13.22 -12.90 -0.75
CA ARG B 168 -14.21 -13.73 -1.39
C ARG B 168 -13.60 -14.98 -1.95
N GLY B 169 -12.57 -14.81 -2.77
CA GLY B 169 -11.94 -15.97 -3.38
C GLY B 169 -12.07 -16.03 -4.88
N ASN B 170 -11.68 -17.16 -5.45
CA ASN B 170 -11.74 -17.36 -6.91
C ASN B 170 -10.81 -16.44 -7.68
N TRP B 171 -9.74 -16.03 -7.01
CA TRP B 171 -8.77 -15.15 -7.62
C TRP B 171 -8.36 -15.72 -8.96
N GLY B 172 -8.08 -17.03 -8.96
CA GLY B 172 -7.68 -17.73 -10.17
C GLY B 172 -8.65 -17.57 -11.32
N HIS B 173 -9.93 -17.79 -11.06
CA HIS B 173 -10.92 -17.63 -12.13
C HIS B 173 -10.96 -16.18 -12.62
N LEU B 174 -10.83 -15.23 -11.70
CA LEU B 174 -10.82 -13.83 -12.06
C LEU B 174 -9.64 -13.56 -12.99
N ASP B 175 -8.50 -14.17 -12.68
CA ASP B 175 -7.32 -14.02 -13.51
C ASP B 175 -7.70 -14.52 -14.90
N GLN B 176 -8.36 -15.67 -14.95
CA GLN B 176 -8.78 -16.25 -16.22
C GLN B 176 -9.67 -15.26 -17.01
N VAL B 177 -10.65 -14.67 -16.33
CA VAL B 177 -11.52 -13.72 -16.98
C VAL B 177 -10.71 -12.56 -17.51
N ALA B 178 -9.81 -12.07 -16.67
CA ALA B 178 -8.95 -10.95 -17.02
C ALA B 178 -8.21 -11.21 -18.32
N ALA B 179 -7.58 -12.38 -18.43
CA ALA B 179 -6.87 -12.71 -19.66
C ALA B 179 -7.82 -12.65 -20.85
N LEU B 180 -9.05 -13.13 -20.66
CA LEU B 180 -10.01 -13.11 -21.75
C LEU B 180 -10.30 -11.69 -22.21
N ARG B 181 -10.38 -10.74 -21.28
CA ARG B 181 -10.64 -9.38 -21.70
C ARG B 181 -9.41 -8.89 -22.45
N TRP B 182 -8.22 -9.30 -22.00
CA TRP B 182 -7.01 -8.87 -22.68
C TRP B 182 -7.12 -9.26 -24.13
N VAL B 183 -7.53 -10.51 -24.36
CA VAL B 183 -7.68 -11.01 -25.71
C VAL B 183 -8.68 -10.20 -26.51
N GLN B 184 -9.80 -9.81 -25.89
CA GLN B 184 -10.79 -9.03 -26.61
C GLN B 184 -10.17 -7.72 -27.00
N ASP B 185 -9.47 -7.09 -26.06
CA ASP B 185 -8.87 -5.81 -26.34
C ASP B 185 -7.59 -5.81 -27.15
N ASN B 186 -6.96 -6.97 -27.37
CA ASN B 186 -5.69 -6.97 -28.10
C ASN B 186 -5.48 -7.99 -29.20
N ILE B 187 -6.08 -9.18 -29.07
CA ILE B 187 -5.87 -10.26 -30.04
C ILE B 187 -5.89 -9.84 -31.52
N ALA B 188 -6.62 -8.78 -31.83
CA ALA B 188 -6.69 -8.31 -33.20
C ALA B 188 -5.32 -8.03 -33.79
N SER B 189 -4.40 -7.56 -32.98
CA SER B 189 -3.06 -7.24 -33.48
C SER B 189 -2.19 -8.45 -33.84
N PHE B 190 -2.69 -9.66 -33.59
CA PHE B 190 -1.93 -10.86 -33.92
C PHE B 190 -2.67 -11.66 -34.97
N GLY B 191 -3.56 -10.98 -35.70
CA GLY B 191 -4.32 -11.61 -36.75
C GLY B 191 -5.49 -12.44 -36.24
N GLY B 192 -5.85 -12.26 -34.98
CA GLY B 192 -6.97 -13.01 -34.44
C GLY B 192 -8.24 -12.20 -34.59
N ASN B 193 -9.38 -12.86 -34.48
CA ASN B 193 -10.66 -12.19 -34.58
C ASN B 193 -11.33 -12.19 -33.21
N PRO B 194 -11.26 -11.05 -32.50
CA PRO B 194 -11.87 -10.98 -31.18
C PRO B 194 -13.31 -11.46 -31.16
N GLY B 195 -13.94 -11.45 -32.32
CA GLY B 195 -15.32 -11.87 -32.41
C GLY B 195 -15.54 -13.38 -32.39
N SER B 196 -14.47 -14.16 -32.57
CA SER B 196 -14.61 -15.60 -32.58
C SER B 196 -13.61 -16.26 -31.64
N VAL B 197 -13.79 -16.02 -30.35
CA VAL B 197 -12.92 -16.59 -29.33
C VAL B 197 -13.52 -17.87 -28.77
N THR B 198 -12.68 -18.90 -28.64
CA THR B 198 -13.12 -20.20 -28.13
C THR B 198 -12.29 -20.62 -26.93
N ILE B 199 -12.92 -20.91 -25.80
CA ILE B 199 -12.13 -21.34 -24.65
C ILE B 199 -12.17 -22.85 -24.58
N PHE B 200 -11.05 -23.44 -24.14
CA PHE B 200 -10.97 -24.88 -23.99
C PHE B 200 -9.87 -25.27 -23.00
N GLY B 201 -10.17 -26.26 -22.17
CA GLY B 201 -9.20 -26.70 -21.18
C GLY B 201 -9.46 -28.14 -20.79
N GLU B 202 -8.60 -28.69 -19.94
CA GLU B 202 -8.75 -30.08 -19.52
C GLU B 202 -8.59 -30.19 -17.99
N SER B 203 -9.19 -31.23 -17.39
CA SER B 203 -9.14 -31.42 -15.93
C SER B 203 -9.65 -30.10 -15.32
N ALA B 204 -9.00 -29.63 -14.26
CA ALA B 204 -9.40 -28.37 -13.64
C ALA B 204 -9.61 -27.28 -14.70
N GLY B 205 -8.74 -27.26 -15.71
CA GLY B 205 -8.87 -26.28 -16.77
C GLY B 205 -10.21 -26.46 -17.48
N GLY B 206 -10.64 -27.72 -17.59
CA GLY B 206 -11.91 -28.00 -18.22
C GLY B 206 -13.03 -27.53 -17.31
N GLU B 207 -12.81 -27.74 -16.01
CA GLU B 207 -13.77 -27.34 -15.00
C GLU B 207 -13.93 -25.83 -15.05
N SER B 208 -12.82 -25.13 -15.18
CA SER B 208 -12.82 -23.68 -15.28
C SER B 208 -13.66 -23.23 -16.48
N VAL B 209 -13.54 -23.95 -17.59
CA VAL B 209 -14.31 -23.58 -18.75
C VAL B 209 -15.77 -23.66 -18.36
N SER B 210 -16.13 -24.78 -17.74
CA SER B 210 -17.51 -25.00 -17.31
C SER B 210 -17.97 -23.83 -16.43
N VAL B 211 -17.07 -23.38 -15.57
CA VAL B 211 -17.35 -22.26 -14.65
C VAL B 211 -17.59 -20.95 -15.38
N LEU B 212 -16.69 -20.58 -16.28
CA LEU B 212 -16.83 -19.35 -17.02
C LEU B 212 -18.13 -19.34 -17.80
N VAL B 213 -18.59 -20.53 -18.19
CA VAL B 213 -19.83 -20.63 -18.94
C VAL B 213 -21.06 -20.32 -18.06
N LEU B 214 -20.88 -20.30 -16.75
CA LEU B 214 -22.00 -20.04 -15.83
C LEU B 214 -21.85 -18.65 -15.20
N SER B 215 -20.66 -18.08 -15.33
CA SER B 215 -20.35 -16.78 -14.76
C SER B 215 -20.84 -15.58 -15.55
N PRO B 216 -21.50 -14.63 -14.86
CA PRO B 216 -22.02 -13.41 -15.44
C PRO B 216 -20.86 -12.61 -16.00
N LEU B 217 -19.73 -12.65 -15.29
CA LEU B 217 -18.54 -11.92 -15.69
C LEU B 217 -18.04 -12.31 -17.06
N ALA B 218 -18.02 -13.60 -17.35
CA ALA B 218 -17.54 -14.11 -18.63
C ALA B 218 -18.38 -13.62 -19.81
N LYS B 219 -19.69 -13.58 -19.63
CA LYS B 219 -20.61 -13.14 -20.68
C LYS B 219 -19.93 -12.22 -21.70
N ASN B 220 -19.92 -12.64 -22.96
CA ASN B 220 -19.34 -11.85 -24.05
C ASN B 220 -17.81 -11.85 -24.22
N LEU B 221 -17.14 -12.79 -23.59
CA LEU B 221 -15.68 -12.86 -23.71
C LEU B 221 -15.30 -14.05 -24.56
N PHE B 222 -16.26 -14.91 -24.85
CA PHE B 222 -16.00 -16.04 -25.70
C PHE B 222 -17.25 -16.41 -26.48
N HIS B 223 -17.09 -17.24 -27.50
CA HIS B 223 -18.23 -17.61 -28.33
C HIS B 223 -18.39 -19.09 -28.58
N ARG B 224 -17.53 -19.89 -27.95
CA ARG B 224 -17.57 -21.36 -28.05
C ARG B 224 -16.75 -21.89 -26.87
N ALA B 225 -17.18 -23.01 -26.32
CA ALA B 225 -16.46 -23.55 -25.18
C ALA B 225 -16.26 -25.06 -25.25
N ILE B 226 -15.15 -25.55 -24.66
CA ILE B 226 -14.84 -26.97 -24.68
C ILE B 226 -14.24 -27.43 -23.35
N SER B 227 -14.84 -28.47 -22.77
CA SER B 227 -14.36 -29.01 -21.50
C SER B 227 -13.87 -30.43 -21.71
N GLU B 228 -12.59 -30.65 -21.44
CA GLU B 228 -12.01 -31.96 -21.60
C GLU B 228 -11.79 -32.64 -20.25
N SER B 229 -12.58 -33.67 -19.97
CA SER B 229 -12.44 -34.42 -18.74
C SER B 229 -12.55 -33.49 -17.54
N GLY B 230 -13.67 -32.77 -17.43
CA GLY B 230 -13.82 -31.89 -16.28
C GLY B 230 -14.88 -30.82 -16.42
N VAL B 231 -15.85 -30.81 -15.51
CA VAL B 231 -16.91 -29.83 -15.54
C VAL B 231 -17.17 -29.20 -14.16
N ALA B 232 -18.10 -28.25 -14.11
CA ALA B 232 -18.43 -27.58 -12.87
C ALA B 232 -19.08 -28.47 -11.82
N LEU B 233 -19.93 -29.40 -12.22
CA LEU B 233 -20.56 -30.30 -11.25
C LEU B 233 -19.54 -31.22 -10.58
N THR B 234 -18.31 -31.22 -11.10
CA THR B 234 -17.21 -32.04 -10.57
C THR B 234 -16.91 -31.53 -9.16
N SER B 235 -17.77 -31.99 -8.25
CA SER B 235 -17.74 -31.63 -6.84
C SER B 235 -16.38 -31.39 -6.19
N VAL B 236 -15.51 -32.39 -6.17
CA VAL B 236 -14.19 -32.20 -5.58
C VAL B 236 -13.57 -30.78 -5.80
N LEU B 237 -13.71 -30.22 -6.99
CA LEU B 237 -13.15 -28.91 -7.27
C LEU B 237 -13.98 -27.69 -6.81
N VAL B 238 -15.24 -27.91 -6.46
CA VAL B 238 -16.12 -26.83 -6.02
C VAL B 238 -16.40 -26.93 -4.53
N LYS B 239 -15.99 -25.93 -3.76
CA LYS B 239 -16.23 -25.95 -2.32
C LYS B 239 -17.60 -25.39 -1.98
N LYS B 240 -18.52 -26.28 -1.62
CA LYS B 240 -19.87 -25.85 -1.25
C LYS B 240 -19.92 -25.92 0.27
N GLY B 241 -20.71 -25.05 0.88
CA GLY B 241 -20.79 -25.05 2.33
C GLY B 241 -19.91 -23.95 2.93
N ASP B 242 -19.94 -23.83 4.26
CA ASP B 242 -19.14 -22.82 4.95
C ASP B 242 -17.65 -23.18 4.82
N VAL B 243 -16.88 -22.30 4.18
CA VAL B 243 -15.45 -22.54 3.97
C VAL B 243 -14.59 -21.96 5.07
N LYS B 244 -15.19 -21.10 5.87
CA LYS B 244 -14.46 -20.46 6.96
C LYS B 244 -13.49 -21.39 7.69
N PRO B 245 -13.92 -22.62 7.99
CA PRO B 245 -13.05 -23.57 8.68
C PRO B 245 -11.73 -23.84 7.98
N LEU B 246 -11.77 -24.13 6.67
CA LEU B 246 -10.54 -24.39 5.94
C LEU B 246 -9.66 -23.13 6.01
N ALA B 247 -10.29 -21.97 5.92
CA ALA B 247 -9.55 -20.73 5.97
C ALA B 247 -8.73 -20.69 7.26
N GLU B 248 -9.40 -20.91 8.39
CA GLU B 248 -8.74 -20.89 9.69
C GLU B 248 -7.65 -21.96 9.79
N GLN B 249 -7.88 -23.09 9.14
CA GLN B 249 -6.90 -24.15 9.17
C GLN B 249 -5.64 -23.67 8.45
N ILE B 250 -5.81 -23.19 7.22
CA ILE B 250 -4.70 -22.68 6.44
C ILE B 250 -3.98 -21.59 7.23
N ALA B 251 -4.77 -20.67 7.79
CA ALA B 251 -4.22 -19.58 8.57
C ALA B 251 -3.29 -20.11 9.65
N ILE B 252 -3.78 -21.05 10.44
CA ILE B 252 -2.99 -21.63 11.52
C ILE B 252 -1.67 -22.24 11.06
N THR B 253 -1.76 -23.13 10.08
CA THR B 253 -0.59 -23.81 9.52
C THR B 253 0.43 -22.80 9.04
N ALA B 254 -0.05 -21.64 8.62
CA ALA B 254 0.83 -20.61 8.13
C ALA B 254 1.40 -19.77 9.28
N GLY B 255 0.95 -20.05 10.49
CA GLY B 255 1.40 -19.31 11.65
C GLY B 255 0.68 -17.99 11.88
N CYS B 256 -0.61 -17.95 11.57
CA CYS B 256 -1.41 -16.74 11.73
C CYS B 256 -2.50 -16.89 12.78
N LYS B 257 -2.97 -15.77 13.32
CA LYS B 257 -4.06 -15.82 14.28
C LYS B 257 -5.33 -16.02 13.48
N THR B 258 -6.47 -16.10 14.14
CA THR B 258 -7.72 -16.28 13.42
C THR B 258 -8.81 -15.43 14.08
N THR B 259 -8.39 -14.42 14.83
CA THR B 259 -9.30 -13.53 15.53
C THR B 259 -10.48 -13.09 14.67
N THR B 260 -10.22 -12.72 13.43
CA THR B 260 -11.31 -12.35 12.53
C THR B 260 -10.87 -12.65 11.11
N SER B 261 -11.78 -12.52 10.14
CA SER B 261 -11.39 -12.78 8.76
C SER B 261 -10.34 -11.78 8.34
N ALA B 262 -10.66 -10.50 8.50
CA ALA B 262 -9.75 -9.42 8.13
C ALA B 262 -8.36 -9.68 8.69
N VAL B 263 -8.29 -10.15 9.92
CA VAL B 263 -7.01 -10.44 10.56
C VAL B 263 -6.25 -11.55 9.84
N MET B 264 -6.96 -12.58 9.42
CA MET B 264 -6.35 -13.70 8.72
C MET B 264 -5.75 -13.24 7.40
N VAL B 265 -6.56 -12.58 6.57
CA VAL B 265 -6.08 -12.12 5.26
C VAL B 265 -4.87 -11.21 5.38
N HIS B 266 -4.91 -10.31 6.35
CA HIS B 266 -3.82 -9.38 6.54
C HIS B 266 -2.55 -10.13 6.88
N CYS B 267 -2.65 -11.02 7.86
CA CYS B 267 -1.51 -11.80 8.30
C CYS B 267 -0.92 -12.61 7.16
N LEU B 268 -1.79 -13.17 6.33
CA LEU B 268 -1.32 -13.97 5.21
C LEU B 268 -0.65 -13.09 4.17
N ARG B 269 -1.12 -11.85 4.03
CA ARG B 269 -0.50 -10.97 3.06
C ARG B 269 0.93 -10.63 3.44
N GLN B 270 1.21 -10.72 4.74
CA GLN B 270 2.55 -10.45 5.25
C GLN B 270 3.49 -11.58 4.87
N LYS B 271 3.08 -12.81 5.10
CA LYS B 271 3.91 -13.98 4.80
C LYS B 271 4.62 -13.91 3.45
N THR B 272 5.84 -14.46 3.38
CA THR B 272 6.60 -14.45 2.14
C THR B 272 6.14 -15.61 1.30
N GLU B 273 6.48 -15.57 0.01
CA GLU B 273 6.10 -16.63 -0.91
C GLU B 273 6.62 -17.93 -0.39
N GLU B 274 7.89 -17.92 0.00
CA GLU B 274 8.52 -19.13 0.53
C GLU B 274 7.69 -19.70 1.65
N GLU B 275 7.32 -18.86 2.59
CA GLU B 275 6.52 -19.32 3.72
C GLU B 275 5.23 -19.97 3.25
N LEU B 276 4.46 -19.26 2.44
CA LEU B 276 3.20 -19.82 1.95
C LEU B 276 3.41 -21.11 1.15
N LEU B 277 4.57 -21.25 0.51
CA LEU B 277 4.85 -22.46 -0.26
C LEU B 277 5.06 -23.63 0.67
N GLU B 278 5.72 -23.37 1.80
CA GLU B 278 5.94 -24.40 2.79
C GLU B 278 4.61 -24.82 3.38
N THR B 279 3.72 -23.83 3.59
CA THR B 279 2.41 -24.11 4.14
C THR B 279 1.66 -24.99 3.15
N THR B 280 1.79 -24.66 1.86
CA THR B 280 1.13 -25.43 0.82
C THR B 280 1.61 -26.88 0.86
N LEU B 281 2.91 -27.06 1.11
CA LEU B 281 3.50 -28.39 1.21
C LEU B 281 2.98 -29.07 2.47
N LYS B 282 3.08 -28.40 3.62
CA LYS B 282 2.59 -28.98 4.87
C LYS B 282 1.15 -29.50 4.74
N MET B 283 0.30 -28.73 4.06
CA MET B 283 -1.11 -29.10 3.88
C MET B 283 -1.28 -30.46 3.21
N LYS B 284 -0.20 -30.95 2.60
CA LYS B 284 -0.20 -32.26 1.91
C LYS B 284 -1.45 -32.38 1.02
N PHE B 285 -1.73 -31.32 0.27
CA PHE B 285 -2.94 -31.22 -0.56
C PHE B 285 -3.51 -32.23 -1.56
N LEU B 286 -2.67 -32.83 -2.37
CA LEU B 286 -3.19 -33.72 -3.41
C LEU B 286 -3.04 -35.20 -3.09
N SER B 287 -2.16 -35.49 -2.14
CA SER B 287 -1.90 -36.85 -1.69
C SER B 287 -3.12 -37.28 -0.90
N LEU B 288 -3.66 -38.46 -1.24
CA LEU B 288 -4.85 -38.99 -0.58
C LEU B 288 -4.60 -39.60 0.79
N ASP B 289 -5.16 -38.97 1.81
CA ASP B 289 -5.03 -39.46 3.17
C ASP B 289 -5.92 -40.70 3.33
N LEU B 290 -5.38 -41.72 3.99
CA LEU B 290 -6.10 -42.96 4.19
C LEU B 290 -6.61 -43.09 5.64
N GLN B 291 -5.75 -42.76 6.61
CA GLN B 291 -6.12 -42.84 8.03
C GLN B 291 -6.87 -41.61 8.53
N GLY B 292 -7.33 -41.68 9.77
CA GLY B 292 -8.08 -40.58 10.33
C GLY B 292 -9.50 -40.67 9.79
N ASP B 293 -10.27 -39.60 9.94
CA ASP B 293 -11.66 -39.57 9.46
C ASP B 293 -11.67 -39.10 8.01
N PRO B 294 -12.23 -39.92 7.09
CA PRO B 294 -12.31 -39.60 5.66
C PRO B 294 -13.03 -38.28 5.35
N ARG B 295 -14.03 -37.94 6.15
CA ARG B 295 -14.79 -36.69 5.98
C ARG B 295 -13.99 -35.46 6.38
N GLU B 296 -13.18 -35.61 7.43
CA GLU B 296 -12.33 -34.52 7.92
C GLU B 296 -11.19 -34.22 6.95
N SER B 297 -10.76 -35.24 6.21
CA SER B 297 -9.67 -35.08 5.25
C SER B 297 -10.05 -34.06 4.17
N GLN B 298 -9.43 -32.89 4.24
CA GLN B 298 -9.69 -31.86 3.25
C GLN B 298 -8.63 -31.92 2.15
N PRO B 299 -9.06 -32.29 0.92
CA PRO B 299 -8.23 -32.41 -0.28
C PRO B 299 -7.75 -31.12 -0.97
N LEU B 300 -8.55 -30.05 -0.90
CA LEU B 300 -8.14 -28.80 -1.55
C LEU B 300 -8.91 -27.53 -1.16
N LEU B 301 -8.88 -26.56 -2.07
CA LEU B 301 -9.55 -25.29 -1.85
C LEU B 301 -9.76 -24.63 -3.20
N GLY B 302 -10.66 -25.17 -3.99
CA GLY B 302 -10.89 -24.60 -5.30
C GLY B 302 -11.96 -23.54 -5.39
N THR B 303 -12.75 -23.62 -6.46
CA THR B 303 -13.83 -22.71 -6.76
C THR B 303 -14.78 -22.61 -5.58
N VAL B 304 -15.43 -21.46 -5.42
CA VAL B 304 -16.39 -21.26 -4.33
C VAL B 304 -17.49 -20.36 -4.89
N ILE B 305 -18.61 -20.29 -4.19
CA ILE B 305 -19.70 -19.44 -4.63
C ILE B 305 -19.48 -18.03 -4.05
N ASP B 306 -18.60 -17.26 -4.68
CA ASP B 306 -18.25 -15.93 -4.20
C ASP B 306 -19.28 -14.84 -4.25
N GLY B 307 -20.21 -14.93 -5.19
CA GLY B 307 -21.23 -13.91 -5.32
C GLY B 307 -20.84 -12.88 -6.36
N MET B 308 -19.76 -13.15 -7.08
CA MET B 308 -19.25 -12.27 -8.14
C MET B 308 -19.04 -13.08 -9.42
N LEU B 309 -18.15 -14.06 -9.34
CA LEU B 309 -17.88 -14.93 -10.48
C LEU B 309 -19.06 -15.87 -10.59
N LEU B 310 -19.50 -16.39 -9.44
CA LEU B 310 -20.63 -17.30 -9.39
C LEU B 310 -21.65 -16.82 -8.36
N LEU B 311 -22.90 -16.67 -8.76
CA LEU B 311 -23.92 -16.20 -7.83
C LEU B 311 -24.57 -17.31 -7.02
N LYS B 312 -24.38 -18.56 -7.45
CA LYS B 312 -24.91 -19.73 -6.74
C LYS B 312 -24.34 -21.05 -7.29
N THR B 313 -24.48 -22.13 -6.53
CA THR B 313 -23.93 -23.42 -6.93
C THR B 313 -24.21 -23.75 -8.39
N PRO B 314 -23.29 -24.47 -9.04
CA PRO B 314 -23.46 -24.83 -10.44
C PRO B 314 -24.80 -25.51 -10.65
N GLU B 315 -25.11 -26.44 -9.74
CA GLU B 315 -26.37 -27.18 -9.81
C GLU B 315 -27.56 -26.22 -10.00
N GLU B 316 -27.75 -25.32 -9.05
CA GLU B 316 -28.85 -24.34 -9.10
C GLU B 316 -28.79 -23.52 -10.37
N LEU B 317 -27.59 -23.09 -10.72
CA LEU B 317 -27.37 -22.26 -11.90
C LEU B 317 -27.82 -22.86 -13.21
N GLN B 318 -27.48 -24.13 -13.43
CA GLN B 318 -27.85 -24.79 -14.68
C GLN B 318 -29.30 -25.22 -14.70
N ALA B 319 -29.97 -25.11 -13.57
CA ALA B 319 -31.38 -25.47 -13.50
C ALA B 319 -32.16 -24.31 -14.14
N GLU B 320 -31.45 -23.23 -14.46
CA GLU B 320 -32.05 -22.05 -15.08
C GLU B 320 -31.53 -21.86 -16.52
N ARG B 321 -32.35 -21.23 -17.35
CA ARG B 321 -31.96 -20.98 -18.74
C ARG B 321 -31.89 -19.47 -19.05
N ASN B 322 -31.68 -18.67 -18.00
CA ASN B 322 -31.59 -17.21 -18.14
C ASN B 322 -30.12 -16.75 -18.29
N PHE B 323 -29.39 -17.35 -19.23
CA PHE B 323 -27.99 -16.97 -19.45
C PHE B 323 -27.58 -17.11 -20.93
N HIS B 324 -26.57 -16.33 -21.31
CA HIS B 324 -26.01 -16.34 -22.67
C HIS B 324 -25.46 -17.77 -22.94
N THR B 325 -26.13 -18.52 -23.82
CA THR B 325 -25.70 -19.88 -24.15
C THR B 325 -24.91 -19.95 -25.45
N VAL B 326 -23.81 -20.69 -25.42
CA VAL B 326 -22.95 -20.85 -26.58
C VAL B 326 -22.68 -22.32 -26.86
N PRO B 327 -22.19 -22.65 -28.06
CA PRO B 327 -21.91 -24.05 -28.40
C PRO B 327 -20.90 -24.58 -27.40
N TYR B 328 -21.25 -25.67 -26.75
CA TYR B 328 -20.39 -26.25 -25.72
C TYR B 328 -20.06 -27.71 -26.02
N MET B 329 -18.78 -28.04 -26.02
CA MET B 329 -18.38 -29.42 -26.26
C MET B 329 -17.88 -30.03 -24.96
N VAL B 330 -18.52 -31.12 -24.53
CA VAL B 330 -18.14 -31.79 -23.30
C VAL B 330 -17.68 -33.22 -23.57
N GLY B 331 -16.43 -33.54 -23.22
CA GLY B 331 -15.96 -34.88 -23.47
C GLY B 331 -15.27 -35.52 -22.29
N ILE B 332 -15.02 -36.83 -22.39
CA ILE B 332 -14.33 -37.60 -21.35
C ILE B 332 -13.46 -38.66 -22.03
N ASN B 333 -12.68 -39.39 -21.24
CA ASN B 333 -11.82 -40.43 -21.80
C ASN B 333 -12.23 -41.78 -21.23
N LYS B 334 -12.01 -42.83 -22.03
CA LYS B 334 -12.38 -44.19 -21.65
C LYS B 334 -12.10 -44.55 -20.21
N GLN B 335 -10.85 -44.40 -19.79
CA GLN B 335 -10.43 -44.72 -18.44
C GLN B 335 -9.79 -43.51 -17.73
N GLU B 336 -10.61 -42.62 -17.22
CA GLU B 336 -10.11 -41.42 -16.54
C GLU B 336 -9.24 -41.81 -15.36
N PHE B 337 -9.66 -42.83 -14.62
CA PHE B 337 -8.92 -43.26 -13.46
C PHE B 337 -8.02 -44.46 -13.79
N GLY B 338 -7.66 -44.59 -15.06
CA GLY B 338 -6.84 -45.71 -15.48
C GLY B 338 -5.48 -45.87 -14.80
N TRP B 339 -4.70 -44.80 -14.71
CA TRP B 339 -3.38 -44.87 -14.10
C TRP B 339 -2.84 -43.54 -13.59
N LEU B 340 -2.75 -42.55 -14.49
CA LEU B 340 -2.25 -41.20 -14.16
C LEU B 340 -2.68 -40.65 -12.80
N ILE B 341 -3.98 -40.49 -12.62
CA ILE B 341 -4.53 -39.97 -11.38
C ILE B 341 -4.16 -40.78 -10.14
N PRO B 342 -4.53 -42.07 -10.11
CA PRO B 342 -4.21 -42.91 -8.96
C PRO B 342 -2.73 -42.87 -8.61
N MET B 343 -1.88 -43.07 -9.61
CA MET B 343 -0.43 -43.05 -9.43
C MET B 343 0.01 -41.74 -8.79
N LEU B 344 -0.61 -40.65 -9.24
CA LEU B 344 -0.28 -39.33 -8.72
C LEU B 344 -0.85 -39.11 -7.30
N MET B 345 -1.91 -39.75 -6.89
CA MET B 345 -2.30 -39.41 -5.53
C MET B 345 -1.68 -40.39 -4.54
N SER B 346 -0.97 -41.38 -5.10
CA SER B 346 -0.32 -42.44 -4.34
C SER B 346 -1.42 -43.42 -3.88
N TYR B 347 -2.21 -43.90 -4.84
CA TYR B 347 -3.29 -44.82 -4.54
C TYR B 347 -2.78 -46.20 -4.13
N PRO B 348 -3.32 -46.73 -3.02
CA PRO B 348 -2.98 -48.03 -2.43
C PRO B 348 -3.19 -49.22 -3.36
N LEU B 349 -3.83 -49.00 -4.50
CA LEU B 349 -4.09 -50.09 -5.44
C LEU B 349 -2.85 -50.66 -6.14
N SER B 350 -1.70 -50.67 -5.45
CA SER B 350 -0.47 -51.19 -6.03
C SER B 350 -0.37 -52.71 -5.91
N GLU B 351 -1.53 -53.36 -5.77
CA GLU B 351 -1.60 -54.81 -5.63
C GLU B 351 -2.11 -55.48 -6.90
N GLY B 352 -2.69 -54.68 -7.80
CA GLY B 352 -3.20 -55.21 -9.05
C GLY B 352 -4.43 -56.09 -8.87
N GLN B 353 -5.16 -55.85 -7.77
CA GLN B 353 -6.36 -56.62 -7.48
C GLN B 353 -7.01 -56.12 -6.18
N LEU B 354 -8.30 -56.39 -6.04
CA LEU B 354 -9.03 -55.95 -4.85
C LEU B 354 -10.28 -56.81 -4.62
N ASP B 355 -10.90 -56.62 -3.46
CA ASP B 355 -12.11 -57.37 -3.09
C ASP B 355 -13.20 -56.45 -2.54
N GLN B 356 -14.44 -56.92 -2.64
CA GLN B 356 -15.63 -56.18 -2.17
C GLN B 356 -15.45 -55.50 -0.81
N LYS B 357 -14.72 -56.14 0.10
CA LYS B 357 -14.50 -55.57 1.43
C LYS B 357 -13.45 -54.46 1.45
N THR B 358 -12.30 -54.71 0.81
CA THR B 358 -11.26 -53.70 0.77
C THR B 358 -11.72 -52.52 -0.09
N ALA B 359 -12.68 -52.78 -0.99
CA ALA B 359 -13.24 -51.75 -1.88
C ALA B 359 -14.03 -50.67 -1.13
N MET B 360 -15.03 -51.10 -0.36
CA MET B 360 -15.83 -50.15 0.42
C MET B 360 -14.95 -49.30 1.33
N SER B 361 -13.90 -49.92 1.87
CA SER B 361 -12.95 -49.23 2.76
C SER B 361 -12.21 -48.14 1.98
N LEU B 362 -11.74 -48.50 0.79
CA LEU B 362 -11.01 -47.59 -0.09
C LEU B 362 -11.91 -46.46 -0.59
N LEU B 363 -13.12 -46.82 -1.02
CA LEU B 363 -14.10 -45.84 -1.51
C LEU B 363 -14.41 -44.82 -0.42
N TRP B 364 -14.56 -45.30 0.81
CA TRP B 364 -14.85 -44.45 1.94
C TRP B 364 -13.73 -43.44 2.20
N LYS B 365 -12.49 -43.91 2.18
CA LYS B 365 -11.32 -43.05 2.39
C LYS B 365 -11.19 -42.09 1.21
N SER B 366 -11.92 -42.43 0.14
CA SER B 366 -11.93 -41.64 -1.09
C SER B 366 -13.05 -40.59 -1.04
N TYR B 367 -13.67 -40.47 0.13
CA TYR B 367 -14.76 -39.51 0.34
C TYR B 367 -14.45 -38.09 -0.15
N PRO B 368 -13.23 -37.60 0.09
CA PRO B 368 -12.90 -36.23 -0.36
C PRO B 368 -12.84 -36.11 -1.89
N LEU B 369 -12.80 -37.25 -2.57
CA LEU B 369 -12.73 -37.28 -4.03
C LEU B 369 -14.01 -37.76 -4.72
N VAL B 370 -14.90 -38.40 -3.96
CA VAL B 370 -16.16 -38.90 -4.51
C VAL B 370 -17.37 -38.38 -3.75
N CYS B 371 -17.15 -38.01 -2.49
CA CYS B 371 -18.18 -37.50 -1.58
C CYS B 371 -19.40 -38.42 -1.53
N ILE B 372 -19.17 -39.68 -1.19
CA ILE B 372 -20.24 -40.67 -1.09
C ILE B 372 -20.44 -41.00 0.39
N ALA B 373 -21.70 -41.00 0.83
CA ALA B 373 -22.01 -41.33 2.22
C ALA B 373 -21.64 -42.81 2.46
N LYS B 374 -21.23 -43.14 3.69
CA LYS B 374 -20.83 -44.51 4.00
C LYS B 374 -22.01 -45.47 4.08
N GLU B 375 -23.22 -44.92 3.91
CA GLU B 375 -24.45 -45.70 3.95
C GLU B 375 -24.84 -46.18 2.56
N LEU B 376 -24.21 -45.58 1.55
CA LEU B 376 -24.47 -45.93 0.16
C LEU B 376 -23.32 -46.77 -0.41
N ILE B 377 -22.10 -46.51 0.10
CA ILE B 377 -20.88 -47.23 -0.32
C ILE B 377 -21.12 -48.70 -0.64
N PRO B 378 -21.75 -49.45 0.30
CA PRO B 378 -22.01 -50.87 0.06
C PRO B 378 -22.83 -51.08 -1.20
N GLU B 379 -23.91 -50.30 -1.33
CA GLU B 379 -24.79 -50.41 -2.49
C GLU B 379 -24.07 -50.05 -3.79
N ALA B 380 -23.25 -49.00 -3.75
CA ALA B 380 -22.49 -48.55 -4.92
C ALA B 380 -21.46 -49.62 -5.30
N THR B 381 -20.72 -50.10 -4.31
CA THR B 381 -19.70 -51.14 -4.52
C THR B 381 -20.32 -52.39 -5.15
N GLU B 382 -21.55 -52.68 -4.76
CA GLU B 382 -22.27 -53.86 -5.27
C GLU B 382 -22.56 -53.78 -6.77
N LYS B 383 -23.18 -52.69 -7.19
CA LYS B 383 -23.53 -52.50 -8.60
C LYS B 383 -22.33 -52.59 -9.56
N TYR B 384 -21.14 -52.22 -9.09
CA TYR B 384 -19.94 -52.24 -9.93
C TYR B 384 -19.08 -53.50 -9.78
N LEU B 385 -18.88 -53.92 -8.54
CA LEU B 385 -18.05 -55.09 -8.25
C LEU B 385 -18.75 -56.44 -8.20
N GLY B 386 -20.02 -56.44 -7.78
CA GLY B 386 -20.77 -57.69 -7.70
C GLY B 386 -20.87 -58.45 -9.02
N GLY B 387 -20.30 -57.89 -10.08
CA GLY B 387 -20.34 -58.53 -11.38
C GLY B 387 -19.59 -59.86 -11.46
N THR B 388 -18.26 -59.81 -11.41
CA THR B 388 -17.45 -61.02 -11.46
C THR B 388 -16.79 -61.30 -10.12
N ASP B 389 -16.00 -62.38 -10.08
CA ASP B 389 -15.30 -62.78 -8.87
C ASP B 389 -13.81 -62.51 -9.04
N ASP B 390 -13.39 -62.31 -10.28
CA ASP B 390 -12.00 -62.02 -10.60
C ASP B 390 -11.56 -60.76 -9.84
N THR B 391 -10.78 -60.95 -8.78
CA THR B 391 -10.30 -59.85 -7.96
C THR B 391 -9.67 -58.73 -8.80
N VAL B 392 -9.11 -59.10 -9.94
CA VAL B 392 -8.48 -58.13 -10.82
C VAL B 392 -9.54 -57.29 -11.54
N LYS B 393 -10.61 -57.95 -11.97
CA LYS B 393 -11.69 -57.26 -12.66
C LYS B 393 -12.29 -56.21 -11.70
N LYS B 394 -12.38 -56.57 -10.42
CA LYS B 394 -12.93 -55.66 -9.41
C LYS B 394 -12.08 -54.40 -9.32
N LYS B 395 -10.77 -54.58 -9.30
CA LYS B 395 -9.87 -53.44 -9.22
C LYS B 395 -10.15 -52.52 -10.41
N ASP B 396 -10.36 -53.11 -11.59
CA ASP B 396 -10.65 -52.32 -12.78
C ASP B 396 -12.04 -51.71 -12.73
N LEU B 397 -12.97 -52.46 -12.18
CA LEU B 397 -14.34 -51.97 -12.05
C LEU B 397 -14.37 -50.86 -11.01
N PHE B 398 -13.55 -51.00 -9.98
CA PHE B 398 -13.50 -50.00 -8.92
C PHE B 398 -13.05 -48.66 -9.52
N LEU B 399 -12.06 -48.72 -10.41
CA LEU B 399 -11.56 -47.52 -11.06
C LEU B 399 -12.69 -46.88 -11.86
N ASP B 400 -13.33 -47.66 -12.73
CA ASP B 400 -14.45 -47.13 -13.52
C ASP B 400 -15.48 -46.48 -12.61
N LEU B 401 -15.63 -47.04 -11.41
CA LEU B 401 -16.59 -46.52 -10.44
C LEU B 401 -16.28 -45.04 -10.20
N ILE B 402 -15.06 -44.77 -9.75
CA ILE B 402 -14.63 -43.40 -9.49
C ILE B 402 -14.65 -42.54 -10.75
N ALA B 403 -14.18 -43.10 -11.87
CA ALA B 403 -14.14 -42.39 -13.14
C ALA B 403 -15.51 -41.90 -13.55
N ASP B 404 -16.55 -42.63 -13.15
CA ASP B 404 -17.91 -42.22 -13.51
C ASP B 404 -18.45 -41.13 -12.60
N VAL B 405 -18.10 -41.18 -11.32
CA VAL B 405 -18.58 -40.19 -10.39
C VAL B 405 -17.86 -38.86 -10.57
N MET B 406 -16.57 -38.92 -10.86
CA MET B 406 -15.80 -37.69 -11.02
C MET B 406 -15.97 -36.98 -12.37
N PHE B 407 -16.03 -37.73 -13.45
CA PHE B 407 -16.17 -37.09 -14.75
C PHE B 407 -17.36 -37.60 -15.51
N GLY B 408 -17.41 -38.92 -15.64
CA GLY B 408 -18.47 -39.58 -16.38
C GLY B 408 -19.88 -39.01 -16.28
N VAL B 409 -20.51 -39.20 -15.13
CA VAL B 409 -21.86 -38.70 -14.92
C VAL B 409 -21.96 -37.16 -14.98
N PRO B 410 -21.10 -36.46 -14.22
CA PRO B 410 -21.14 -34.99 -14.23
C PRO B 410 -21.18 -34.44 -15.63
N SER B 411 -20.21 -34.86 -16.43
CA SER B 411 -20.09 -34.42 -17.81
C SER B 411 -21.41 -34.55 -18.56
N VAL B 412 -21.95 -35.77 -18.60
CA VAL B 412 -23.20 -36.01 -19.31
C VAL B 412 -24.35 -35.16 -18.77
N ILE B 413 -24.43 -35.05 -17.45
CA ILE B 413 -25.49 -34.25 -16.86
C ILE B 413 -25.34 -32.82 -17.36
N VAL B 414 -24.12 -32.29 -17.26
CA VAL B 414 -23.87 -30.95 -17.73
C VAL B 414 -24.35 -30.79 -19.18
N ALA B 415 -23.90 -31.71 -20.02
CA ALA B 415 -24.23 -31.70 -21.45
C ALA B 415 -25.73 -31.70 -21.71
N ARG B 416 -26.46 -32.49 -20.92
CA ARG B 416 -27.89 -32.55 -21.07
C ARG B 416 -28.53 -31.21 -20.78
N ASN B 417 -28.22 -30.66 -19.60
CA ASN B 417 -28.74 -29.37 -19.18
C ASN B 417 -28.48 -28.33 -20.27
N HIS B 418 -27.24 -28.26 -20.74
CA HIS B 418 -26.87 -27.32 -21.78
C HIS B 418 -27.74 -27.52 -23.02
N ARG B 419 -27.93 -28.78 -23.39
CA ARG B 419 -28.77 -29.12 -24.53
C ARG B 419 -30.18 -28.57 -24.26
N ASP B 420 -30.75 -28.97 -23.11
CA ASP B 420 -32.09 -28.55 -22.71
C ASP B 420 -32.25 -27.04 -22.59
N ALA B 421 -31.17 -26.35 -22.25
CA ALA B 421 -31.22 -24.90 -22.14
C ALA B 421 -31.40 -24.34 -23.55
N GLY B 422 -31.35 -25.24 -24.53
CA GLY B 422 -31.51 -24.86 -25.91
C GLY B 422 -30.24 -24.31 -26.52
N ALA B 423 -29.13 -25.02 -26.36
CA ALA B 423 -27.86 -24.58 -26.90
C ALA B 423 -27.08 -25.73 -27.55
N PRO B 424 -26.42 -25.44 -28.68
CA PRO B 424 -25.64 -26.47 -29.38
C PRO B 424 -24.76 -27.21 -28.37
N THR B 425 -24.91 -28.53 -28.31
CA THR B 425 -24.12 -29.31 -27.38
C THR B 425 -23.51 -30.46 -28.14
N TYR B 426 -22.29 -30.84 -27.78
CA TYR B 426 -21.61 -31.94 -28.45
C TYR B 426 -20.80 -32.72 -27.44
N MET B 427 -20.84 -34.04 -27.53
CA MET B 427 -20.07 -34.86 -26.61
C MET B 427 -19.17 -35.81 -27.36
N TYR B 428 -18.20 -36.39 -26.64
CA TYR B 428 -17.27 -37.32 -27.24
C TYR B 428 -16.60 -38.17 -26.17
N GLU B 429 -16.09 -39.32 -26.58
CA GLU B 429 -15.39 -40.22 -25.68
C GLU B 429 -14.11 -40.65 -26.37
N PHE B 430 -12.99 -40.13 -25.89
CA PHE B 430 -11.69 -40.43 -26.47
C PHE B 430 -11.10 -41.73 -25.94
N GLN B 431 -11.02 -42.74 -26.79
CA GLN B 431 -10.46 -44.01 -26.38
C GLN B 431 -9.27 -44.33 -27.26
N TYR B 432 -8.08 -44.08 -26.74
CA TYR B 432 -6.84 -44.33 -27.46
C TYR B 432 -5.69 -44.28 -26.47
N ARG B 433 -4.61 -45.00 -26.78
CA ARG B 433 -3.44 -45.00 -25.91
C ARG B 433 -2.30 -44.37 -26.67
N PRO B 434 -1.99 -43.10 -26.36
CA PRO B 434 -0.88 -42.45 -27.07
C PRO B 434 0.48 -43.14 -26.83
N SER B 435 1.31 -43.14 -27.85
CA SER B 435 2.63 -43.76 -27.77
C SER B 435 3.57 -42.94 -26.87
N PHE B 436 3.11 -41.75 -26.51
CA PHE B 436 3.91 -40.88 -25.66
C PHE B 436 3.66 -41.19 -24.18
N SER B 437 2.79 -42.16 -23.93
CA SER B 437 2.48 -42.55 -22.57
C SER B 437 3.75 -42.84 -21.80
N SER B 438 3.71 -42.66 -20.48
CA SER B 438 4.87 -42.93 -19.63
C SER B 438 5.20 -44.41 -19.72
N ASP B 439 6.41 -44.79 -19.30
CA ASP B 439 6.80 -46.20 -19.33
C ASP B 439 6.05 -46.98 -18.25
N MET B 440 5.94 -46.37 -17.06
CA MET B 440 5.28 -46.99 -15.92
C MET B 440 3.76 -47.17 -16.11
N LYS B 441 3.29 -46.89 -17.32
CA LYS B 441 1.87 -47.01 -17.64
C LYS B 441 1.62 -48.32 -18.40
N PRO B 442 0.79 -49.22 -17.82
CA PRO B 442 0.47 -50.51 -18.46
C PRO B 442 -0.17 -50.35 -19.84
N LYS B 443 0.23 -51.19 -20.79
CA LYS B 443 -0.29 -51.13 -22.15
C LYS B 443 -1.78 -51.44 -22.28
N THR B 444 -2.39 -51.86 -21.19
CA THR B 444 -3.81 -52.19 -21.23
C THR B 444 -4.67 -50.98 -20.87
N VAL B 445 -4.03 -49.88 -20.49
CA VAL B 445 -4.74 -48.66 -20.13
C VAL B 445 -4.91 -47.79 -21.37
N ILE B 446 -6.16 -47.68 -21.83
CA ILE B 446 -6.46 -46.90 -23.02
C ILE B 446 -7.45 -45.79 -22.66
N GLY B 447 -7.15 -44.56 -23.11
CA GLY B 447 -8.03 -43.44 -22.85
C GLY B 447 -7.89 -42.97 -21.42
N ASP B 448 -6.64 -42.93 -20.95
CA ASP B 448 -6.32 -42.51 -19.60
C ASP B 448 -6.40 -40.99 -19.52
N HIS B 449 -6.49 -40.46 -18.31
CA HIS B 449 -6.60 -39.01 -18.09
C HIS B 449 -5.55 -38.18 -18.83
N GLY B 450 -6.03 -37.26 -19.65
CA GLY B 450 -5.12 -36.41 -20.39
C GLY B 450 -4.59 -37.00 -21.69
N ASP B 451 -4.95 -38.24 -22.01
CA ASP B 451 -4.49 -38.85 -23.23
C ASP B 451 -4.86 -38.05 -24.50
N GLU B 452 -6.04 -37.41 -24.50
CA GLU B 452 -6.45 -36.65 -25.66
C GLU B 452 -5.52 -35.46 -25.91
N LEU B 453 -4.89 -34.99 -24.86
CA LEU B 453 -4.01 -33.85 -24.98
C LEU B 453 -3.03 -33.96 -26.14
N PHE B 454 -2.50 -35.15 -26.35
CA PHE B 454 -1.53 -35.35 -27.43
C PHE B 454 -2.08 -35.20 -28.85
N SER B 455 -3.33 -35.58 -29.06
CA SER B 455 -3.92 -35.46 -30.38
C SER B 455 -4.33 -34.02 -30.58
N VAL B 456 -4.91 -33.44 -29.54
CA VAL B 456 -5.36 -32.05 -29.62
C VAL B 456 -4.25 -31.05 -29.90
N PHE B 457 -3.11 -31.19 -29.23
CA PHE B 457 -2.03 -30.25 -29.47
C PHE B 457 -1.01 -30.66 -30.53
N GLY B 458 -1.35 -31.69 -31.31
CA GLY B 458 -0.45 -32.15 -32.36
C GLY B 458 0.88 -32.70 -31.87
N ALA B 459 0.81 -33.55 -30.85
CA ALA B 459 2.03 -34.15 -30.30
C ALA B 459 2.81 -34.91 -31.38
N PRO B 460 2.13 -35.65 -32.26
CA PRO B 460 2.81 -36.40 -33.31
C PRO B 460 3.66 -35.57 -34.28
N PHE B 461 3.47 -34.25 -34.29
CA PHE B 461 4.24 -33.39 -35.19
C PHE B 461 5.37 -32.65 -34.50
N LEU B 462 5.56 -32.90 -33.21
CA LEU B 462 6.62 -32.25 -32.46
C LEU B 462 7.48 -33.28 -31.77
N LYS B 463 6.86 -34.35 -31.30
CA LYS B 463 7.63 -35.41 -30.66
C LYS B 463 8.11 -36.39 -31.73
N GLU B 464 8.63 -37.55 -31.32
CA GLU B 464 9.13 -38.52 -32.28
C GLU B 464 8.49 -39.92 -32.26
N GLY B 465 8.61 -40.60 -33.39
CA GLY B 465 8.08 -41.95 -33.52
C GLY B 465 6.58 -42.14 -33.41
N ALA B 466 5.80 -41.35 -34.14
CA ALA B 466 4.36 -41.49 -34.09
C ALA B 466 3.93 -42.34 -35.27
N SER B 467 3.23 -43.44 -35.01
CA SER B 467 2.76 -44.31 -36.09
C SER B 467 1.89 -43.44 -37.01
N GLU B 468 1.80 -43.82 -38.28
CA GLU B 468 0.99 -43.03 -39.21
C GLU B 468 -0.42 -42.92 -38.63
N GLU B 469 -0.85 -43.98 -37.94
CA GLU B 469 -2.17 -44.03 -37.33
C GLU B 469 -2.38 -42.91 -36.31
N GLU B 470 -1.37 -42.72 -35.47
CA GLU B 470 -1.42 -41.69 -34.45
C GLU B 470 -1.42 -40.31 -35.08
N ILE B 471 -0.55 -40.16 -36.07
CA ILE B 471 -0.42 -38.90 -36.80
C ILE B 471 -1.75 -38.48 -37.43
N ARG B 472 -2.45 -39.45 -37.99
CA ARG B 472 -3.72 -39.22 -38.64
C ARG B 472 -4.77 -38.89 -37.59
N LEU B 473 -4.75 -39.64 -36.48
CA LEU B 473 -5.71 -39.40 -35.41
C LEU B 473 -5.61 -37.95 -35.00
N SER B 474 -4.40 -37.52 -34.70
CA SER B 474 -4.15 -36.13 -34.29
C SER B 474 -4.70 -35.14 -35.31
N LYS B 475 -4.37 -35.34 -36.58
CA LYS B 475 -4.84 -34.45 -37.63
C LYS B 475 -6.35 -34.30 -37.57
N MET B 476 -7.02 -35.42 -37.36
CA MET B 476 -8.48 -35.49 -37.29
C MET B 476 -9.05 -34.67 -36.13
N VAL B 477 -8.51 -34.89 -34.94
CA VAL B 477 -8.96 -34.16 -33.75
C VAL B 477 -8.80 -32.65 -33.89
N MET B 478 -7.62 -32.23 -34.34
CA MET B 478 -7.36 -30.80 -34.51
C MET B 478 -8.41 -30.19 -35.42
N LYS B 479 -8.74 -30.88 -36.51
CA LYS B 479 -9.76 -30.42 -37.46
C LYS B 479 -11.09 -30.24 -36.74
N PHE B 480 -11.53 -31.29 -36.07
CA PHE B 480 -12.78 -31.19 -35.33
C PHE B 480 -12.78 -29.99 -34.41
N TRP B 481 -11.77 -29.92 -33.55
CA TRP B 481 -11.64 -28.82 -32.60
C TRP B 481 -11.67 -27.48 -33.33
N ALA B 482 -10.71 -27.26 -34.23
CA ALA B 482 -10.66 -26.01 -34.98
C ALA B 482 -12.00 -25.70 -35.66
N ASN B 483 -12.61 -26.71 -36.28
CA ASN B 483 -13.88 -26.50 -36.94
C ASN B 483 -14.91 -25.95 -35.98
N PHE B 484 -14.98 -26.57 -34.82
CA PHE B 484 -15.91 -26.12 -33.80
C PHE B 484 -15.61 -24.66 -33.51
N ALA B 485 -14.34 -24.37 -33.21
CA ALA B 485 -13.92 -23.00 -32.92
C ALA B 485 -14.39 -22.03 -33.99
N ARG B 486 -14.53 -22.54 -35.21
CA ARG B 486 -14.95 -21.71 -36.32
C ARG B 486 -16.45 -21.56 -36.38
N ASN B 487 -17.15 -22.68 -36.56
CA ASN B 487 -18.61 -22.65 -36.68
C ASN B 487 -19.43 -23.12 -35.51
N GLY B 488 -18.79 -23.53 -34.43
CA GLY B 488 -19.56 -24.01 -33.29
C GLY B 488 -20.16 -25.35 -33.70
N ASN B 489 -19.47 -26.01 -34.62
CA ASN B 489 -19.87 -27.31 -35.15
C ASN B 489 -18.61 -27.99 -35.66
N PRO B 490 -18.24 -29.13 -35.06
CA PRO B 490 -17.04 -29.88 -35.45
C PRO B 490 -17.01 -30.42 -36.88
N ASN B 491 -18.18 -30.77 -37.40
CA ASN B 491 -18.29 -31.34 -38.74
C ASN B 491 -17.60 -30.56 -39.84
N GLY B 492 -17.29 -31.30 -40.91
CA GLY B 492 -16.62 -30.75 -42.07
C GLY B 492 -16.28 -31.87 -43.02
N GLU B 493 -15.92 -31.52 -44.25
CA GLU B 493 -15.57 -32.54 -45.23
C GLU B 493 -14.27 -33.23 -44.85
N GLY B 494 -14.28 -34.56 -45.00
CA GLY B 494 -13.11 -35.35 -44.70
C GLY B 494 -13.15 -35.96 -43.32
N LEU B 495 -14.12 -35.54 -42.51
CA LEU B 495 -14.22 -36.04 -41.15
C LEU B 495 -15.51 -36.81 -40.93
N PRO B 496 -15.45 -37.90 -40.14
CA PRO B 496 -16.63 -38.70 -39.86
C PRO B 496 -17.74 -37.75 -39.42
N HIS B 497 -18.98 -38.19 -39.45
CA HIS B 497 -20.05 -37.29 -39.05
C HIS B 497 -20.17 -37.31 -37.55
N TRP B 498 -20.21 -36.12 -36.96
CA TRP B 498 -20.34 -36.01 -35.52
C TRP B 498 -21.75 -35.51 -35.22
N PRO B 499 -22.60 -36.39 -34.66
CA PRO B 499 -23.98 -36.03 -34.32
C PRO B 499 -24.02 -35.06 -33.15
N GLU B 500 -24.92 -34.08 -33.23
CA GLU B 500 -25.04 -33.11 -32.15
C GLU B 500 -25.70 -33.83 -30.98
N TYR B 501 -25.34 -33.44 -29.77
CA TYR B 501 -25.93 -34.06 -28.59
C TYR B 501 -27.31 -33.44 -28.39
N ASN B 502 -28.33 -34.10 -28.95
CA ASN B 502 -29.71 -33.64 -28.84
C ASN B 502 -30.48 -34.68 -28.03
N GLN B 503 -31.76 -34.83 -28.34
CA GLN B 503 -32.60 -35.79 -27.61
C GLN B 503 -32.19 -37.24 -27.77
N LYS B 504 -31.61 -37.59 -28.91
CA LYS B 504 -31.15 -38.96 -29.15
C LYS B 504 -29.86 -39.20 -28.37
N GLU B 505 -29.25 -38.11 -27.91
CA GLU B 505 -28.01 -38.16 -27.15
C GLU B 505 -26.89 -38.84 -27.92
N GLY B 506 -26.59 -38.30 -29.10
CA GLY B 506 -25.53 -38.87 -29.91
C GLY B 506 -24.22 -38.21 -29.54
N TYR B 507 -23.15 -38.99 -29.57
CA TYR B 507 -21.84 -38.46 -29.26
C TYR B 507 -20.84 -39.15 -30.17
N LEU B 508 -19.63 -38.61 -30.26
CA LEU B 508 -18.61 -39.20 -31.11
C LEU B 508 -17.57 -39.99 -30.33
N GLN B 509 -17.27 -41.18 -30.80
CA GLN B 509 -16.25 -41.99 -30.14
C GLN B 509 -14.97 -41.79 -30.94
N ILE B 510 -14.00 -41.11 -30.34
CA ILE B 510 -12.76 -40.86 -31.02
C ILE B 510 -11.71 -41.90 -30.65
N GLY B 511 -10.96 -42.36 -31.65
CA GLY B 511 -9.94 -43.34 -31.42
C GLY B 511 -9.50 -43.96 -32.72
N ALA B 512 -8.97 -45.19 -32.64
CA ALA B 512 -8.53 -45.92 -33.84
C ALA B 512 -9.70 -45.96 -34.83
N ASN B 513 -10.88 -46.37 -34.35
CA ASN B 513 -12.08 -46.41 -35.17
C ASN B 513 -13.02 -45.32 -34.70
N THR B 514 -12.99 -44.16 -35.34
CA THR B 514 -13.86 -43.07 -34.92
C THR B 514 -15.22 -43.10 -35.59
N GLN B 515 -16.25 -43.38 -34.79
CA GLN B 515 -17.62 -43.43 -35.30
C GLN B 515 -18.61 -42.96 -34.22
N ALA B 516 -19.77 -42.50 -34.65
CA ALA B 516 -20.79 -42.02 -33.74
C ALA B 516 -21.36 -43.12 -32.83
N ALA B 517 -22.16 -42.70 -31.85
CA ALA B 517 -22.79 -43.61 -30.89
C ALA B 517 -23.91 -42.87 -30.19
N GLN B 518 -24.51 -43.49 -29.17
CA GLN B 518 -25.61 -42.86 -28.45
C GLN B 518 -25.70 -43.14 -26.96
N LYS B 519 -26.47 -42.31 -26.26
CA LYS B 519 -26.69 -42.42 -24.83
C LYS B 519 -25.42 -42.76 -24.05
N LEU B 520 -24.46 -41.85 -24.05
CA LEU B 520 -23.21 -42.08 -23.34
C LEU B 520 -23.46 -42.12 -21.84
N LYS B 521 -22.90 -43.14 -21.18
CA LYS B 521 -23.04 -43.31 -19.72
C LYS B 521 -24.47 -43.16 -19.23
N ASP B 522 -25.44 -43.44 -20.10
CA ASP B 522 -26.85 -43.30 -19.73
C ASP B 522 -27.28 -44.15 -18.55
N LYS B 523 -26.87 -45.41 -18.56
CA LYS B 523 -27.22 -46.32 -17.47
C LYS B 523 -26.67 -45.77 -16.16
N GLU B 524 -25.38 -45.43 -16.17
CA GLU B 524 -24.70 -44.89 -14.99
C GLU B 524 -25.41 -43.65 -14.41
N VAL B 525 -25.54 -42.60 -15.21
CA VAL B 525 -26.20 -41.38 -14.76
C VAL B 525 -27.49 -41.72 -14.03
N ALA B 526 -28.38 -42.41 -14.72
CA ALA B 526 -29.66 -42.82 -14.15
C ALA B 526 -29.46 -43.44 -12.77
N PHE B 527 -28.54 -44.40 -12.68
CA PHE B 527 -28.26 -45.09 -11.43
C PHE B 527 -27.83 -44.13 -10.32
N TRP B 528 -26.62 -43.62 -10.44
CA TRP B 528 -26.06 -42.70 -9.46
C TRP B 528 -27.02 -41.62 -9.00
N THR B 529 -27.82 -41.09 -9.93
CA THR B 529 -28.77 -40.04 -9.58
C THR B 529 -29.67 -40.48 -8.42
N ASN B 530 -30.16 -41.73 -8.49
CA ASN B 530 -31.03 -42.26 -7.46
C ASN B 530 -30.26 -42.58 -6.18
N LEU B 531 -29.14 -43.26 -6.32
CA LEU B 531 -28.31 -43.60 -5.16
C LEU B 531 -27.97 -42.34 -4.37
N PHE B 532 -27.92 -41.21 -5.06
CA PHE B 532 -27.62 -39.93 -4.42
C PHE B 532 -28.87 -39.28 -3.83
N ALA B 533 -30.05 -39.66 -4.32
CA ALA B 533 -31.30 -39.12 -3.81
C ALA B 533 -31.60 -39.83 -2.48
N LYS B 534 -30.60 -40.56 -1.99
CA LYS B 534 -30.67 -41.32 -0.74
C LYS B 534 -31.97 -42.10 -0.67
N SER C 3 11.30 42.26 12.13
CA SER C 3 11.08 41.88 13.53
C SER C 3 10.44 40.48 13.62
N SER C 4 9.13 40.42 13.44
CA SER C 4 8.37 39.17 13.47
C SER C 4 8.94 38.24 12.41
N PRO C 5 9.13 36.95 12.76
CA PRO C 5 9.68 35.99 11.80
C PRO C 5 8.88 36.07 10.50
N PRO C 6 9.55 35.87 9.36
CA PRO C 6 8.87 35.92 8.07
C PRO C 6 7.89 34.77 7.85
N VAL C 7 6.67 35.11 7.46
CA VAL C 7 5.70 34.07 7.18
C VAL C 7 5.17 34.25 5.78
N VAL C 8 5.33 33.23 4.95
CA VAL C 8 4.89 33.27 3.58
C VAL C 8 3.84 32.20 3.35
N ASP C 9 2.93 32.48 2.41
CA ASP C 9 1.87 31.54 2.10
C ASP C 9 2.17 30.79 0.83
N THR C 10 2.07 29.46 0.88
CA THR C 10 2.30 28.64 -0.30
C THR C 10 1.04 27.85 -0.60
N VAL C 11 1.02 27.21 -1.77
CA VAL C 11 -0.15 26.45 -2.17
C VAL C 11 -0.55 25.36 -1.19
N HIS C 12 0.43 24.81 -0.49
CA HIS C 12 0.16 23.75 0.48
C HIS C 12 0.06 24.20 1.93
N GLY C 13 0.19 25.50 2.18
CA GLY C 13 0.11 26.00 3.54
C GLY C 13 1.13 27.07 3.88
N LYS C 14 1.00 27.68 5.05
CA LYS C 14 1.91 28.73 5.47
C LYS C 14 3.26 28.21 5.95
N VAL C 15 4.33 28.95 5.62
CA VAL C 15 5.68 28.61 6.00
C VAL C 15 6.33 29.71 6.81
N LEU C 16 6.96 29.35 7.92
CA LEU C 16 7.62 30.30 8.80
C LEU C 16 9.14 30.20 8.64
N GLY C 17 9.79 31.31 8.35
CA GLY C 17 11.24 31.29 8.20
C GLY C 17 11.99 32.08 9.27
N LYS C 18 13.19 32.55 8.94
CA LYS C 18 13.99 33.33 9.88
C LYS C 18 14.76 34.39 9.09
N PHE C 19 14.93 35.57 9.69
CA PHE C 19 15.68 36.64 9.04
C PHE C 19 17.16 36.53 9.38
N VAL C 20 18.00 36.72 8.38
CA VAL C 20 19.44 36.64 8.57
C VAL C 20 20.06 37.82 7.84
N SER C 21 20.84 38.61 8.56
CA SER C 21 21.50 39.77 7.95
C SER C 21 22.96 39.50 7.63
N LEU C 22 23.40 39.97 6.46
CA LEU C 22 24.78 39.80 6.05
C LEU C 22 25.48 41.13 6.29
N GLU C 23 26.74 41.07 6.70
CA GLU C 23 27.50 42.27 6.99
C GLU C 23 27.36 43.33 5.90
N GLY C 24 27.00 44.56 6.29
CA GLY C 24 26.87 45.63 5.33
C GLY C 24 25.72 45.57 4.34
N PHE C 25 24.56 45.10 4.76
CA PHE C 25 23.39 45.02 3.90
C PHE C 25 22.15 45.36 4.71
N ALA C 26 21.45 46.43 4.31
CA ALA C 26 20.26 46.85 5.02
C ALA C 26 19.21 45.76 5.07
N GLN C 27 18.58 45.48 3.92
CA GLN C 27 17.53 44.45 3.82
C GLN C 27 18.04 43.06 4.17
N PRO C 28 17.57 42.49 5.30
CA PRO C 28 17.99 41.16 5.70
C PRO C 28 17.34 40.12 4.81
N VAL C 29 18.02 38.98 4.63
CA VAL C 29 17.51 37.92 3.80
C VAL C 29 16.58 36.99 4.58
N ALA C 30 15.46 36.62 3.99
CA ALA C 30 14.50 35.71 4.61
C ALA C 30 14.96 34.31 4.21
N ILE C 31 15.16 33.44 5.18
CA ILE C 31 15.62 32.09 4.91
C ILE C 31 14.66 31.00 5.39
N PHE C 32 14.29 30.11 4.47
CA PHE C 32 13.39 29.02 4.82
C PHE C 32 14.11 27.72 4.57
N LEU C 33 14.22 26.91 5.62
CA LEU C 33 14.92 25.62 5.55
C LEU C 33 13.99 24.42 5.67
N GLY C 34 14.10 23.50 4.72
CA GLY C 34 13.30 22.29 4.79
C GLY C 34 11.86 22.38 4.32
N ILE C 35 11.63 23.04 3.20
CA ILE C 35 10.27 23.10 2.70
C ILE C 35 10.11 21.85 1.85
N PRO C 36 9.06 21.06 2.12
CA PRO C 36 8.81 19.83 1.35
C PRO C 36 8.20 20.14 0.01
N PHE C 37 8.70 19.51 -1.04
CA PHE C 37 8.14 19.74 -2.36
C PHE C 37 7.54 18.47 -2.96
N ALA C 38 7.48 17.43 -2.15
CA ALA C 38 6.94 16.14 -2.58
C ALA C 38 6.61 15.33 -1.34
N LYS C 39 5.87 14.25 -1.52
CA LYS C 39 5.50 13.40 -0.41
C LYS C 39 6.68 12.49 -0.12
N PRO C 40 7.00 12.27 1.17
CA PRO C 40 8.12 11.41 1.54
C PRO C 40 8.01 10.09 0.78
N PRO C 41 9.00 9.79 -0.08
CA PRO C 41 9.07 8.57 -0.91
C PRO C 41 9.31 7.31 -0.10
N LEU C 42 8.54 7.13 0.96
CA LEU C 42 8.66 5.97 1.82
C LEU C 42 7.74 4.81 1.40
N GLY C 43 7.98 3.65 2.00
CA GLY C 43 7.17 2.48 1.71
C GLY C 43 7.04 2.16 0.23
N PRO C 44 5.80 1.93 -0.22
CA PRO C 44 5.48 1.62 -1.61
C PRO C 44 5.84 2.73 -2.58
N LEU C 45 6.17 3.91 -2.08
CA LEU C 45 6.52 5.01 -2.97
C LEU C 45 7.99 4.97 -3.40
N ARG C 46 8.71 3.98 -2.91
CA ARG C 46 10.11 3.84 -3.27
C ARG C 46 10.21 3.34 -4.69
N PHE C 47 11.13 3.89 -5.46
CA PHE C 47 11.30 3.49 -6.86
C PHE C 47 10.08 3.87 -7.68
N THR C 48 9.46 4.99 -7.33
CA THR C 48 8.31 5.46 -8.07
C THR C 48 8.48 6.98 -8.21
N PRO C 49 7.82 7.59 -9.20
CA PRO C 49 7.92 9.03 -9.41
C PRO C 49 7.45 9.76 -8.17
N PRO C 50 8.05 10.90 -7.86
CA PRO C 50 7.69 11.67 -6.67
C PRO C 50 6.28 12.17 -6.77
N GLN C 51 5.57 12.21 -5.65
CA GLN C 51 4.20 12.69 -5.63
C GLN C 51 4.01 14.01 -4.93
N PRO C 52 2.93 14.72 -5.23
CA PRO C 52 2.63 16.00 -4.61
C PRO C 52 2.56 15.86 -3.10
N ALA C 53 2.97 16.89 -2.37
CA ALA C 53 2.96 16.84 -0.92
C ALA C 53 1.61 17.13 -0.28
N GLU C 54 1.38 16.56 0.90
CA GLU C 54 0.14 16.79 1.63
C GLU C 54 0.17 18.20 2.23
N PRO C 55 -0.89 18.98 2.00
CA PRO C 55 -1.04 20.34 2.50
C PRO C 55 -1.19 20.35 4.02
N TRP C 56 -0.61 21.35 4.67
CA TRP C 56 -0.70 21.42 6.12
C TRP C 56 -1.71 22.42 6.64
N SER C 57 -2.27 22.10 7.80
CA SER C 57 -3.32 22.90 8.41
C SER C 57 -2.94 24.21 9.06
N PHE C 58 -1.76 24.35 9.65
CA PHE C 58 -1.44 25.64 10.26
C PHE C 58 -0.21 26.33 9.67
N VAL C 59 0.78 26.60 10.51
CA VAL C 59 1.98 27.24 10.00
C VAL C 59 3.15 26.29 10.21
N LYS C 60 3.80 25.93 9.11
CA LYS C 60 4.93 25.02 9.15
C LYS C 60 6.23 25.83 9.35
N ASN C 61 6.99 25.49 10.38
CA ASN C 61 8.23 26.19 10.64
C ASN C 61 9.34 25.60 9.80
N ALA C 62 9.84 26.38 8.84
CA ALA C 62 10.95 25.94 7.99
C ALA C 62 12.19 26.53 8.63
N THR C 63 12.62 25.93 9.73
CA THR C 63 13.75 26.46 10.46
C THR C 63 14.84 25.48 10.84
N SER C 64 14.78 24.27 10.28
CA SER C 64 15.79 23.26 10.59
C SER C 64 16.26 22.65 9.30
N TYR C 65 17.55 22.42 9.19
CA TYR C 65 18.08 21.84 7.99
C TYR C 65 17.49 20.46 7.77
N PRO C 66 16.97 20.22 6.56
CA PRO C 66 16.37 18.92 6.26
C PRO C 66 17.47 17.85 6.18
N PRO C 67 17.11 16.58 6.37
CA PRO C 67 18.08 15.47 6.32
C PRO C 67 18.60 15.33 4.89
N MET C 68 19.73 14.67 4.70
CA MET C 68 20.21 14.45 3.35
C MET C 68 19.75 13.05 2.95
N CYS C 69 19.48 12.84 1.68
CA CYS C 69 19.03 11.52 1.25
C CYS C 69 20.03 10.45 1.68
N THR C 70 19.55 9.23 1.90
CA THR C 70 20.41 8.17 2.35
C THR C 70 21.60 8.02 1.43
N GLN C 71 22.77 7.94 2.03
CA GLN C 71 24.03 7.82 1.31
C GLN C 71 25.12 7.42 2.27
N ASP C 72 26.30 7.13 1.74
CA ASP C 72 27.42 6.74 2.57
C ASP C 72 27.69 7.92 3.48
N PRO C 73 27.39 7.79 4.78
CA PRO C 73 27.61 8.87 5.73
C PRO C 73 29.00 9.47 5.78
N LYS C 74 30.04 8.64 5.69
CA LYS C 74 31.39 9.18 5.71
C LYS C 74 31.60 10.02 4.46
N ALA C 75 31.52 9.35 3.31
CA ALA C 75 31.68 10.01 2.02
C ALA C 75 30.93 11.34 1.96
N GLY C 76 29.65 11.30 2.32
CA GLY C 76 28.84 12.51 2.31
C GLY C 76 29.38 13.64 3.18
N GLN C 77 29.57 13.38 4.46
CA GLN C 77 30.08 14.41 5.36
C GLN C 77 31.39 14.97 4.87
N LEU C 78 32.23 14.09 4.32
CA LEU C 78 33.51 14.51 3.78
C LEU C 78 33.33 15.50 2.65
N LEU C 79 32.53 15.13 1.65
CA LEU C 79 32.33 16.04 0.53
C LEU C 79 31.69 17.35 1.01
N SER C 80 30.73 17.27 1.91
CA SER C 80 30.05 18.46 2.44
C SER C 80 31.09 19.45 2.98
N GLU C 81 32.15 18.94 3.59
CA GLU C 81 33.18 19.80 4.15
C GLU C 81 34.04 20.43 3.06
N LEU C 82 34.50 19.61 2.12
CA LEU C 82 35.33 20.09 1.01
C LEU C 82 34.68 21.05 0.03
N PHE C 83 33.34 21.14 0.02
CA PHE C 83 32.61 22.01 -0.91
C PHE C 83 31.86 23.17 -0.23
N THR C 84 31.45 22.96 1.01
CA THR C 84 30.70 23.97 1.73
C THR C 84 31.30 25.37 1.61
N ASN C 85 30.43 26.35 1.40
CA ASN C 85 30.84 27.74 1.26
C ASN C 85 30.68 28.53 2.57
N ARG C 86 30.10 27.88 3.59
CA ARG C 86 29.91 28.53 4.89
C ARG C 86 31.12 28.26 5.79
N LYS C 87 31.29 29.07 6.83
CA LYS C 87 32.43 28.89 7.73
C LYS C 87 32.41 27.59 8.50
N GLU C 88 31.29 27.25 9.14
CA GLU C 88 31.20 26.01 9.90
C GLU C 88 30.34 24.98 9.16
N ASN C 89 30.90 23.80 8.87
CA ASN C 89 30.12 22.79 8.17
C ASN C 89 29.04 22.27 9.08
N ILE C 90 27.82 22.20 8.54
CA ILE C 90 26.68 21.72 9.30
C ILE C 90 26.54 20.22 9.16
N PRO C 91 26.58 19.50 10.29
CA PRO C 91 26.45 18.04 10.29
C PRO C 91 24.98 17.72 10.03
N LEU C 92 24.73 16.77 9.13
CA LEU C 92 23.34 16.43 8.79
C LEU C 92 22.91 15.04 9.25
N LYS C 93 21.63 14.76 9.02
CA LYS C 93 21.03 13.50 9.39
C LYS C 93 20.72 12.77 8.08
N LEU C 94 20.55 11.46 8.14
CA LEU C 94 20.22 10.67 6.95
C LEU C 94 18.78 10.18 6.99
N SER C 95 18.14 10.16 5.83
CA SER C 95 16.75 9.68 5.75
C SER C 95 16.23 9.60 4.34
N GLU C 96 15.26 8.72 4.13
CA GLU C 96 14.66 8.55 2.82
C GLU C 96 13.74 9.73 2.61
N ASP C 97 13.40 10.39 3.72
CA ASP C 97 12.54 11.56 3.71
C ASP C 97 13.46 12.77 3.53
N CYS C 98 13.75 13.10 2.28
CA CYS C 98 14.67 14.17 1.97
C CYS C 98 14.25 15.04 0.81
N LEU C 99 13.03 14.87 0.33
CA LEU C 99 12.61 15.70 -0.79
C LEU C 99 12.22 17.08 -0.29
N TYR C 100 13.23 17.86 0.10
CA TYR C 100 13.04 19.22 0.59
C TYR C 100 13.91 20.17 -0.20
N LEU C 101 13.60 21.47 -0.13
CA LEU C 101 14.41 22.49 -0.79
C LEU C 101 14.57 23.64 0.17
N ASN C 102 15.67 24.37 0.04
CA ASN C 102 15.93 25.51 0.91
C ASN C 102 15.83 26.79 0.08
N ILE C 103 15.09 27.76 0.59
CA ILE C 103 14.93 29.02 -0.13
C ILE C 103 15.66 30.18 0.56
N TYR C 104 16.27 31.02 -0.25
CA TYR C 104 16.99 32.19 0.23
C TYR C 104 16.53 33.39 -0.57
N THR C 105 15.73 34.27 0.04
CA THR C 105 15.24 35.43 -0.69
C THR C 105 15.63 36.78 -0.08
N PRO C 106 16.28 37.63 -0.88
CA PRO C 106 16.72 38.96 -0.43
C PRO C 106 15.62 40.01 -0.62
N ALA C 107 14.45 39.57 -1.07
CA ALA C 107 13.35 40.49 -1.30
C ALA C 107 12.65 40.94 -0.03
N ASP C 108 11.88 42.01 -0.17
CA ASP C 108 11.10 42.56 0.93
C ASP C 108 9.71 41.95 0.78
N LEU C 109 9.52 40.80 1.41
CA LEU C 109 8.26 40.07 1.34
C LEU C 109 7.00 40.93 1.47
N THR C 110 7.13 42.09 2.09
CA THR C 110 5.99 42.99 2.30
C THR C 110 5.66 43.76 1.01
N LYS C 111 6.22 43.31 -0.10
CA LYS C 111 5.98 43.95 -1.38
C LYS C 111 5.74 42.89 -2.43
N LYS C 112 5.54 43.32 -3.67
CA LYS C 112 5.33 42.36 -4.76
C LYS C 112 6.63 42.28 -5.56
N ASN C 113 7.66 41.69 -4.97
CA ASN C 113 8.93 41.56 -5.66
C ASN C 113 8.90 40.38 -6.61
N ARG C 114 9.61 40.53 -7.73
CA ARG C 114 9.68 39.46 -8.72
C ARG C 114 11.13 39.29 -9.21
N LEU C 115 12.04 39.02 -8.28
CA LEU C 115 13.46 38.83 -8.56
C LEU C 115 13.74 37.53 -9.30
N PRO C 116 14.84 37.48 -10.05
CA PRO C 116 15.17 36.25 -10.79
C PRO C 116 15.48 35.11 -9.81
N VAL C 117 15.21 33.88 -10.25
CA VAL C 117 15.44 32.72 -9.41
C VAL C 117 16.55 31.82 -9.95
N MET C 118 17.39 31.35 -9.03
CA MET C 118 18.48 30.47 -9.37
C MET C 118 18.39 29.23 -8.48
N VAL C 119 18.07 28.11 -9.12
CA VAL C 119 17.93 26.83 -8.45
C VAL C 119 19.22 26.03 -8.60
N TRP C 120 19.82 25.68 -7.46
CA TRP C 120 21.06 24.93 -7.47
C TRP C 120 20.95 23.43 -7.23
N ILE C 121 21.54 22.66 -8.14
CA ILE C 121 21.51 21.21 -8.06
C ILE C 121 22.90 20.69 -7.66
N HIS C 122 23.06 20.36 -6.38
CA HIS C 122 24.35 19.88 -5.88
C HIS C 122 24.85 18.65 -6.63
N GLY C 123 26.16 18.47 -6.65
CA GLY C 123 26.73 17.32 -7.32
C GLY C 123 26.96 16.23 -6.30
N GLY C 124 27.73 15.22 -6.67
CA GLY C 124 28.01 14.11 -5.78
C GLY C 124 27.89 12.78 -6.50
N GLY C 125 28.09 12.81 -7.82
CA GLY C 125 28.02 11.60 -8.63
C GLY C 125 26.72 10.85 -8.59
N LEU C 126 25.67 11.52 -8.13
CA LEU C 126 24.35 10.93 -8.02
C LEU C 126 24.37 9.84 -6.96
N MET C 127 25.36 9.91 -6.07
CA MET C 127 25.54 8.94 -4.99
C MET C 127 25.45 9.57 -3.59
N VAL C 128 25.97 10.79 -3.49
CA VAL C 128 26.00 11.48 -2.22
C VAL C 128 25.84 12.99 -2.45
N GLY C 129 25.64 13.75 -1.39
CA GLY C 129 25.47 15.18 -1.53
C GLY C 129 24.27 15.69 -0.73
N ALA C 130 24.07 17.00 -0.76
CA ALA C 130 22.97 17.62 -0.01
C ALA C 130 22.79 19.08 -0.42
N ALA C 131 21.60 19.64 -0.21
CA ALA C 131 21.39 21.03 -0.57
C ALA C 131 21.82 21.98 0.56
N SER C 132 21.74 21.51 1.80
CA SER C 132 22.13 22.35 2.93
C SER C 132 23.62 22.69 2.91
N THR C 133 24.39 21.94 2.14
CA THR C 133 25.82 22.19 2.06
C THR C 133 26.10 23.59 1.50
N TYR C 134 25.26 24.03 0.57
CA TYR C 134 25.42 25.34 -0.04
C TYR C 134 24.55 26.43 0.61
N ASP C 135 25.21 27.48 1.10
CA ASP C 135 24.51 28.58 1.72
C ASP C 135 24.28 29.68 0.69
N GLY C 136 23.00 29.99 0.45
CA GLY C 136 22.65 30.99 -0.53
C GLY C 136 22.72 32.43 -0.05
N LEU C 137 22.86 32.64 1.26
CA LEU C 137 22.92 33.98 1.82
C LEU C 137 23.69 35.03 1.02
N ALA C 138 24.98 34.80 0.81
CA ALA C 138 25.82 35.73 0.06
C ALA C 138 25.26 36.05 -1.32
N LEU C 139 25.25 35.07 -2.23
CA LEU C 139 24.73 35.29 -3.57
C LEU C 139 23.36 35.94 -3.56
N ALA C 140 22.50 35.52 -2.65
CA ALA C 140 21.16 36.09 -2.58
C ALA C 140 21.26 37.58 -2.35
N ALA C 141 22.04 37.97 -1.35
CA ALA C 141 22.21 39.40 -1.00
C ALA C 141 22.99 40.23 -2.03
N HIS C 142 24.15 39.73 -2.43
CA HIS C 142 24.97 40.46 -3.38
C HIS C 142 24.38 40.73 -4.77
N GLU C 143 23.69 39.77 -5.39
CA GLU C 143 23.15 40.01 -6.72
C GLU C 143 21.64 40.16 -6.77
N ASN C 144 21.04 40.22 -5.60
CA ASN C 144 19.60 40.37 -5.47
C ASN C 144 18.82 39.39 -6.34
N VAL C 145 18.97 38.11 -6.02
CA VAL C 145 18.29 37.03 -6.71
C VAL C 145 17.85 36.03 -5.66
N VAL C 146 16.76 35.32 -5.93
CA VAL C 146 16.28 34.32 -4.98
C VAL C 146 17.02 33.02 -5.29
N VAL C 147 17.73 32.50 -4.30
CA VAL C 147 18.48 31.28 -4.47
C VAL C 147 17.75 30.12 -3.82
N VAL C 148 17.61 29.03 -4.55
CA VAL C 148 16.93 27.85 -4.05
C VAL C 148 17.84 26.63 -4.16
N THR C 149 18.04 25.90 -3.07
CA THR C 149 18.87 24.71 -3.12
C THR C 149 18.01 23.47 -2.96
N ILE C 150 17.86 22.69 -4.03
CA ILE C 150 17.03 21.49 -4.03
C ILE C 150 17.76 20.20 -3.73
N GLN C 151 17.01 19.19 -3.33
CA GLN C 151 17.57 17.89 -3.03
C GLN C 151 16.82 16.88 -3.88
N TYR C 152 17.44 15.75 -4.17
CA TYR C 152 16.82 14.72 -4.98
C TYR C 152 17.36 13.38 -4.52
N ARG C 153 16.60 12.32 -4.76
CA ARG C 153 16.99 10.98 -4.35
C ARG C 153 18.31 10.56 -4.94
N LEU C 154 19.12 9.88 -4.13
CA LEU C 154 20.42 9.43 -4.54
C LEU C 154 20.62 7.93 -4.53
N GLY C 155 21.75 7.50 -5.06
CA GLY C 155 22.07 6.09 -5.12
C GLY C 155 20.94 5.22 -5.62
N ILE C 156 20.81 4.06 -4.99
CA ILE C 156 19.78 3.10 -5.33
C ILE C 156 18.41 3.76 -5.29
N TRP C 157 18.11 4.39 -4.17
CA TRP C 157 16.83 5.06 -3.95
C TRP C 157 16.38 5.94 -5.12
N GLY C 158 17.33 6.62 -5.78
CA GLY C 158 16.96 7.51 -6.87
C GLY C 158 17.34 7.11 -8.27
N PHE C 159 18.01 5.97 -8.45
CA PHE C 159 18.43 5.57 -9.80
C PHE C 159 18.36 4.09 -10.14
N PHE C 160 17.78 3.29 -9.24
CA PHE C 160 17.65 1.86 -9.49
C PHE C 160 16.74 1.64 -10.69
N SER C 161 17.19 0.82 -11.63
CA SER C 161 16.42 0.55 -12.84
C SER C 161 16.50 -0.88 -13.35
N THR C 162 15.38 -1.40 -13.81
CA THR C 162 15.31 -2.75 -14.34
C THR C 162 15.20 -2.71 -15.85
N GLY C 163 15.30 -1.52 -16.41
CA GLY C 163 15.19 -1.41 -17.85
C GLY C 163 13.80 -1.61 -18.41
N ASP C 164 12.81 -1.83 -17.55
CA ASP C 164 11.45 -1.98 -18.05
C ASP C 164 10.48 -1.19 -17.20
N GLU C 165 9.20 -1.25 -17.55
CA GLU C 165 8.17 -0.52 -16.84
C GLU C 165 8.01 -0.81 -15.36
N HIS C 166 8.64 -1.86 -14.85
CA HIS C 166 8.49 -2.17 -13.44
C HIS C 166 9.30 -1.25 -12.54
N SER C 167 10.24 -0.54 -13.16
CA SER C 167 11.11 0.38 -12.45
C SER C 167 11.98 1.07 -13.49
N ARG C 168 11.37 1.95 -14.27
CA ARG C 168 12.09 2.65 -15.32
C ARG C 168 13.38 3.26 -14.81
N GLY C 169 13.28 4.03 -13.74
CA GLY C 169 14.45 4.65 -13.15
C GLY C 169 14.44 6.15 -13.25
N ASN C 170 15.58 6.77 -12.94
CA ASN C 170 15.72 8.22 -12.99
C ASN C 170 14.85 8.92 -11.97
N TRP C 171 14.56 8.22 -10.89
CA TRP C 171 13.74 8.78 -9.83
C TRP C 171 14.29 10.12 -9.41
N GLY C 172 15.60 10.16 -9.23
CA GLY C 172 16.27 11.40 -8.84
C GLY C 172 15.98 12.57 -9.77
N HIS C 173 16.13 12.37 -11.08
CA HIS C 173 15.86 13.44 -12.03
C HIS C 173 14.40 13.86 -11.94
N LEU C 174 13.50 12.90 -11.74
CA LEU C 174 12.08 13.21 -11.62
C LEU C 174 11.90 14.09 -10.40
N ASP C 175 12.59 13.77 -9.32
CA ASP C 175 12.52 14.59 -8.11
C ASP C 175 12.93 16.02 -8.46
N GLN C 176 13.99 16.13 -9.25
CA GLN C 176 14.50 17.43 -9.67
C GLN C 176 13.41 18.18 -10.43
N VAL C 177 12.77 17.50 -11.38
CA VAL C 177 11.73 18.15 -12.15
C VAL C 177 10.62 18.61 -11.22
N ALA C 178 10.23 17.71 -10.33
CA ALA C 178 9.20 18.01 -9.36
C ALA C 178 9.48 19.30 -8.62
N ALA C 179 10.69 19.44 -8.09
CA ALA C 179 11.03 20.64 -7.37
C ALA C 179 10.85 21.86 -8.26
N LEU C 180 11.21 21.73 -9.53
CA LEU C 180 11.07 22.84 -10.46
C LEU C 180 9.61 23.25 -10.62
N ARG C 181 8.70 22.28 -10.62
CA ARG C 181 7.32 22.64 -10.76
C ARG C 181 6.92 23.34 -9.49
N TRP C 182 7.42 22.88 -8.35
CA TRP C 182 7.06 23.52 -7.10
C TRP C 182 7.39 24.99 -7.17
N VAL C 183 8.57 25.29 -7.70
CA VAL C 183 9.05 26.66 -7.86
C VAL C 183 8.09 27.45 -8.75
N GLN C 184 7.67 26.86 -9.86
CA GLN C 184 6.75 27.55 -10.76
C GLN C 184 5.48 27.86 -10.01
N ASP C 185 4.97 26.88 -9.28
CA ASP C 185 3.74 27.10 -8.57
C ASP C 185 3.81 27.88 -7.27
N ASN C 186 5.00 28.13 -6.74
CA ASN C 186 5.10 28.82 -5.46
C ASN C 186 6.08 29.95 -5.30
N ILE C 187 7.20 29.90 -6.02
CA ILE C 187 8.26 30.91 -5.85
C ILE C 187 7.80 32.37 -5.79
N ALA C 188 6.68 32.67 -6.43
CA ALA C 188 6.15 34.02 -6.41
C ALA C 188 5.96 34.54 -5.00
N SER C 189 5.59 33.68 -4.07
CA SER C 189 5.37 34.14 -2.71
C SER C 189 6.63 34.49 -1.93
N PHE C 190 7.81 34.36 -2.54
CA PHE C 190 9.05 34.70 -1.85
C PHE C 190 9.74 35.79 -2.61
N GLY C 191 8.96 36.51 -3.42
CA GLY C 191 9.51 37.60 -4.21
C GLY C 191 10.26 37.17 -5.46
N GLY C 192 10.10 35.91 -5.84
CA GLY C 192 10.77 35.44 -7.03
C GLY C 192 9.85 35.58 -8.23
N ASN C 193 10.41 35.54 -9.42
CA ASN C 193 9.63 35.64 -10.64
C ASN C 193 9.62 34.28 -11.34
N PRO C 194 8.52 33.53 -11.20
CA PRO C 194 8.45 32.22 -11.84
C PRO C 194 8.79 32.26 -13.32
N GLY C 195 8.70 33.45 -13.91
CA GLY C 195 9.00 33.57 -15.31
C GLY C 195 10.47 33.62 -15.68
N SER C 196 11.33 33.79 -14.68
CA SER C 196 12.75 33.87 -14.96
C SER C 196 13.51 32.93 -14.02
N VAL C 197 13.33 31.62 -14.24
CA VAL C 197 14.01 30.62 -13.42
C VAL C 197 15.25 30.12 -14.15
N THR C 198 16.36 30.02 -13.42
CA THR C 198 17.63 29.58 -13.99
C THR C 198 18.16 28.38 -13.20
N ILE C 199 18.46 27.28 -13.89
CA ILE C 199 18.98 26.13 -13.16
C ILE C 199 20.50 26.11 -13.32
N PHE C 200 21.18 25.66 -12.29
CA PHE C 200 22.65 25.56 -12.33
C PHE C 200 23.16 24.57 -11.31
N GLY C 201 24.18 23.81 -11.68
CA GLY C 201 24.72 22.83 -10.78
C GLY C 201 26.14 22.47 -11.17
N GLU C 202 26.78 21.62 -10.40
CA GLU C 202 28.16 21.25 -10.70
C GLU C 202 28.36 19.73 -10.57
N SER C 203 29.35 19.20 -11.27
CA SER C 203 29.59 17.76 -11.25
C SER C 203 28.27 17.11 -11.68
N ALA C 204 27.85 16.05 -10.99
CA ALA C 204 26.61 15.34 -11.29
C ALA C 204 25.44 16.31 -11.38
N GLY C 205 25.50 17.37 -10.56
CA GLY C 205 24.46 18.39 -10.57
C GLY C 205 24.51 19.13 -11.89
N GLY C 206 25.71 19.29 -12.43
CA GLY C 206 25.86 19.96 -13.73
C GLY C 206 25.35 19.06 -14.83
N GLU C 207 25.63 17.77 -14.67
CA GLU C 207 25.17 16.76 -15.63
C GLU C 207 23.64 16.77 -15.65
N SER C 208 23.03 16.84 -14.46
CA SER C 208 21.59 16.88 -14.33
C SER C 208 21.05 18.07 -15.11
N VAL C 209 21.70 19.23 -14.98
CA VAL C 209 21.23 20.39 -15.70
C VAL C 209 21.20 20.06 -17.19
N SER C 210 22.31 19.48 -17.67
CA SER C 210 22.44 19.08 -19.07
C SER C 210 21.28 18.17 -19.47
N VAL C 211 20.94 17.25 -18.57
CA VAL C 211 19.83 16.30 -18.78
C VAL C 211 18.47 16.99 -18.88
N LEU C 212 18.17 17.85 -17.92
CA LEU C 212 16.88 18.55 -17.93
C LEU C 212 16.74 19.37 -19.20
N VAL C 213 17.87 19.83 -19.73
CA VAL C 213 17.83 20.61 -20.96
C VAL C 213 17.48 19.76 -22.18
N LEU C 214 17.49 18.44 -22.03
CA LEU C 214 17.18 17.54 -23.14
C LEU C 214 15.83 16.86 -22.91
N SER C 215 15.35 16.93 -21.68
CA SER C 215 14.11 16.29 -21.28
C SER C 215 12.84 17.05 -21.65
N PRO C 216 11.89 16.34 -22.25
CA PRO C 216 10.60 16.90 -22.66
C PRO C 216 9.88 17.40 -21.41
N LEU C 217 10.03 16.65 -20.33
CA LEU C 217 9.39 16.99 -19.07
C LEU C 217 9.76 18.37 -18.54
N ALA C 218 11.03 18.71 -18.64
CA ALA C 218 11.52 20.00 -18.14
C ALA C 218 10.95 21.17 -18.88
N LYS C 219 10.80 21.01 -20.19
CA LYS C 219 10.26 22.08 -21.05
C LYS C 219 9.35 23.03 -20.26
N ASN C 220 9.72 24.31 -20.25
CA ASN C 220 8.95 25.34 -19.57
C ASN C 220 9.08 25.46 -18.05
N LEU C 221 10.09 24.84 -17.48
CA LEU C 221 10.28 24.92 -16.04
C LEU C 221 11.46 25.82 -15.71
N PHE C 222 12.21 26.19 -16.74
CA PHE C 222 13.34 27.07 -16.53
C PHE C 222 13.57 27.89 -17.78
N HIS C 223 14.37 28.95 -17.67
CA HIS C 223 14.62 29.83 -18.80
C HIS C 223 16.07 30.14 -19.10
N ARG C 224 16.96 29.52 -18.33
CA ARG C 224 18.40 29.67 -18.49
C ARG C 224 19.04 28.50 -17.74
N ALA C 225 20.13 27.98 -18.28
CA ALA C 225 20.79 26.85 -17.65
C ALA C 225 22.31 27.00 -17.58
N ILE C 226 22.90 26.42 -16.53
CA ILE C 226 24.35 26.46 -16.33
C ILE C 226 24.89 25.13 -15.81
N SER C 227 25.90 24.61 -16.50
CA SER C 227 26.53 23.34 -16.13
C SER C 227 27.97 23.61 -15.76
N GLU C 228 28.33 23.31 -14.52
CA GLU C 228 29.68 23.50 -14.01
C GLU C 228 30.42 22.17 -13.89
N SER C 229 31.38 21.95 -14.78
CA SER C 229 32.18 20.74 -14.73
C SER C 229 31.29 19.52 -14.82
N GLY C 230 30.48 19.42 -15.87
CA GLY C 230 29.63 18.26 -16.01
C GLY C 230 28.47 18.38 -16.97
N VAL C 231 28.44 17.50 -17.96
CA VAL C 231 27.36 17.50 -18.93
C VAL C 231 26.79 16.11 -19.19
N ALA C 232 25.75 16.04 -20.00
CA ALA C 232 25.11 14.77 -20.31
C ALA C 232 25.97 13.78 -21.07
N LEU C 233 26.82 14.26 -21.98
CA LEU C 233 27.70 13.34 -22.73
C LEU C 233 28.74 12.69 -21.81
N THR C 234 28.80 13.17 -20.56
CA THR C 234 29.73 12.64 -19.58
C THR C 234 29.31 11.20 -19.27
N SER C 235 29.72 10.32 -20.18
CA SER C 235 29.40 8.91 -20.16
C SER C 235 29.30 8.18 -18.83
N VAL C 236 30.34 8.22 -18.02
CA VAL C 236 30.29 7.52 -16.75
C VAL C 236 28.95 7.67 -16.02
N LEU C 237 28.35 8.86 -16.03
CA LEU C 237 27.06 9.07 -15.34
C LEU C 237 25.81 8.57 -16.07
N VAL C 238 25.93 8.30 -17.37
CA VAL C 238 24.80 7.83 -18.17
C VAL C 238 24.98 6.34 -18.50
N LYS C 239 24.03 5.52 -18.06
CA LYS C 239 24.08 4.09 -18.33
C LYS C 239 23.41 3.78 -19.64
N LYS C 240 24.22 3.49 -20.64
CA LYS C 240 23.70 3.15 -21.96
C LYS C 240 23.81 1.64 -22.07
N GLY C 241 22.89 1.02 -22.79
CA GLY C 241 22.93 -0.43 -22.94
C GLY C 241 21.95 -1.10 -22.00
N ASP C 242 21.89 -2.43 -22.05
CA ASP C 242 20.97 -3.18 -21.18
C ASP C 242 21.46 -3.07 -19.74
N VAL C 243 20.62 -2.51 -18.87
CA VAL C 243 20.98 -2.33 -17.46
C VAL C 243 20.52 -3.47 -16.58
N LYS C 244 19.63 -4.28 -17.13
CA LYS C 244 19.09 -5.41 -16.38
C LYS C 244 20.13 -6.10 -15.51
N PRO C 245 21.34 -6.34 -16.06
CA PRO C 245 22.40 -7.01 -15.30
C PRO C 245 22.77 -6.37 -13.97
N LEU C 246 22.97 -5.05 -13.98
CA LEU C 246 23.31 -4.34 -12.76
C LEU C 246 22.12 -4.48 -11.79
N ALA C 247 20.92 -4.42 -12.33
CA ALA C 247 19.75 -4.55 -11.48
C ALA C 247 19.84 -5.84 -10.71
N GLU C 248 20.03 -6.94 -11.44
CA GLU C 248 20.13 -8.27 -10.84
C GLU C 248 21.28 -8.36 -9.83
N GLN C 249 22.36 -7.65 -10.12
CA GLN C 249 23.50 -7.66 -9.21
C GLN C 249 23.13 -6.99 -7.90
N ILE C 250 22.57 -5.80 -7.99
CA ILE C 250 22.14 -5.06 -6.81
C ILE C 250 21.15 -5.92 -6.04
N ALA C 251 20.20 -6.51 -6.77
CA ALA C 251 19.17 -7.35 -6.18
C ALA C 251 19.79 -8.44 -5.31
N ILE C 252 20.73 -9.17 -5.89
CA ILE C 252 21.44 -10.24 -5.19
C ILE C 252 22.13 -9.77 -3.93
N THR C 253 22.99 -8.77 -4.07
CA THR C 253 23.73 -8.22 -2.94
C THR C 253 22.79 -7.82 -1.82
N ALA C 254 21.59 -7.42 -2.19
CA ALA C 254 20.61 -7.00 -1.20
C ALA C 254 19.85 -8.20 -0.60
N GLY C 255 20.13 -9.40 -1.12
CA GLY C 255 19.49 -10.61 -0.65
C GLY C 255 18.12 -10.86 -1.27
N CYS C 256 17.98 -10.51 -2.55
CA CYS C 256 16.71 -10.69 -3.24
C CYS C 256 16.81 -11.69 -4.37
N LYS C 257 15.68 -12.28 -4.77
CA LYS C 257 15.68 -13.23 -5.87
C LYS C 257 15.75 -12.36 -7.12
N THR C 258 15.71 -12.99 -8.28
CA THR C 258 15.76 -12.23 -9.54
C THR C 258 14.86 -12.91 -10.56
N THR C 259 13.92 -13.71 -10.08
CA THR C 259 12.99 -14.43 -10.93
C THR C 259 12.45 -13.54 -12.06
N THR C 260 12.03 -12.33 -11.73
CA THR C 260 11.52 -11.41 -12.75
C THR C 260 11.81 -9.97 -12.29
N SER C 261 11.58 -8.98 -13.15
CA SER C 261 11.82 -7.60 -12.73
C SER C 261 10.88 -7.25 -11.58
N ALA C 262 9.58 -7.46 -11.79
CA ALA C 262 8.57 -7.17 -10.79
C ALA C 262 8.97 -7.75 -9.45
N VAL C 263 9.50 -8.95 -9.48
CA VAL C 263 9.93 -9.63 -8.26
C VAL C 263 11.05 -8.89 -7.57
N MET C 264 12.00 -8.39 -8.36
CA MET C 264 13.12 -7.67 -7.79
C MET C 264 12.66 -6.37 -7.12
N VAL C 265 11.92 -5.56 -7.84
CA VAL C 265 11.47 -4.30 -7.29
C VAL C 265 10.68 -4.52 -6.01
N HIS C 266 9.80 -5.51 -6.03
CA HIS C 266 8.98 -5.76 -4.86
C HIS C 266 9.84 -6.09 -3.66
N CYS C 267 10.75 -7.02 -3.86
CA CYS C 267 11.64 -7.45 -2.81
C CYS C 267 12.45 -6.29 -2.26
N LEU C 268 12.90 -5.41 -3.13
CA LEU C 268 13.69 -4.28 -2.69
C LEU C 268 12.82 -3.29 -1.93
N ARG C 269 11.55 -3.18 -2.30
CA ARG C 269 10.68 -2.27 -1.58
C ARG C 269 10.47 -2.73 -0.12
N GLN C 270 10.66 -4.02 0.11
CA GLN C 270 10.50 -4.58 1.43
C GLN C 270 11.70 -4.19 2.29
N LYS C 271 12.90 -4.37 1.78
CA LYS C 271 14.12 -4.02 2.53
C LYS C 271 14.04 -2.70 3.31
N THR C 272 14.68 -2.65 4.47
CA THR C 272 14.70 -1.42 5.26
C THR C 272 15.78 -0.50 4.72
N GLU C 273 15.69 0.77 5.06
CA GLU C 273 16.69 1.73 4.60
C GLU C 273 18.06 1.24 5.02
N GLU C 274 18.19 0.86 6.29
CA GLU C 274 19.46 0.36 6.81
C GLU C 274 20.02 -0.72 5.89
N GLU C 275 19.20 -1.71 5.57
CA GLU C 275 19.64 -2.80 4.71
C GLU C 275 20.14 -2.25 3.37
N LEU C 276 19.33 -1.47 2.68
CA LEU C 276 19.76 -0.91 1.41
C LEU C 276 21.02 -0.06 1.55
N LEU C 277 21.23 0.55 2.71
CA LEU C 277 22.45 1.36 2.90
C LEU C 277 23.66 0.45 2.98
N GLU C 278 23.49 -0.71 3.62
CA GLU C 278 24.58 -1.68 3.73
C GLU C 278 24.89 -2.20 2.35
N THR C 279 23.85 -2.43 1.55
CA THR C 279 24.05 -2.92 0.21
C THR C 279 24.84 -1.86 -0.55
N THR C 280 24.48 -0.59 -0.35
CA THR C 280 25.18 0.49 -1.03
C THR C 280 26.65 0.47 -0.63
N LEU C 281 26.93 0.14 0.62
CA LEU C 281 28.31 0.10 1.06
C LEU C 281 29.02 -1.11 0.51
N LYS C 282 28.38 -2.28 0.63
CA LYS C 282 28.99 -3.51 0.14
C LYS C 282 29.50 -3.30 -1.24
N MET C 283 28.71 -2.57 -1.98
CA MET C 283 29.11 -2.40 -3.31
C MET C 283 30.41 -1.70 -3.57
N LYS C 284 30.95 -0.83 -2.72
CA LYS C 284 32.21 -0.29 -3.19
C LYS C 284 31.94 0.21 -4.60
N PHE C 285 31.85 1.53 -4.66
CA PHE C 285 31.58 2.26 -5.89
C PHE C 285 32.70 3.18 -6.12
N LEU C 286 32.44 4.45 -5.89
CA LEU C 286 33.47 5.41 -6.13
C LEU C 286 34.84 4.78 -5.90
N SER C 287 35.02 3.97 -4.87
CA SER C 287 36.34 3.39 -4.76
C SER C 287 36.65 2.63 -6.08
N LEU C 288 37.63 3.17 -6.84
CA LEU C 288 38.05 2.60 -8.13
C LEU C 288 38.74 1.24 -7.98
N ASP C 289 38.10 0.20 -8.53
CA ASP C 289 38.66 -1.14 -8.47
C ASP C 289 39.82 -1.22 -9.44
N LEU C 290 40.91 -1.85 -9.01
CA LEU C 290 42.11 -1.99 -9.85
C LEU C 290 42.24 -3.41 -10.42
N GLN C 291 42.03 -4.43 -9.57
CA GLN C 291 42.14 -5.82 -9.99
C GLN C 291 40.86 -6.35 -10.65
N GLY C 292 40.95 -7.58 -11.15
CA GLY C 292 39.81 -8.17 -11.83
C GLY C 292 39.75 -7.58 -13.23
N ASP C 293 38.62 -7.76 -13.92
CA ASP C 293 38.46 -7.24 -15.27
C ASP C 293 37.94 -5.79 -15.21
N PRO C 294 38.67 -4.84 -15.80
CA PRO C 294 38.28 -3.41 -15.81
C PRO C 294 36.90 -3.13 -16.40
N ARG C 295 36.51 -3.92 -17.40
CA ARG C 295 35.20 -3.77 -18.06
C ARG C 295 34.05 -4.25 -17.16
N GLU C 296 34.30 -5.32 -16.40
CA GLU C 296 33.30 -5.88 -15.48
C GLU C 296 33.07 -4.95 -14.29
N SER C 297 34.09 -4.18 -13.92
CA SER C 297 33.98 -3.25 -12.79
C SER C 297 32.90 -2.21 -13.05
N GLN C 298 31.79 -2.33 -12.34
CA GLN C 298 30.70 -1.38 -12.48
C GLN C 298 30.79 -0.30 -11.40
N PRO C 299 31.08 0.96 -11.81
CA PRO C 299 31.24 2.14 -10.95
C PRO C 299 29.97 2.75 -10.37
N LEU C 300 28.84 2.64 -11.07
CA LEU C 300 27.62 3.22 -10.52
C LEU C 300 26.31 2.82 -11.17
N LEU C 301 25.32 3.70 -11.04
CA LEU C 301 24.00 3.46 -11.58
C LEU C 301 23.29 4.80 -11.69
N GLY C 302 23.68 5.59 -12.68
CA GLY C 302 23.05 6.88 -12.82
C GLY C 302 21.90 6.95 -13.79
N THR C 303 21.88 8.05 -14.53
CA THR C 303 20.86 8.34 -15.54
C THR C 303 20.72 7.18 -16.50
N VAL C 304 19.52 6.98 -17.03
CA VAL C 304 19.28 5.93 -18.02
C VAL C 304 18.27 6.47 -19.01
N ILE C 305 18.14 5.81 -20.15
CA ILE C 305 17.19 6.27 -21.16
C ILE C 305 15.82 5.63 -20.85
N ASP C 306 15.11 6.18 -19.87
CA ASP C 306 13.84 5.63 -19.42
C ASP C 306 12.65 5.67 -20.37
N GLY C 307 12.63 6.65 -21.27
CA GLY C 307 11.51 6.76 -22.19
C GLY C 307 10.47 7.76 -21.67
N MET C 308 10.81 8.47 -20.61
CA MET C 308 9.94 9.48 -19.99
C MET C 308 10.73 10.78 -19.82
N LEU C 309 11.78 10.72 -19.01
CA LEU C 309 12.63 11.88 -18.79
C LEU C 309 13.46 12.07 -20.05
N LEU C 310 14.00 10.96 -20.57
CA LEU C 310 14.81 10.96 -21.78
C LEU C 310 14.29 9.93 -22.76
N LEU C 311 14.00 10.35 -23.99
CA LEU C 311 13.47 9.42 -25.00
C LEU C 311 14.57 8.68 -25.77
N LYS C 312 15.82 9.14 -25.64
CA LYS C 312 16.96 8.51 -26.31
C LYS C 312 18.29 9.08 -25.83
N THR C 313 19.39 8.38 -26.10
CA THR C 313 20.71 8.83 -25.66
C THR C 313 20.96 10.31 -25.91
N PRO C 314 21.72 10.96 -25.02
CA PRO C 314 22.00 12.39 -25.19
C PRO C 314 22.57 12.65 -26.56
N GLU C 315 23.48 11.79 -27.00
CA GLU C 315 24.11 11.93 -28.30
C GLU C 315 23.05 12.10 -29.40
N GLU C 316 22.18 11.12 -29.54
CA GLU C 316 21.12 11.17 -30.55
C GLU C 316 20.26 12.41 -30.38
N LEU C 317 19.93 12.70 -29.15
CA LEU C 317 19.08 13.84 -28.83
C LEU C 317 19.60 15.18 -29.29
N GLN C 318 20.88 15.46 -29.03
CA GLN C 318 21.45 16.75 -29.41
C GLN C 318 21.74 16.82 -30.90
N ALA C 319 21.63 15.70 -31.60
CA ALA C 319 21.87 15.68 -33.03
C ALA C 319 20.64 16.29 -33.69
N GLU C 320 19.61 16.56 -32.89
CA GLU C 320 18.35 17.14 -33.36
C GLU C 320 18.15 18.53 -32.78
N ARG C 321 17.43 19.38 -33.51
CA ARG C 321 17.15 20.75 -33.06
C ARG C 321 15.65 20.99 -32.85
N ASN C 322 14.91 19.91 -32.61
CA ASN C 322 13.46 19.99 -32.39
C ASN C 322 13.11 20.09 -30.90
N PHE C 323 13.74 21.03 -30.20
CA PHE C 323 13.46 21.21 -28.77
C PHE C 323 13.57 22.66 -28.33
N HIS C 324 12.89 22.99 -27.24
CA HIS C 324 12.90 24.33 -26.64
C HIS C 324 14.34 24.64 -26.20
N THR C 325 15.00 25.56 -26.90
CA THR C 325 16.39 25.92 -26.57
C THR C 325 16.48 27.20 -25.76
N VAL C 326 17.32 27.18 -24.74
CA VAL C 326 17.50 28.34 -23.87
C VAL C 326 18.98 28.66 -23.70
N PRO C 327 19.30 29.88 -23.21
CA PRO C 327 20.70 30.27 -23.02
C PRO C 327 21.35 29.26 -22.09
N TYR C 328 22.44 28.65 -22.53
CA TYR C 328 23.12 27.62 -21.76
C TYR C 328 24.60 27.97 -21.55
N MET C 329 25.04 27.95 -20.30
CA MET C 329 26.45 28.25 -20.01
C MET C 329 27.15 26.95 -19.61
N VAL C 330 28.19 26.59 -20.36
CA VAL C 330 28.92 25.37 -20.08
C VAL C 330 30.39 25.67 -19.73
N GLY C 331 30.80 25.32 -18.52
CA GLY C 331 32.18 25.58 -18.13
C GLY C 331 32.92 24.41 -17.52
N ILE C 332 34.24 24.55 -17.39
CA ILE C 332 35.11 23.54 -16.83
C ILE C 332 36.21 24.22 -16.04
N ASN C 333 37.02 23.44 -15.34
CA ASN C 333 38.10 24.02 -14.57
C ASN C 333 39.44 23.54 -15.12
N LYS C 334 40.47 24.35 -14.95
CA LYS C 334 41.82 24.05 -15.45
C LYS C 334 42.26 22.61 -15.24
N GLN C 335 42.20 22.16 -13.99
CA GLN C 335 42.62 20.81 -13.63
C GLN C 335 41.49 20.06 -12.91
N GLU C 336 40.56 19.50 -13.68
CA GLU C 336 39.44 18.77 -13.10
C GLU C 336 39.92 17.57 -12.29
N PHE C 337 40.93 16.88 -12.82
CA PHE C 337 41.48 15.72 -12.14
C PHE C 337 42.73 16.07 -11.35
N GLY C 338 42.85 17.33 -10.95
CA GLY C 338 44.00 17.79 -10.20
C GLY C 338 44.32 17.08 -8.89
N TRP C 339 43.32 16.93 -8.03
CA TRP C 339 43.54 16.28 -6.74
C TRP C 339 42.27 15.70 -6.12
N LEU C 340 41.25 16.56 -5.95
CA LEU C 340 39.98 16.17 -5.35
C LEU C 340 39.46 14.82 -5.78
N ILE C 341 39.17 14.66 -7.05
CA ILE C 341 38.65 13.41 -7.58
C ILE C 341 39.56 12.20 -7.33
N PRO C 342 40.80 12.23 -7.82
CA PRO C 342 41.70 11.09 -7.61
C PRO C 342 41.79 10.69 -6.13
N MET C 343 41.99 11.69 -5.27
CA MET C 343 42.09 11.46 -3.83
C MET C 343 40.86 10.76 -3.26
N LEU C 344 39.68 11.16 -3.74
CA LEU C 344 38.44 10.57 -3.27
C LEU C 344 38.21 9.17 -3.82
N MET C 345 38.77 8.81 -4.96
CA MET C 345 38.55 7.46 -5.44
C MET C 345 39.64 6.51 -4.97
N SER C 346 40.65 7.09 -4.33
CA SER C 346 41.79 6.32 -3.83
C SER C 346 42.65 5.93 -5.02
N TYR C 347 43.00 6.92 -5.82
CA TYR C 347 43.83 6.69 -7.00
C TYR C 347 45.25 6.34 -6.60
N PRO C 348 45.80 5.28 -7.21
CA PRO C 348 47.15 4.75 -7.01
C PRO C 348 48.29 5.73 -7.30
N LEU C 349 47.97 6.91 -7.82
CA LEU C 349 48.99 7.89 -8.13
C LEU C 349 49.61 8.60 -6.93
N SER C 350 49.79 7.88 -5.82
CA SER C 350 50.39 8.46 -4.62
C SER C 350 51.92 8.39 -4.65
N GLU C 351 52.46 8.28 -5.86
CA GLU C 351 53.91 8.20 -6.06
C GLU C 351 54.47 9.51 -6.58
N GLY C 352 53.60 10.38 -7.06
CA GLY C 352 54.04 11.67 -7.59
C GLY C 352 54.81 11.55 -8.89
N GLN C 353 54.56 10.46 -9.62
CA GLN C 353 55.23 10.23 -10.90
C GLN C 353 54.73 8.94 -11.55
N LEU C 354 54.88 8.84 -12.87
CA LEU C 354 54.44 7.66 -13.60
C LEU C 354 55.19 7.50 -14.92
N ASP C 355 55.00 6.35 -15.56
CA ASP C 355 55.66 6.04 -16.83
C ASP C 355 54.67 5.50 -17.87
N GLN C 356 55.05 5.62 -19.14
CA GLN C 356 54.24 5.16 -20.26
C GLN C 356 53.62 3.76 -20.07
N LYS C 357 54.35 2.86 -19.41
CA LYS C 357 53.84 1.51 -19.19
C LYS C 357 52.83 1.42 -18.07
N THR C 358 53.15 2.04 -16.93
CA THR C 358 52.22 2.01 -15.80
C THR C 358 50.97 2.83 -16.13
N ALA C 359 51.11 3.75 -17.09
CA ALA C 359 50.01 4.63 -17.52
C ALA C 359 48.90 3.85 -18.24
N MET C 360 49.27 3.11 -19.28
CA MET C 360 48.30 2.34 -20.03
C MET C 360 47.57 1.37 -19.12
N SER C 361 48.29 0.83 -18.14
CA SER C 361 47.71 -0.10 -17.18
C SER C 361 46.66 0.62 -16.33
N LEU C 362 47.03 1.81 -15.85
CA LEU C 362 46.14 2.61 -15.03
C LEU C 362 44.93 3.08 -15.82
N LEU C 363 45.18 3.54 -17.04
CA LEU C 363 44.09 4.03 -17.90
C LEU C 363 43.09 2.91 -18.16
N TRP C 364 43.60 1.71 -18.39
CA TRP C 364 42.75 0.55 -18.64
C TRP C 364 41.85 0.22 -17.44
N LYS C 365 42.43 0.23 -16.24
CA LYS C 365 41.66 -0.05 -15.02
C LYS C 365 40.68 1.09 -14.79
N SER C 366 40.92 2.20 -15.49
CA SER C 366 40.08 3.39 -15.40
C SER C 366 38.95 3.33 -16.42
N TYR C 367 38.82 2.18 -17.08
CA TYR C 367 37.79 1.97 -18.08
C TYR C 367 36.38 2.39 -17.64
N PRO C 368 36.00 2.10 -16.37
CA PRO C 368 34.66 2.50 -15.93
C PRO C 368 34.49 4.02 -15.81
N LEU C 369 35.60 4.74 -15.85
CA LEU C 369 35.58 6.20 -15.74
C LEU C 369 35.93 6.92 -17.02
N VAL C 370 36.50 6.22 -18.00
CA VAL C 370 36.88 6.82 -19.28
C VAL C 370 36.29 6.08 -20.47
N CYS C 371 35.97 4.81 -20.26
CA CYS C 371 35.43 3.90 -21.28
C CYS C 371 36.25 3.93 -22.57
N ILE C 372 37.53 3.63 -22.45
CA ILE C 372 38.41 3.59 -23.61
C ILE C 372 38.80 2.14 -23.88
N ALA C 373 38.70 1.71 -25.13
CA ALA C 373 39.06 0.35 -25.53
C ALA C 373 40.55 0.16 -25.27
N LYS C 374 40.95 -1.07 -24.94
CA LYS C 374 42.37 -1.33 -24.66
C LYS C 374 43.22 -1.32 -25.92
N GLU C 375 42.57 -1.16 -27.07
CA GLU C 375 43.26 -1.12 -28.36
C GLU C 375 43.65 0.29 -28.73
N LEU C 376 43.07 1.26 -28.03
CA LEU C 376 43.35 2.66 -28.27
C LEU C 376 44.25 3.23 -27.18
N ILE C 377 44.12 2.68 -25.97
CA ILE C 377 44.91 3.10 -24.81
C ILE C 377 46.35 3.49 -25.17
N PRO C 378 47.07 2.60 -25.89
CA PRO C 378 48.46 2.90 -26.26
C PRO C 378 48.55 4.20 -27.07
N GLU C 379 47.67 4.33 -28.06
CA GLU C 379 47.66 5.51 -28.90
C GLU C 379 47.33 6.77 -28.11
N ALA C 380 46.35 6.66 -27.22
CA ALA C 380 45.94 7.79 -26.39
C ALA C 380 47.07 8.19 -25.43
N THR C 381 47.66 7.20 -24.78
CA THR C 381 48.75 7.42 -23.85
C THR C 381 49.91 8.12 -24.54
N GLU C 382 50.12 7.77 -25.80
CA GLU C 382 51.20 8.34 -26.59
C GLU C 382 51.05 9.83 -26.84
N LYS C 383 49.88 10.24 -27.33
CA LYS C 383 49.63 11.65 -27.63
C LYS C 383 49.77 12.58 -26.41
N TYR C 384 49.52 12.06 -25.21
CA TYR C 384 49.62 12.87 -24.00
C TYR C 384 50.94 12.74 -23.24
N LEU C 385 51.43 11.51 -23.13
CA LEU C 385 52.68 11.26 -22.39
C LEU C 385 53.98 11.29 -23.22
N GLY C 386 53.90 10.90 -24.49
CA GLY C 386 55.07 10.88 -25.34
C GLY C 386 55.77 12.23 -25.45
N GLY C 387 55.21 13.25 -24.80
CA GLY C 387 55.80 14.58 -24.85
C GLY C 387 57.17 14.70 -24.22
N THR C 388 57.23 14.60 -22.90
CA THR C 388 58.51 14.71 -22.19
C THR C 388 58.91 13.36 -21.60
N ASP C 389 60.04 13.32 -20.91
CA ASP C 389 60.56 12.11 -20.29
C ASP C 389 60.41 12.22 -18.77
N ASP C 390 60.20 13.44 -18.30
CA ASP C 390 60.02 13.73 -16.87
C ASP C 390 58.84 12.91 -16.35
N THR C 391 59.13 11.83 -15.62
CA THR C 391 58.09 10.96 -15.09
C THR C 391 57.01 11.72 -14.33
N VAL C 392 57.38 12.87 -13.78
CA VAL C 392 56.43 13.70 -13.05
C VAL C 392 55.48 14.41 -14.02
N LYS C 393 56.03 14.91 -15.12
CA LYS C 393 55.21 15.58 -16.12
C LYS C 393 54.16 14.61 -16.66
N LYS C 394 54.57 13.36 -16.83
CA LYS C 394 53.66 12.32 -17.32
C LYS C 394 52.49 12.13 -16.37
N LYS C 395 52.78 12.08 -15.08
CA LYS C 395 51.72 11.93 -14.08
C LYS C 395 50.72 13.08 -14.25
N ASP C 396 51.23 14.29 -14.43
CA ASP C 396 50.37 15.45 -14.61
C ASP C 396 49.65 15.39 -15.96
N LEU C 397 50.35 14.94 -16.99
CA LEU C 397 49.75 14.84 -18.31
C LEU C 397 48.68 13.75 -18.30
N PHE C 398 48.92 12.69 -17.54
CA PHE C 398 47.97 11.61 -17.44
C PHE C 398 46.67 12.12 -16.85
N LEU C 399 46.78 12.99 -15.85
CA LEU C 399 45.61 13.57 -15.22
C LEU C 399 44.85 14.37 -16.27
N ASP C 400 45.54 15.29 -16.96
CA ASP C 400 44.90 16.10 -17.98
C ASP C 400 44.17 15.19 -18.97
N LEU C 401 44.76 14.02 -19.22
CA LEU C 401 44.19 13.05 -20.15
C LEU C 401 42.75 12.75 -19.74
N ILE C 402 42.59 12.27 -18.50
CA ILE C 402 41.28 11.94 -17.97
C ILE C 402 40.40 13.16 -17.87
N ALA C 403 40.97 14.28 -17.44
CA ALA C 403 40.21 15.52 -17.30
C ALA C 403 39.60 15.95 -18.61
N ASP C 404 40.25 15.61 -19.72
CA ASP C 404 39.71 15.98 -21.01
C ASP C 404 38.60 15.06 -21.48
N VAL C 405 38.74 13.77 -21.19
CA VAL C 405 37.73 12.82 -21.61
C VAL C 405 36.47 12.92 -20.79
N MET C 406 36.62 13.20 -19.50
CA MET C 406 35.45 13.27 -18.63
C MET C 406 34.67 14.56 -18.71
N PHE C 407 35.36 15.69 -18.77
CA PHE C 407 34.66 16.97 -18.82
C PHE C 407 35.05 17.79 -20.03
N GLY C 408 36.35 17.97 -20.19
CA GLY C 408 36.90 18.76 -21.28
C GLY C 408 36.20 18.67 -22.62
N VAL C 409 36.38 17.54 -23.30
CA VAL C 409 35.78 17.36 -24.62
C VAL C 409 34.25 17.35 -24.59
N PRO C 410 33.64 16.55 -23.71
CA PRO C 410 32.17 16.50 -23.61
C PRO C 410 31.56 17.90 -23.54
N SER C 411 32.02 18.68 -22.59
CA SER C 411 31.54 20.03 -22.41
C SER C 411 31.55 20.81 -23.72
N VAL C 412 32.72 20.92 -24.35
CA VAL C 412 32.83 21.66 -25.59
C VAL C 412 31.92 21.11 -26.67
N ILE C 413 31.85 19.80 -26.78
CA ILE C 413 30.98 19.21 -27.79
C ILE C 413 29.54 19.66 -27.51
N VAL C 414 29.12 19.52 -26.25
CA VAL C 414 27.77 19.93 -25.89
C VAL C 414 27.55 21.37 -26.31
N ALA C 415 28.46 22.25 -25.88
CA ALA C 415 28.36 23.67 -26.18
C ALA C 415 28.21 23.96 -27.67
N ARG C 416 28.99 23.25 -28.48
CA ARG C 416 28.93 23.44 -29.92
C ARG C 416 27.55 23.08 -30.46
N ASN C 417 27.08 21.88 -30.12
CA ASN C 417 25.76 21.43 -30.55
C ASN C 417 24.71 22.47 -30.17
N HIS C 418 24.73 22.91 -28.92
CA HIS C 418 23.78 23.91 -28.45
C HIS C 418 23.86 25.18 -29.30
N ARG C 419 25.09 25.61 -29.58
CA ARG C 419 25.30 26.78 -30.40
C ARG C 419 24.65 26.51 -31.76
N ASP C 420 25.05 25.40 -32.39
CA ASP C 420 24.54 25.03 -33.70
C ASP C 420 23.01 24.83 -33.75
N ALA C 421 22.43 24.47 -32.61
CA ALA C 421 20.98 24.27 -32.56
C ALA C 421 20.35 25.66 -32.64
N GLY C 422 21.21 26.68 -32.63
CA GLY C 422 20.75 28.05 -32.71
C GLY C 422 20.30 28.62 -31.38
N ALA C 423 21.12 28.46 -30.36
CA ALA C 423 20.77 28.97 -29.04
C ALA C 423 21.95 29.64 -28.36
N PRO C 424 21.70 30.73 -27.62
CA PRO C 424 22.76 31.45 -26.92
C PRO C 424 23.59 30.46 -26.14
N THR C 425 24.89 30.43 -26.40
CA THR C 425 25.77 29.51 -25.70
C THR C 425 26.95 30.30 -25.14
N TYR C 426 27.43 29.92 -23.97
CA TYR C 426 28.56 30.60 -23.37
C TYR C 426 29.45 29.60 -22.67
N MET C 427 30.76 29.75 -22.80
CA MET C 427 31.69 28.84 -22.15
C MET C 427 32.69 29.59 -21.30
N TYR C 428 33.36 28.88 -20.41
CA TYR C 428 34.36 29.49 -19.55
C TYR C 428 35.30 28.43 -19.01
N GLU C 429 36.46 28.88 -18.58
CA GLU C 429 37.44 27.98 -17.97
C GLU C 429 37.94 28.66 -16.71
N PHE C 430 37.57 28.12 -15.56
CA PHE C 430 37.96 28.68 -14.27
C PHE C 430 39.30 28.20 -13.82
N GLN C 431 40.29 29.09 -13.79
CA GLN C 431 41.62 28.72 -13.36
C GLN C 431 42.01 29.59 -12.17
N TYR C 432 41.89 29.02 -10.97
CA TYR C 432 42.22 29.71 -9.75
C TYR C 432 42.30 28.70 -8.62
N ARG C 433 43.10 29.00 -7.60
CA ARG C 433 43.21 28.09 -6.47
C ARG C 433 42.65 28.79 -5.23
N PRO C 434 41.43 28.42 -4.84
CA PRO C 434 40.86 29.06 -3.65
C PRO C 434 41.66 28.82 -2.38
N SER C 435 41.68 29.82 -1.51
CA SER C 435 42.41 29.73 -0.26
C SER C 435 41.73 28.77 0.70
N PHE C 436 40.51 28.38 0.34
CA PHE C 436 39.75 27.48 1.18
C PHE C 436 40.08 26.02 0.86
N SER C 437 40.98 25.82 -0.10
CA SER C 437 41.39 24.47 -0.48
C SER C 437 41.82 23.69 0.76
N SER C 438 41.69 22.37 0.69
CA SER C 438 42.10 21.51 1.80
C SER C 438 43.60 21.65 2.01
N ASP C 439 44.10 21.21 3.16
CA ASP C 439 45.54 21.28 3.43
C ASP C 439 46.28 20.27 2.59
N MET C 440 45.72 19.07 2.50
CA MET C 440 46.31 17.97 1.74
C MET C 440 46.35 18.20 0.22
N LYS C 441 45.98 19.41 -0.21
CA LYS C 441 45.97 19.75 -1.62
C LYS C 441 47.22 20.56 -1.93
N PRO C 442 48.05 20.08 -2.88
CA PRO C 442 49.30 20.78 -3.26
C PRO C 442 49.01 22.16 -3.84
N LYS C 443 49.88 23.13 -3.53
CA LYS C 443 49.71 24.50 -3.99
C LYS C 443 49.87 24.69 -5.49
N THR C 444 50.28 23.64 -6.18
CA THR C 444 50.46 23.69 -7.63
C THR C 444 49.20 23.30 -8.39
N VAL C 445 48.19 22.86 -7.67
CA VAL C 445 46.93 22.46 -8.31
C VAL C 445 45.99 23.67 -8.36
N ILE C 446 45.83 24.23 -9.56
CA ILE C 446 44.95 25.39 -9.72
C ILE C 446 43.78 25.00 -10.62
N GLY C 447 42.57 25.40 -10.22
CA GLY C 447 41.41 25.06 -11.02
C GLY C 447 41.04 23.60 -10.89
N ASP C 448 41.08 23.13 -9.64
CA ASP C 448 40.75 21.75 -9.31
C ASP C 448 39.22 21.62 -9.28
N HIS C 449 38.72 20.40 -9.41
CA HIS C 449 37.29 20.12 -9.41
C HIS C 449 36.53 20.83 -8.29
N GLY C 450 35.52 21.61 -8.66
CA GLY C 450 34.73 22.32 -7.66
C GLY C 450 35.31 23.62 -7.13
N ASP C 451 36.51 23.97 -7.55
CA ASP C 451 37.12 25.21 -7.06
C ASP C 451 36.24 26.44 -7.32
N GLU C 452 35.52 26.46 -8.44
CA GLU C 452 34.67 27.60 -8.77
C GLU C 452 33.56 27.78 -7.73
N LEU C 453 33.16 26.68 -7.11
CA LEU C 453 32.09 26.73 -6.12
C LEU C 453 32.26 27.87 -5.12
N PHE C 454 33.49 28.13 -4.69
CA PHE C 454 33.73 29.18 -3.72
C PHE C 454 33.49 30.59 -4.20
N SER C 455 33.74 30.85 -5.48
CA SER C 455 33.51 32.18 -6.01
C SER C 455 32.04 32.32 -6.26
N VAL C 456 31.43 31.28 -6.82
CA VAL C 456 30.02 31.33 -7.14
C VAL C 456 29.11 31.53 -5.95
N PHE C 457 29.39 30.84 -4.86
CA PHE C 457 28.56 31.00 -3.68
C PHE C 457 29.03 32.04 -2.66
N GLY C 458 29.97 32.88 -3.08
CA GLY C 458 30.46 33.93 -2.20
C GLY C 458 31.13 33.44 -0.95
N ALA C 459 31.98 32.43 -1.10
CA ALA C 459 32.72 31.89 0.04
C ALA C 459 33.51 32.98 0.79
N PRO C 460 34.16 33.91 0.06
CA PRO C 460 34.93 34.98 0.70
C PRO C 460 34.14 35.89 1.67
N PHE C 461 32.81 35.88 1.57
CA PHE C 461 31.98 36.71 2.44
C PHE C 461 31.36 35.95 3.60
N LEU C 462 31.68 34.66 3.72
CA LEU C 462 31.14 33.85 4.80
C LEU C 462 32.26 33.19 5.57
N LYS C 463 33.31 32.78 4.85
CA LYS C 463 34.45 32.14 5.50
C LYS C 463 35.43 33.24 5.93
N GLU C 464 36.64 32.85 6.32
CA GLU C 464 37.60 33.84 6.77
C GLU C 464 38.93 33.91 6.02
N GLY C 465 39.59 35.06 6.13
CA GLY C 465 40.87 35.26 5.50
C GLY C 465 40.95 35.20 3.99
N ALA C 466 40.07 35.93 3.31
CA ALA C 466 40.10 35.93 1.86
C ALA C 466 40.87 37.16 1.39
N SER C 467 41.92 36.95 0.59
CA SER C 467 42.70 38.07 0.08
C SER C 467 41.73 38.97 -0.67
N GLU C 468 42.05 40.25 -0.78
CA GLU C 468 41.17 41.16 -1.49
C GLU C 468 40.95 40.62 -2.89
N GLU C 469 41.99 40.00 -3.44
CA GLU C 469 41.95 39.43 -4.78
C GLU C 469 40.85 38.38 -4.93
N GLU C 470 40.77 37.48 -3.94
CA GLU C 470 39.78 36.42 -3.94
C GLU C 470 38.40 37.02 -3.79
N ILE C 471 38.28 37.98 -2.88
CA ILE C 471 37.01 38.64 -2.63
C ILE C 471 36.47 39.28 -3.89
N ARG C 472 37.36 39.90 -4.64
CA ARG C 472 36.99 40.58 -5.88
C ARG C 472 36.60 39.56 -6.94
N LEU C 473 37.38 38.47 -7.00
CA LEU C 473 37.10 37.42 -7.97
C LEU C 473 35.68 36.95 -7.76
N SER C 474 35.35 36.63 -6.52
CA SER C 474 34.02 36.15 -6.16
C SER C 474 32.93 37.13 -6.59
N LYS C 475 33.12 38.40 -6.25
CA LYS C 475 32.15 39.43 -6.62
C LYS C 475 31.88 39.41 -8.12
N MET C 476 32.96 39.26 -8.89
CA MET C 476 32.91 39.22 -10.35
C MET C 476 32.07 38.04 -10.86
N VAL C 477 32.39 36.84 -10.39
CA VAL C 477 31.68 35.65 -10.81
C VAL C 477 30.17 35.72 -10.51
N MET C 478 29.84 36.12 -9.30
CA MET C 478 28.45 36.20 -8.92
C MET C 478 27.70 37.13 -9.89
N LYS C 479 28.32 38.26 -10.23
CA LYS C 479 27.73 39.22 -11.17
C LYS C 479 27.46 38.52 -12.49
N PHE C 480 28.49 37.92 -13.08
CA PHE C 480 28.33 37.22 -14.34
C PHE C 480 27.16 36.24 -14.26
N TRP C 481 27.20 35.37 -13.26
CA TRP C 481 26.16 34.36 -13.06
C TRP C 481 24.78 35.05 -12.97
N ALA C 482 24.63 35.90 -11.97
CA ALA C 482 23.37 36.60 -11.78
C ALA C 482 22.92 37.30 -13.06
N ASN C 483 23.85 37.99 -13.73
CA ASN C 483 23.50 38.67 -14.96
C ASN C 483 22.90 37.70 -15.97
N PHE C 484 23.55 36.55 -16.11
CA PHE C 484 23.08 35.55 -17.03
C PHE C 484 21.65 35.20 -16.62
N ALA C 485 21.47 34.85 -15.35
CA ALA C 485 20.15 34.50 -14.83
C ALA C 485 19.11 35.55 -15.19
N ARG C 486 19.56 36.80 -15.32
CA ARG C 486 18.66 37.89 -15.65
C ARG C 486 18.38 37.97 -17.13
N ASN C 487 19.43 38.19 -17.92
CA ASN C 487 19.28 38.36 -19.35
C ASN C 487 19.72 37.23 -20.26
N GLY C 488 20.22 36.15 -19.68
CA GLY C 488 20.68 35.07 -20.52
C GLY C 488 21.93 35.55 -21.21
N ASN C 489 22.62 36.47 -20.54
CA ASN C 489 23.86 37.05 -21.04
C ASN C 489 24.62 37.56 -19.84
N PRO C 490 25.82 37.01 -19.60
CA PRO C 490 26.67 37.39 -18.46
C PRO C 490 27.15 38.83 -18.42
N ASN C 491 27.38 39.40 -19.60
CA ASN C 491 27.88 40.76 -19.71
C ASN C 491 27.12 41.84 -18.95
N GLY C 492 27.84 42.92 -18.65
CA GLY C 492 27.28 44.02 -17.91
C GLY C 492 28.40 45.00 -17.60
N GLU C 493 28.05 46.21 -17.19
CA GLU C 493 29.04 47.23 -16.89
C GLU C 493 29.88 46.83 -15.68
N GLY C 494 31.19 47.05 -15.79
CA GLY C 494 32.10 46.73 -14.71
C GLY C 494 32.75 45.37 -14.84
N LEU C 495 32.26 44.56 -15.78
CA LEU C 495 32.82 43.23 -15.96
C LEU C 495 33.48 43.07 -17.32
N PRO C 496 34.61 42.35 -17.37
CA PRO C 496 35.31 42.13 -18.64
C PRO C 496 34.30 41.69 -19.68
N HIS C 497 34.62 41.77 -20.95
CA HIS C 497 33.66 41.36 -21.96
C HIS C 497 33.72 39.86 -22.13
N TRP C 498 32.56 39.22 -22.09
CA TRP C 498 32.47 37.79 -22.26
C TRP C 498 31.86 37.51 -23.63
N PRO C 499 32.67 37.00 -24.55
CA PRO C 499 32.23 36.70 -25.90
C PRO C 499 31.29 35.51 -25.89
N GLU C 500 30.25 35.56 -26.71
CA GLU C 500 29.32 34.44 -26.78
C GLU C 500 30.01 33.33 -27.54
N TYR C 501 29.73 32.08 -27.19
CA TYR C 501 30.32 30.95 -27.86
C TYR C 501 29.60 30.77 -29.20
N ASN C 502 30.15 31.37 -30.25
CA ASN C 502 29.58 31.28 -31.58
C ASN C 502 30.56 30.53 -32.45
N GLN C 503 30.60 30.88 -33.74
CA GLN C 503 31.50 30.21 -34.68
C GLN C 503 33.00 30.41 -34.38
N LYS C 504 33.35 31.55 -33.80
CA LYS C 504 34.74 31.84 -33.46
C LYS C 504 35.13 31.04 -32.22
N GLU C 505 34.11 30.51 -31.54
CA GLU C 505 34.30 29.72 -30.33
C GLU C 505 35.03 30.49 -29.25
N GLY C 506 34.47 31.63 -28.87
CA GLY C 506 35.09 32.43 -27.83
C GLY C 506 34.55 32.01 -26.48
N TYR C 507 35.41 32.06 -25.48
CA TYR C 507 35.02 31.70 -24.13
C TYR C 507 35.77 32.60 -23.15
N LEU C 508 35.32 32.63 -21.90
CA LEU C 508 35.96 33.46 -20.92
C LEU C 508 36.86 32.66 -19.97
N GLN C 509 38.07 33.17 -19.75
CA GLN C 509 39.01 32.54 -18.83
C GLN C 509 38.88 33.28 -17.52
N ILE C 510 38.30 32.64 -16.51
CA ILE C 510 38.12 33.29 -15.24
C ILE C 510 39.25 32.94 -14.29
N GLY C 511 39.71 33.94 -13.55
CA GLY C 511 40.79 33.71 -12.61
C GLY C 511 41.43 35.03 -12.21
N ALA C 512 42.69 34.98 -11.75
CA ALA C 512 43.39 36.20 -11.35
C ALA C 512 43.30 37.21 -12.49
N ASN C 513 43.61 36.77 -13.71
CA ASN C 513 43.53 37.64 -14.89
C ASN C 513 42.39 37.14 -15.76
N THR C 514 41.22 37.73 -15.61
CA THR C 514 40.08 37.29 -16.39
C THR C 514 40.00 38.01 -17.74
N GLN C 515 40.19 37.26 -18.82
CA GLN C 515 40.12 37.81 -20.16
C GLN C 515 39.60 36.75 -21.14
N ALA C 516 39.02 37.20 -22.25
CA ALA C 516 38.48 36.27 -23.24
C ALA C 516 39.56 35.42 -23.92
N ALA C 517 39.13 34.44 -24.72
CA ALA C 517 40.02 33.55 -25.45
C ALA C 517 39.22 32.84 -26.56
N GLN C 518 39.82 31.85 -27.24
CA GLN C 518 39.11 31.14 -28.30
C GLN C 518 39.43 29.68 -28.45
N LYS C 519 38.57 28.97 -29.17
CA LYS C 519 38.73 27.55 -29.43
C LYS C 519 39.21 26.75 -28.22
N LEU C 520 38.39 26.69 -27.18
CA LEU C 520 38.74 25.94 -25.99
C LEU C 520 38.82 24.46 -26.30
N LYS C 521 39.87 23.81 -25.84
CA LYS C 521 40.07 22.37 -26.05
C LYS C 521 39.81 21.91 -27.46
N ASP C 522 39.99 22.81 -28.42
CA ASP C 522 39.75 22.49 -29.82
C ASP C 522 40.61 21.35 -30.33
N LYS C 523 41.91 21.41 -30.07
CA LYS C 523 42.81 20.37 -30.52
C LYS C 523 42.36 19.01 -29.96
N GLU C 524 42.13 18.97 -28.65
CA GLU C 524 41.71 17.76 -27.96
C GLU C 524 40.45 17.14 -28.56
N VAL C 525 39.36 17.90 -28.59
CA VAL C 525 38.09 17.43 -29.16
C VAL C 525 38.36 16.75 -30.50
N ALA C 526 38.96 17.51 -31.41
CA ALA C 526 39.29 17.00 -32.73
C ALA C 526 39.96 15.63 -32.64
N PHE C 527 40.99 15.56 -31.81
CA PHE C 527 41.74 14.31 -31.61
C PHE C 527 40.89 13.15 -31.15
N TRP C 528 40.45 13.23 -29.89
CA TRP C 528 39.63 12.19 -29.30
C TRP C 528 38.47 11.73 -30.17
N THR C 529 37.86 12.65 -30.90
CA THR C 529 36.75 12.27 -31.77
C THR C 529 37.17 11.17 -32.74
N ASN C 530 38.36 11.30 -33.33
CA ASN C 530 38.85 10.30 -34.28
C ASN C 530 39.26 9.02 -33.58
N LEU C 531 40.06 9.15 -32.52
CA LEU C 531 40.49 7.99 -31.77
C LEU C 531 39.29 7.15 -31.35
N PHE C 532 38.14 7.79 -31.19
CA PHE C 532 36.92 7.09 -30.79
C PHE C 532 36.17 6.52 -31.99
N ALA C 533 36.47 7.05 -33.18
CA ALA C 533 35.84 6.55 -34.39
C ALA C 533 36.55 5.25 -34.80
N LYS C 534 37.39 4.75 -33.89
CA LYS C 534 38.14 3.52 -34.09
C LYS C 534 38.82 3.48 -35.45
#